data_2GLF
#
_entry.id   2GLF
#
_cell.length_a   191.225
_cell.length_b   191.225
_cell.length_c   191.225
_cell.angle_alpha   90.00
_cell.angle_beta   90.00
_cell.angle_gamma   90.00
#
_symmetry.space_group_name_H-M   'P 21 3'
#
loop_
_entity.id
_entity.type
_entity.pdbx_description
1 polymer 'Probable M18-family aminopeptidase 1'
2 non-polymer 'MANGANESE (II) ION'
3 water water
#
_entity_poly.entity_id   1
_entity_poly.type   'polypeptide(L)'
_entity_poly.pdbx_seq_one_letter_code
;K(MSE)ERKNVWHHRKKEEIEAFSKEY(MSE)EF(MSE)SKAKTER(MSE)TVKEIKRILDESGFVPLEDFAGDP(MSE)
N(MSE)TVYAVNRGKAIAAFRVVDDLKRGLNLVVAHIDSPRLDFKPNPLIEDEQIALFKTHYYGGIKKYHWLSIPLEIHG
VLFKNDGTEIEIHIGDKPEDPVFTIPDLLPHLDKEDAKISEKFKGENL(MSE)LIAGTIPLSGEEKEAVKTNVLKILNE
(MSE)YGITEEDFVSGEIEVVPAFSPREVG(MSE)DRSLIGAYGQDDRICAYTALRALLSANPEKSIGVIFFDKEEIGSD
GNTGAKARFYLKALRQILK(MSE)QGAKDSEFVLDEVLENTSVISGDVCAAVNPPYKDVHDLHNAPKLGYGVALVKYTGA
RGKYSTNDAHAEFVARVRKVLNEQGVIWQVATLGKVDQGGGGTIAKFFAERGSDVID(MSE)GPALLG(MSE)HSPFEIS
SKADLFETYVAYRSL(MSE)EKL
;
_entity_poly.pdbx_strand_id   A,B,C,D
#
# COMPACT_ATOMS: atom_id res chain seq x y z
N LYS A 1 -46.98 -23.75 13.93
CA LYS A 1 -46.35 -22.53 14.52
C LYS A 1 -45.97 -21.52 13.42
N GLU A 3 -44.22 -19.37 10.94
CA GLU A 3 -42.93 -19.52 10.28
C GLU A 3 -43.01 -18.99 8.84
N ARG A 4 -42.17 -18.02 8.51
CA ARG A 4 -42.17 -17.41 7.17
C ARG A 4 -41.82 -18.37 6.03
N LYS A 5 -42.31 -18.05 4.84
CA LYS A 5 -42.05 -18.88 3.66
C LYS A 5 -41.15 -18.16 2.68
N ASN A 6 -40.43 -18.93 1.86
CA ASN A 6 -39.56 -18.34 0.85
C ASN A 6 -40.26 -18.39 -0.50
N VAL A 7 -40.46 -17.22 -1.09
CA VAL A 7 -41.12 -17.13 -2.37
C VAL A 7 -40.56 -18.10 -3.41
N TRP A 8 -39.24 -18.27 -3.47
CA TRP A 8 -38.64 -19.18 -4.45
C TRP A 8 -39.17 -20.60 -4.37
N HIS A 9 -39.69 -20.99 -3.19
CA HIS A 9 -40.22 -22.32 -3.00
C HIS A 9 -41.74 -22.40 -3.22
N HIS A 10 -42.34 -21.30 -3.67
CA HIS A 10 -43.78 -21.28 -3.89
C HIS A 10 -44.23 -20.53 -5.14
N ARG A 11 -43.32 -20.05 -5.96
CA ARG A 11 -43.78 -19.29 -7.12
C ARG A 11 -43.42 -19.66 -8.55
N LYS A 12 -42.41 -20.49 -8.76
CA LYS A 12 -42.07 -20.89 -10.14
C LYS A 12 -41.10 -19.96 -10.89
N LYS A 13 -39.85 -20.42 -10.96
CA LYS A 13 -38.76 -19.70 -11.61
C LYS A 13 -39.15 -18.98 -12.90
N GLU A 14 -39.68 -19.74 -13.87
CA GLU A 14 -40.06 -19.17 -15.15
C GLU A 14 -40.90 -17.89 -15.06
N GLU A 15 -41.86 -17.84 -14.15
CA GLU A 15 -42.69 -16.65 -14.03
C GLU A 15 -41.92 -15.48 -13.42
N ILE A 16 -41.03 -15.77 -12.47
CA ILE A 16 -40.24 -14.75 -11.81
C ILE A 16 -39.23 -14.16 -12.79
N GLU A 17 -38.47 -15.03 -13.46
CA GLU A 17 -37.49 -14.59 -14.44
C GLU A 17 -38.12 -13.69 -15.50
N ALA A 18 -39.22 -14.17 -16.07
CA ALA A 18 -39.92 -13.41 -17.11
C ALA A 18 -40.30 -12.04 -16.59
N PHE A 19 -40.93 -12.02 -15.42
CA PHE A 19 -41.38 -10.77 -14.81
C PHE A 19 -40.25 -9.83 -14.44
N SER A 20 -39.10 -10.38 -14.06
CA SER A 20 -37.96 -9.55 -13.69
C SER A 20 -37.35 -8.96 -14.95
N LYS A 21 -37.40 -9.73 -16.04
CA LYS A 21 -36.87 -9.25 -17.30
C LYS A 21 -37.70 -8.07 -17.78
N GLU A 22 -39.01 -8.13 -17.54
CA GLU A 22 -39.92 -7.08 -17.95
C GLU A 22 -39.71 -5.83 -17.09
N TYR A 23 -39.44 -6.06 -15.80
CA TYR A 23 -39.20 -4.98 -14.84
C TYR A 23 -37.93 -4.23 -15.21
N GLU A 25 -36.42 -3.90 -18.07
CA GLU A 25 -36.54 -3.10 -19.30
C GLU A 25 -37.10 -1.72 -18.92
N PHE A 26 -38.22 -1.74 -18.22
CA PHE A 26 -38.87 -0.52 -17.77
C PHE A 26 -37.85 0.34 -17.01
N SER A 28 -34.61 0.47 -17.20
CA SER A 28 -33.54 1.07 -17.99
C SER A 28 -34.06 2.33 -18.69
N LYS A 29 -35.37 2.54 -18.65
CA LYS A 29 -35.96 3.70 -19.31
C LYS A 29 -36.48 4.75 -18.33
N ALA A 30 -36.63 4.36 -17.06
CA ALA A 30 -37.15 5.28 -16.05
C ALA A 30 -36.12 5.73 -15.00
N LYS A 31 -35.23 6.65 -15.37
CA LYS A 31 -34.21 7.15 -14.44
C LYS A 31 -34.68 8.40 -13.72
N THR A 32 -35.54 9.16 -14.39
CA THR A 32 -36.05 10.40 -13.81
C THR A 32 -37.57 10.33 -13.78
N GLU A 33 -38.20 11.19 -12.99
CA GLU A 33 -39.66 11.17 -12.88
C GLU A 33 -40.34 11.55 -14.19
N ARG A 34 -39.73 12.45 -14.96
CA ARG A 34 -40.32 12.84 -16.23
C ARG A 34 -40.26 11.67 -17.19
N THR A 36 -40.16 8.34 -16.22
CA THR A 36 -41.03 7.27 -15.76
C THR A 36 -42.45 7.57 -16.21
N VAL A 37 -42.88 8.82 -16.06
CA VAL A 37 -44.22 9.19 -16.48
C VAL A 37 -44.39 8.84 -17.95
N LYS A 38 -43.46 9.30 -18.79
CA LYS A 38 -43.51 9.04 -20.22
C LYS A 38 -43.66 7.54 -20.50
N GLU A 39 -42.89 6.73 -19.79
CA GLU A 39 -42.91 5.29 -19.97
C GLU A 39 -44.22 4.69 -19.47
N ILE A 40 -44.78 5.26 -18.41
CA ILE A 40 -46.02 4.77 -17.85
C ILE A 40 -47.20 5.15 -18.74
N LYS A 41 -47.14 6.35 -19.30
CA LYS A 41 -48.21 6.80 -20.18
C LYS A 41 -48.24 5.89 -21.41
N ARG A 42 -47.09 5.68 -22.03
CA ARG A 42 -46.98 4.81 -23.19
C ARG A 42 -47.63 3.46 -22.92
N ILE A 43 -47.23 2.84 -21.81
CA ILE A 43 -47.79 1.54 -21.42
C ILE A 43 -49.30 1.67 -21.29
N LEU A 44 -49.75 2.80 -20.74
CA LEU A 44 -51.17 3.04 -20.56
C LEU A 44 -51.87 3.36 -21.89
N ASP A 45 -51.14 3.94 -22.84
CA ASP A 45 -51.76 4.24 -24.12
C ASP A 45 -52.08 2.95 -24.83
N GLU A 46 -51.24 1.93 -24.66
CA GLU A 46 -51.54 0.62 -25.21
C GLU A 46 -52.50 0.20 -24.08
N SER A 47 -52.81 -1.07 -23.91
CA SER A 47 -53.71 -1.43 -22.83
C SER A 47 -55.09 -0.80 -23.00
N GLY A 48 -55.16 0.28 -23.76
CA GLY A 48 -56.41 0.95 -24.02
C GLY A 48 -56.88 2.05 -23.09
N PHE A 49 -55.96 2.81 -22.52
CA PHE A 49 -56.37 3.89 -21.63
C PHE A 49 -56.45 5.19 -22.42
N VAL A 50 -57.22 6.14 -21.91
CA VAL A 50 -57.34 7.46 -22.54
C VAL A 50 -57.35 8.55 -21.49
N PRO A 51 -56.87 9.74 -21.84
CA PRO A 51 -56.82 10.91 -20.95
C PRO A 51 -58.17 11.26 -20.36
N LEU A 52 -58.30 11.25 -19.04
CA LEU A 52 -59.55 11.62 -18.38
C LEU A 52 -60.00 12.93 -19.04
N GLU A 53 -61.30 13.20 -19.01
CA GLU A 53 -61.85 14.42 -19.63
C GLU A 53 -62.00 14.21 -21.14
N ASP A 54 -60.95 13.67 -21.77
CA ASP A 54 -60.97 13.37 -23.19
C ASP A 54 -61.71 12.04 -23.34
N PHE A 55 -62.37 11.63 -22.26
CA PHE A 55 -63.09 10.36 -22.20
C PHE A 55 -64.35 10.16 -23.04
N ALA A 56 -65.51 10.42 -22.44
CA ALA A 56 -66.80 10.24 -23.10
C ALA A 56 -66.99 8.75 -23.39
N GLY A 57 -67.73 8.07 -22.53
CA GLY A 57 -67.95 6.64 -22.75
C GLY A 57 -68.43 5.84 -21.54
N ASP A 58 -69.41 6.37 -20.82
CA ASP A 58 -70.00 5.72 -19.64
C ASP A 58 -69.18 5.87 -18.36
N PRO A 59 -69.54 6.86 -17.54
CA PRO A 59 -68.86 7.15 -16.27
C PRO A 59 -68.74 5.94 -15.35
N ASN A 61 -67.84 2.99 -16.45
CA ASN A 61 -66.76 2.16 -16.93
C ASN A 61 -65.71 2.99 -17.67
N THR A 63 -61.34 3.71 -18.18
CA THR A 63 -59.98 3.21 -18.07
C THR A 63 -59.17 4.46 -18.43
N VAL A 64 -59.19 5.42 -17.51
CA VAL A 64 -58.54 6.71 -17.71
C VAL A 64 -57.28 6.95 -16.92
N TYR A 65 -56.65 8.08 -17.22
CA TYR A 65 -55.44 8.49 -16.53
C TYR A 65 -55.24 9.99 -16.70
N ALA A 66 -54.70 10.62 -15.68
CA ALA A 66 -54.44 12.05 -15.72
C ALA A 66 -52.96 12.27 -15.45
N VAL A 67 -52.31 13.03 -16.32
CA VAL A 67 -50.89 13.36 -16.16
C VAL A 67 -50.89 14.71 -15.50
N ASN A 68 -50.20 14.86 -14.36
CA ASN A 68 -50.17 16.15 -13.69
C ASN A 68 -49.39 17.17 -14.50
N ARG A 69 -48.07 17.21 -14.35
CA ARG A 69 -47.29 18.16 -15.12
C ARG A 69 -46.09 17.46 -15.78
N GLY A 70 -46.31 16.24 -16.21
CA GLY A 70 -45.25 15.47 -16.84
C GLY A 70 -44.36 14.88 -15.77
N LYS A 71 -44.80 14.99 -14.53
CA LYS A 71 -44.04 14.48 -13.39
C LYS A 71 -44.89 13.61 -12.48
N ALA A 72 -46.19 13.61 -12.70
CA ALA A 72 -47.10 12.81 -11.88
C ALA A 72 -48.18 12.27 -12.79
N ILE A 73 -48.74 11.13 -12.43
CA ILE A 73 -49.79 10.56 -13.27
C ILE A 73 -50.65 9.55 -12.51
N ALA A 74 -51.95 9.77 -12.53
CA ALA A 74 -52.89 8.90 -11.86
C ALA A 74 -53.66 8.11 -12.92
N ALA A 75 -53.79 6.80 -12.71
CA ALA A 75 -54.50 5.96 -13.66
C ALA A 75 -55.62 5.22 -12.94
N PHE A 76 -56.83 5.32 -13.47
CA PHE A 76 -57.96 4.64 -12.87
C PHE A 76 -58.61 3.66 -13.82
N ARG A 77 -59.45 2.81 -13.24
CA ARG A 77 -60.22 1.82 -13.95
C ARG A 77 -61.56 1.87 -13.21
N VAL A 78 -62.30 2.95 -13.45
CA VAL A 78 -63.59 3.14 -12.82
C VAL A 78 -64.47 2.02 -13.37
N VAL A 79 -65.09 1.29 -12.46
CA VAL A 79 -65.92 0.16 -12.82
C VAL A 79 -67.28 0.18 -12.14
N ASP A 80 -67.49 1.17 -11.28
CA ASP A 80 -68.76 1.28 -10.58
C ASP A 80 -68.92 2.73 -10.11
N ASP A 81 -69.89 2.96 -9.24
CA ASP A 81 -70.13 4.28 -8.71
C ASP A 81 -68.96 4.59 -7.74
N LEU A 82 -68.25 5.70 -7.95
CA LEU A 82 -67.13 6.03 -7.08
C LEU A 82 -67.53 6.09 -5.62
N LYS A 83 -68.83 6.28 -5.36
CA LYS A 83 -69.29 6.35 -3.98
C LYS A 83 -68.98 5.06 -3.24
N ARG A 84 -68.79 3.97 -3.98
CA ARG A 84 -68.48 2.70 -3.36
C ARG A 84 -67.00 2.65 -3.00
N GLY A 85 -66.29 3.73 -3.29
CA GLY A 85 -64.86 3.82 -3.01
C GLY A 85 -64.06 3.05 -4.02
N LEU A 86 -62.74 3.10 -3.90
CA LEU A 86 -61.90 2.35 -4.83
C LEU A 86 -60.66 1.80 -4.14
N ASN A 87 -60.00 0.87 -4.80
CA ASN A 87 -58.78 0.26 -4.27
C ASN A 87 -57.59 0.89 -4.97
N LEU A 88 -56.94 1.83 -4.30
CA LEU A 88 -55.79 2.50 -4.85
C LEU A 88 -54.49 2.07 -4.21
N VAL A 89 -53.46 1.93 -5.03
CA VAL A 89 -52.14 1.60 -4.54
C VAL A 89 -51.37 2.83 -5.05
N VAL A 90 -50.63 3.49 -4.16
CA VAL A 90 -49.88 4.68 -4.56
C VAL A 90 -48.39 4.56 -4.32
N ALA A 91 -47.62 5.22 -5.18
CA ALA A 91 -46.16 5.21 -5.07
C ALA A 91 -45.57 6.52 -5.59
N HIS A 92 -44.27 6.68 -5.45
CA HIS A 92 -43.59 7.88 -5.94
C HIS A 92 -42.56 7.50 -6.99
N ILE A 93 -42.39 8.37 -7.98
CA ILE A 93 -41.45 8.07 -9.05
C ILE A 93 -40.22 8.98 -9.05
N ASP A 94 -40.05 9.78 -8.00
CA ASP A 94 -38.86 10.61 -7.93
C ASP A 94 -37.83 9.83 -7.10
N SER A 95 -36.54 10.02 -7.37
CA SER A 95 -35.49 9.32 -6.64
C SER A 95 -34.31 10.23 -6.34
N PRO A 96 -33.60 9.96 -5.23
CA PRO A 96 -32.45 10.82 -4.93
C PRO A 96 -31.59 10.97 -6.18
N ARG A 97 -31.08 12.18 -6.40
CA ARG A 97 -30.27 12.46 -7.57
C ARG A 97 -29.46 13.73 -7.33
N LEU A 98 -28.98 14.32 -8.42
CA LEU A 98 -28.25 15.57 -8.39
C LEU A 98 -28.89 16.46 -9.45
N ASP A 99 -29.14 17.72 -9.13
CA ASP A 99 -29.74 18.65 -10.08
C ASP A 99 -28.74 19.72 -10.48
N PHE A 100 -28.66 20.03 -11.76
CA PHE A 100 -27.80 21.10 -12.24
C PHE A 100 -28.35 22.38 -11.59
N LYS A 101 -27.49 23.26 -11.10
CA LYS A 101 -27.96 24.51 -10.53
C LYS A 101 -28.45 25.38 -11.68
N PRO A 102 -29.13 26.50 -11.38
CA PRO A 102 -29.61 27.36 -12.47
C PRO A 102 -28.48 27.80 -13.41
N ASN A 103 -27.34 28.21 -12.85
CA ASN A 103 -26.18 28.58 -13.67
C ASN A 103 -25.12 27.55 -13.32
N PRO A 104 -25.25 26.33 -13.88
CA PRO A 104 -24.33 25.21 -13.64
C PRO A 104 -22.94 25.31 -14.26
N LEU A 105 -22.80 26.01 -15.38
CA LEU A 105 -21.51 26.09 -16.02
C LEU A 105 -20.55 27.15 -15.48
N ILE A 106 -19.42 26.67 -14.96
CA ILE A 106 -18.35 27.53 -14.44
C ILE A 106 -17.05 26.92 -14.92
N GLU A 107 -15.96 27.69 -14.83
CA GLU A 107 -14.65 27.19 -15.21
C GLU A 107 -13.69 27.41 -14.06
N ASP A 108 -12.86 26.41 -13.77
CA ASP A 108 -11.89 26.52 -12.68
C ASP A 108 -10.64 25.71 -13.02
N GLU A 109 -9.48 26.33 -12.84
CA GLU A 109 -8.21 25.68 -13.14
C GLU A 109 -8.25 25.04 -14.54
N GLN A 110 -8.81 25.79 -15.48
CA GLN A 110 -8.92 25.39 -16.87
C GLN A 110 -9.81 24.17 -17.12
N ILE A 111 -10.79 23.98 -16.25
CA ILE A 111 -11.72 22.85 -16.39
C ILE A 111 -13.18 23.30 -16.33
N ALA A 112 -13.94 23.00 -17.39
CA ALA A 112 -15.35 23.36 -17.42
C ALA A 112 -16.06 22.47 -16.42
N LEU A 113 -16.95 23.05 -15.63
CA LEU A 113 -17.66 22.28 -14.60
C LEU A 113 -19.16 22.55 -14.52
N PHE A 114 -19.90 21.54 -14.07
CA PHE A 114 -21.33 21.68 -13.89
C PHE A 114 -21.58 21.57 -12.39
N LYS A 115 -21.98 22.67 -11.77
CA LYS A 115 -22.28 22.64 -10.35
C LYS A 115 -23.66 22.01 -10.17
N THR A 116 -23.82 21.18 -9.16
CA THR A 116 -25.11 20.58 -8.94
C THR A 116 -25.55 20.92 -7.52
N HIS A 117 -26.74 20.47 -7.18
CA HIS A 117 -27.32 20.65 -5.88
C HIS A 117 -28.06 19.32 -5.71
N TYR A 118 -27.66 18.51 -4.73
CA TYR A 118 -28.29 17.21 -4.56
C TYR A 118 -29.76 17.26 -4.12
N TYR A 119 -30.50 16.26 -4.58
CA TYR A 119 -31.92 16.13 -4.30
C TYR A 119 -32.20 14.89 -3.46
N GLY A 120 -32.90 15.07 -2.36
CA GLY A 120 -33.21 13.93 -1.50
C GLY A 120 -32.07 13.47 -0.61
N GLY A 121 -32.26 12.32 0.01
CA GLY A 121 -31.26 11.77 0.91
C GLY A 121 -30.16 10.90 0.34
N ILE A 122 -29.36 11.45 -0.58
CA ILE A 122 -28.24 10.71 -1.16
C ILE A 122 -27.17 10.61 -0.06
N LYS A 123 -26.28 9.63 -0.13
CA LYS A 123 -25.25 9.55 0.89
C LYS A 123 -24.12 10.53 0.60
N LYS A 124 -23.89 10.80 -0.69
CA LYS A 124 -22.89 11.76 -1.12
C LYS A 124 -21.55 11.16 -1.51
N TYR A 125 -20.93 10.40 -0.62
CA TYR A 125 -19.66 9.81 -1.00
C TYR A 125 -19.90 8.74 -2.06
N HIS A 126 -21.17 8.36 -2.24
CA HIS A 126 -21.55 7.38 -3.26
C HIS A 126 -21.32 7.93 -4.66
N TRP A 127 -21.56 9.23 -4.82
CA TRP A 127 -21.48 9.91 -6.10
C TRP A 127 -20.11 10.35 -6.61
N LEU A 128 -19.05 9.93 -5.92
CA LEU A 128 -17.71 10.29 -6.36
C LEU A 128 -17.07 9.14 -7.16
N SER A 129 -16.37 9.50 -8.24
CA SER A 129 -15.71 8.53 -9.12
C SER A 129 -16.63 7.42 -9.57
N ILE A 130 -17.73 7.82 -10.19
CA ILE A 130 -18.75 6.92 -10.70
C ILE A 130 -19.32 7.53 -11.97
N PRO A 131 -19.44 6.73 -13.05
CA PRO A 131 -19.99 7.29 -14.31
C PRO A 131 -21.41 7.81 -14.14
N LEU A 132 -21.66 9.01 -14.66
CA LEU A 132 -22.98 9.62 -14.56
C LEU A 132 -23.60 9.92 -15.92
N GLU A 133 -24.92 10.05 -15.93
CA GLU A 133 -25.70 10.38 -17.11
C GLU A 133 -26.46 11.69 -16.85
N ILE A 134 -26.57 12.54 -17.86
CA ILE A 134 -27.31 13.78 -17.72
C ILE A 134 -28.70 13.56 -18.33
N HIS A 135 -29.74 14.06 -17.67
CA HIS A 135 -31.12 13.90 -18.16
C HIS A 135 -31.99 15.07 -17.77
N GLY A 136 -32.82 15.54 -18.69
CA GLY A 136 -33.68 16.65 -18.36
C GLY A 136 -34.26 17.40 -19.55
N VAL A 137 -34.48 18.71 -19.36
CA VAL A 137 -35.04 19.53 -20.40
C VAL A 137 -34.69 21.02 -20.20
N LEU A 138 -34.60 21.76 -21.30
CA LEU A 138 -34.27 23.19 -21.25
C LEU A 138 -35.19 23.92 -22.24
N PHE A 139 -35.62 25.12 -21.88
CA PHE A 139 -36.47 25.90 -22.78
C PHE A 139 -35.71 27.13 -23.24
N LYS A 140 -35.75 27.40 -24.54
CA LYS A 140 -35.06 28.57 -25.08
C LYS A 140 -35.89 29.78 -24.66
N ASN A 141 -35.38 30.98 -24.92
CA ASN A 141 -36.12 32.17 -24.54
C ASN A 141 -37.39 32.31 -25.37
N ASP A 142 -37.44 31.61 -26.50
CA ASP A 142 -38.60 31.66 -27.39
C ASP A 142 -39.62 30.58 -27.09
N GLY A 143 -39.48 29.91 -25.95
CA GLY A 143 -40.41 28.86 -25.59
C GLY A 143 -40.11 27.48 -26.17
N THR A 144 -39.15 27.39 -27.09
CA THR A 144 -38.78 26.12 -27.69
C THR A 144 -38.22 25.13 -26.66
N GLU A 145 -38.88 23.98 -26.53
CA GLU A 145 -38.47 22.97 -25.58
C GLU A 145 -37.35 22.11 -26.14
N ILE A 146 -36.39 21.75 -25.29
CA ILE A 146 -35.24 20.94 -25.71
C ILE A 146 -34.94 19.82 -24.74
N GLU A 147 -35.01 18.58 -25.21
CA GLU A 147 -34.73 17.43 -24.37
C GLU A 147 -33.23 17.11 -24.31
N ILE A 148 -32.80 16.58 -23.18
CA ILE A 148 -31.40 16.23 -22.97
C ILE A 148 -31.22 14.82 -22.42
N HIS A 149 -30.42 14.03 -23.12
CA HIS A 149 -30.13 12.65 -22.72
C HIS A 149 -28.71 12.31 -23.14
N ILE A 150 -27.75 12.63 -22.28
CA ILE A 150 -26.35 12.35 -22.57
C ILE A 150 -25.81 11.34 -21.57
N GLY A 151 -25.17 10.29 -22.08
CA GLY A 151 -24.61 9.24 -21.24
C GLY A 151 -25.54 8.05 -21.36
N ASP A 152 -26.68 8.32 -21.99
CA ASP A 152 -27.75 7.36 -22.23
C ASP A 152 -27.31 6.16 -23.07
N LYS A 153 -26.88 6.45 -24.30
CA LYS A 153 -26.45 5.44 -25.25
C LYS A 153 -24.94 5.26 -25.20
N PRO A 154 -24.45 4.11 -25.70
CA PRO A 154 -23.02 3.84 -25.70
C PRO A 154 -22.14 4.72 -26.59
N GLU A 155 -22.73 5.37 -27.60
CA GLU A 155 -21.94 6.22 -28.47
C GLU A 155 -21.54 7.53 -27.78
N ASP A 156 -22.48 8.12 -27.04
CA ASP A 156 -22.19 9.37 -26.34
C ASP A 156 -21.40 9.14 -25.05
N PRO A 157 -20.78 10.20 -24.51
CA PRO A 157 -19.99 10.08 -23.28
C PRO A 157 -20.80 10.05 -21.99
N VAL A 158 -20.08 10.00 -20.87
CA VAL A 158 -20.70 10.00 -19.56
C VAL A 158 -19.98 11.10 -18.78
N PHE A 159 -20.38 11.33 -17.54
CA PHE A 159 -19.72 12.35 -16.75
C PHE A 159 -19.22 11.78 -15.43
N THR A 160 -18.52 12.60 -14.64
CA THR A 160 -18.01 12.15 -13.37
C THR A 160 -17.69 13.30 -12.44
N ILE A 161 -17.55 12.93 -11.17
CA ILE A 161 -17.16 13.85 -10.12
C ILE A 161 -16.02 13.03 -9.54
N PRO A 162 -14.80 13.22 -10.06
CA PRO A 162 -13.60 12.51 -9.61
C PRO A 162 -13.22 12.78 -8.16
N ASP A 163 -13.18 11.73 -7.35
CA ASP A 163 -12.83 11.87 -5.94
C ASP A 163 -11.33 12.05 -5.83
N LEU A 164 -10.89 12.80 -4.81
CA LEU A 164 -9.47 13.08 -4.59
C LEU A 164 -8.71 11.79 -4.34
N LEU A 165 -7.56 11.62 -4.99
CA LEU A 165 -6.77 10.40 -4.80
C LEU A 165 -6.41 10.24 -3.33
N PRO A 166 -6.41 8.99 -2.83
CA PRO A 166 -6.08 8.74 -1.43
C PRO A 166 -4.72 9.23 -0.94
N HIS A 167 -3.73 9.22 -1.82
CA HIS A 167 -2.38 9.64 -1.47
C HIS A 167 -2.28 11.05 -0.91
N LEU A 168 -3.14 11.94 -1.37
CA LEU A 168 -3.09 13.33 -0.93
C LEU A 168 -4.26 13.69 -0.03
N ASP A 169 -5.12 12.72 0.26
CA ASP A 169 -6.27 12.94 1.14
C ASP A 169 -5.79 12.63 2.55
N LYS A 170 -5.35 13.66 3.26
CA LYS A 170 -4.82 13.51 4.60
C LYS A 170 -5.76 13.78 5.77
N GLU A 171 -6.88 14.44 5.51
CA GLU A 171 -7.84 14.76 6.57
C GLU A 171 -8.78 13.60 6.89
N ASP A 172 -8.55 12.98 8.04
CA ASP A 172 -9.38 11.87 8.50
C ASP A 172 -10.63 12.38 9.21
N ALA A 173 -11.41 13.20 8.52
CA ALA A 173 -12.62 13.79 9.07
C ALA A 173 -13.81 12.83 9.14
N LYS A 174 -14.88 13.25 9.81
CA LYS A 174 -16.08 12.43 9.94
C LYS A 174 -16.98 12.66 8.74
N ILE A 175 -17.82 11.68 8.42
CA ILE A 175 -18.74 11.76 7.28
C ILE A 175 -19.53 13.05 7.17
N SER A 176 -19.96 13.60 8.30
CA SER A 176 -20.72 14.85 8.30
C SER A 176 -19.96 15.91 7.51
N GLU A 177 -18.64 15.97 7.72
CA GLU A 177 -17.77 16.90 7.01
C GLU A 177 -17.18 16.04 5.90
N LYS A 178 -15.97 16.37 5.46
CA LYS A 178 -15.34 15.58 4.41
C LYS A 178 -16.00 15.81 3.06
N PHE A 179 -17.18 15.21 2.87
CA PHE A 179 -17.90 15.34 1.61
C PHE A 179 -18.89 16.49 1.64
N LYS A 180 -18.63 17.48 0.81
CA LYS A 180 -19.49 18.65 0.72
C LYS A 180 -20.28 18.69 -0.58
N GLY A 181 -21.55 19.06 -0.47
CA GLY A 181 -22.41 19.15 -1.63
C GLY A 181 -21.86 20.09 -2.68
N GLU A 182 -21.37 21.25 -2.24
CA GLU A 182 -20.83 22.24 -3.16
C GLU A 182 -19.76 21.71 -4.11
N ASN A 183 -19.15 20.59 -3.76
CA ASN A 183 -18.11 19.99 -4.59
C ASN A 183 -18.60 18.90 -5.53
N LEU A 184 -19.89 18.62 -5.53
CA LEU A 184 -20.42 17.60 -6.43
C LEU A 184 -20.63 18.25 -7.79
N LEU A 186 -19.75 17.87 -11.97
CA LEU A 186 -19.23 16.99 -13.01
C LEU A 186 -18.35 17.80 -13.95
N ILE A 187 -17.38 17.13 -14.55
CA ILE A 187 -16.47 17.78 -15.49
C ILE A 187 -17.19 17.98 -16.82
N ALA A 188 -17.30 19.25 -17.24
CA ALA A 188 -17.97 19.56 -18.49
C ALA A 188 -17.00 19.41 -19.66
N GLY A 189 -15.73 19.74 -19.43
CA GLY A 189 -14.74 19.63 -20.48
C GLY A 189 -13.38 20.10 -20.04
N THR A 190 -12.38 19.89 -20.91
CA THR A 190 -11.02 20.29 -20.59
C THR A 190 -10.29 20.90 -21.78
N ILE A 191 -10.82 20.74 -22.99
CA ILE A 191 -10.15 21.32 -24.16
C ILE A 191 -10.56 22.78 -24.34
N PRO A 192 -9.58 23.68 -24.48
CA PRO A 192 -9.76 25.13 -24.66
C PRO A 192 -10.03 25.56 -26.11
N LEU A 193 -10.79 26.63 -26.25
CA LEU A 193 -11.13 27.16 -27.56
C LEU A 193 -10.01 28.07 -28.05
N SER A 194 -9.21 27.59 -28.99
CA SER A 194 -8.13 28.40 -29.51
C SER A 194 -8.70 29.77 -29.86
N GLY A 195 -8.05 30.83 -29.39
CA GLY A 195 -8.53 32.16 -29.66
C GLY A 195 -9.07 32.81 -28.41
N GLU A 196 -9.89 32.09 -27.67
CA GLU A 196 -10.47 32.62 -26.44
C GLU A 196 -9.39 32.92 -25.41
N GLU A 197 -9.43 34.14 -24.87
CA GLU A 197 -8.47 34.57 -23.87
C GLU A 197 -9.12 34.67 -22.49
N LYS A 198 -10.40 34.32 -22.42
CA LYS A 198 -11.14 34.37 -21.17
C LYS A 198 -11.98 33.09 -21.05
N GLU A 199 -11.68 32.28 -20.03
CA GLU A 199 -12.38 31.02 -19.81
C GLU A 199 -12.60 30.28 -21.13
N ALA A 200 -11.50 29.97 -21.82
CA ALA A 200 -11.55 29.28 -23.09
C ALA A 200 -12.20 27.89 -23.07
N VAL A 201 -12.14 27.21 -21.93
CA VAL A 201 -12.72 25.88 -21.87
C VAL A 201 -14.25 25.96 -21.73
N LYS A 202 -14.72 26.82 -20.83
CA LYS A 202 -16.16 26.95 -20.63
C LYS A 202 -16.75 27.30 -22.00
N THR A 203 -16.20 28.34 -22.61
CA THR A 203 -16.60 28.82 -23.92
C THR A 203 -16.69 27.65 -24.92
N ASN A 204 -15.70 26.77 -24.88
CA ASN A 204 -15.70 25.63 -25.78
C ASN A 204 -16.93 24.77 -25.53
N VAL A 205 -17.17 24.45 -24.26
CA VAL A 205 -18.33 23.65 -23.89
C VAL A 205 -19.59 24.35 -24.37
N LEU A 206 -19.68 25.65 -24.12
CA LEU A 206 -20.85 26.44 -24.54
C LEU A 206 -21.06 26.37 -26.04
N LYS A 207 -19.96 26.33 -26.79
CA LYS A 207 -20.01 26.27 -28.24
C LYS A 207 -20.54 24.89 -28.66
N ILE A 208 -20.01 23.85 -28.03
CA ILE A 208 -20.46 22.50 -28.34
C ILE A 208 -21.96 22.46 -28.06
N LEU A 209 -22.36 22.97 -26.90
CA LEU A 209 -23.76 22.98 -26.50
C LEU A 209 -24.68 23.73 -27.46
N ASN A 210 -24.19 24.83 -28.00
CA ASN A 210 -24.98 25.64 -28.91
C ASN A 210 -25.10 25.01 -30.30
N GLU A 211 -24.04 24.34 -30.76
CA GLU A 211 -24.06 23.68 -32.06
C GLU A 211 -24.83 22.36 -31.97
N TYR A 213 -27.64 21.66 -29.41
CA TYR A 213 -29.06 21.88 -29.12
C TYR A 213 -29.50 23.31 -29.44
N GLY A 214 -28.57 24.11 -29.95
CA GLY A 214 -28.88 25.48 -30.29
C GLY A 214 -29.17 26.32 -29.07
N ILE A 215 -28.72 25.85 -27.90
CA ILE A 215 -28.95 26.56 -26.66
C ILE A 215 -27.91 27.59 -26.27
N THR A 216 -28.30 28.44 -25.33
CA THR A 216 -27.45 29.50 -24.80
C THR A 216 -27.35 29.26 -23.30
N GLU A 217 -26.32 29.81 -22.66
CA GLU A 217 -26.12 29.61 -21.24
C GLU A 217 -27.31 30.01 -20.37
N GLU A 218 -27.99 31.09 -20.73
CA GLU A 218 -29.15 31.52 -19.93
C GLU A 218 -30.30 30.51 -19.97
N ASP A 219 -30.23 29.56 -20.89
CA ASP A 219 -31.26 28.54 -21.02
C ASP A 219 -31.24 27.51 -19.91
N PHE A 220 -30.13 27.38 -19.21
CA PHE A 220 -30.06 26.41 -18.11
C PHE A 220 -31.00 26.85 -17.00
N VAL A 221 -31.18 28.16 -16.85
CA VAL A 221 -32.06 28.69 -15.82
C VAL A 221 -33.44 28.07 -16.00
N SER A 222 -34.07 28.38 -17.11
CA SER A 222 -35.39 27.85 -17.45
C SER A 222 -35.19 26.41 -17.90
N GLY A 223 -34.60 25.60 -17.02
CA GLY A 223 -34.36 24.22 -17.35
C GLY A 223 -34.18 23.35 -16.12
N GLU A 224 -34.31 22.04 -16.31
CA GLU A 224 -34.16 21.08 -15.23
C GLU A 224 -33.34 19.88 -15.65
N ILE A 225 -32.09 19.84 -15.21
CA ILE A 225 -31.20 18.73 -15.55
C ILE A 225 -30.99 17.87 -14.30
N GLU A 226 -30.98 16.55 -14.49
CA GLU A 226 -30.78 15.65 -13.38
C GLU A 226 -29.60 14.71 -13.67
N VAL A 227 -28.68 14.61 -12.73
CA VAL A 227 -27.51 13.76 -12.88
C VAL A 227 -27.85 12.41 -12.25
N VAL A 228 -27.65 11.34 -12.99
CA VAL A 228 -27.98 10.00 -12.53
C VAL A 228 -26.90 8.97 -12.90
N PRO A 229 -26.76 7.90 -12.10
CA PRO A 229 -25.74 6.88 -12.39
C PRO A 229 -25.92 6.16 -13.72
N ALA A 230 -24.80 5.93 -14.41
CA ALA A 230 -24.82 5.27 -15.71
C ALA A 230 -24.91 3.75 -15.59
N PHE A 231 -25.24 3.26 -14.39
CA PHE A 231 -25.37 1.83 -14.16
C PHE A 231 -26.71 1.36 -14.69
N SER A 232 -26.72 0.24 -15.42
CA SER A 232 -27.98 -0.29 -15.93
C SER A 232 -28.46 -1.45 -15.07
N PRO A 233 -29.78 -1.71 -15.06
CA PRO A 233 -30.29 -2.82 -14.25
C PRO A 233 -29.60 -4.14 -14.62
N ARG A 234 -29.23 -4.93 -13.61
CA ARG A 234 -28.57 -6.21 -13.84
C ARG A 234 -28.90 -7.25 -12.79
N GLU A 235 -28.84 -8.52 -13.19
CA GLU A 235 -29.10 -9.64 -12.28
C GLU A 235 -27.94 -9.56 -11.30
N VAL A 236 -28.15 -10.03 -10.08
CA VAL A 236 -27.08 -9.99 -9.10
C VAL A 236 -26.95 -11.31 -8.35
N GLY A 237 -25.71 -11.71 -8.08
CA GLY A 237 -25.46 -12.94 -7.35
C GLY A 237 -25.22 -14.20 -8.16
N ASP A 239 -26.57 -17.03 -7.87
CA ASP A 239 -27.82 -17.66 -8.28
C ASP A 239 -28.71 -16.66 -9.01
N ARG A 240 -28.11 -15.56 -9.45
CA ARG A 240 -28.84 -14.52 -10.17
C ARG A 240 -30.22 -14.30 -9.57
N SER A 241 -30.31 -14.28 -8.24
CA SER A 241 -31.59 -14.12 -7.58
C SER A 241 -31.96 -12.69 -7.24
N LEU A 242 -30.99 -11.78 -7.34
CA LEU A 242 -31.26 -10.39 -7.01
C LEU A 242 -31.22 -9.46 -8.21
N ILE A 243 -31.84 -8.28 -8.06
CA ILE A 243 -31.83 -7.29 -9.12
C ILE A 243 -31.18 -6.02 -8.60
N GLY A 244 -30.12 -5.60 -9.26
CA GLY A 244 -29.43 -4.39 -8.85
C GLY A 244 -29.74 -3.30 -9.84
N ALA A 245 -30.16 -2.13 -9.34
CA ALA A 245 -30.47 -1.01 -10.22
C ALA A 245 -30.65 0.28 -9.45
N TYR A 246 -30.50 1.39 -10.15
CA TYR A 246 -30.66 2.69 -9.56
C TYR A 246 -32.13 3.09 -9.55
N GLY A 247 -32.53 3.74 -8.48
CA GLY A 247 -33.89 4.24 -8.36
C GLY A 247 -34.93 3.20 -8.08
N GLN A 248 -34.51 2.02 -7.65
CA GLN A 248 -35.48 0.99 -7.34
C GLN A 248 -36.36 1.51 -6.21
N ASP A 249 -35.86 2.53 -5.50
CA ASP A 249 -36.63 3.09 -4.41
C ASP A 249 -37.92 3.64 -5.00
N ASP A 250 -38.93 2.77 -4.96
CA ASP A 250 -40.28 2.99 -5.40
C ASP A 250 -40.66 2.88 -6.86
N ARG A 251 -39.70 2.85 -7.78
CA ARG A 251 -40.11 2.66 -9.16
C ARG A 251 -40.39 1.16 -9.23
N ILE A 252 -39.91 0.44 -8.21
CA ILE A 252 -40.13 -0.99 -8.13
C ILE A 252 -41.57 -1.19 -7.69
N CYS A 253 -42.09 -0.24 -6.92
CA CYS A 253 -43.46 -0.32 -6.46
C CYS A 253 -44.36 0.28 -7.52
N ALA A 254 -43.80 1.21 -8.28
CA ALA A 254 -44.56 1.86 -9.35
C ALA A 254 -44.82 0.84 -10.45
N TYR A 255 -43.80 0.05 -10.78
CA TYR A 255 -43.93 -0.94 -11.83
C TYR A 255 -44.85 -2.09 -11.44
N THR A 256 -44.67 -2.63 -10.24
CA THR A 256 -45.50 -3.73 -9.78
C THR A 256 -46.97 -3.33 -9.70
N ALA A 257 -47.23 -2.10 -9.29
CA ALA A 257 -48.61 -1.62 -9.20
C ALA A 257 -49.18 -1.39 -10.60
N LEU A 258 -48.36 -0.87 -11.50
CA LEU A 258 -48.79 -0.62 -12.86
C LEU A 258 -49.21 -1.96 -13.47
N ARG A 259 -48.36 -2.97 -13.33
CA ARG A 259 -48.66 -4.28 -13.88
C ARG A 259 -49.88 -4.92 -13.23
N ALA A 260 -50.09 -4.63 -11.95
CA ALA A 260 -51.25 -5.17 -11.25
C ALA A 260 -52.50 -4.49 -11.79
N LEU A 261 -52.46 -3.16 -11.87
CA LEU A 261 -53.58 -2.38 -12.37
C LEU A 261 -54.05 -2.93 -13.71
N LEU A 262 -53.08 -3.19 -14.59
CA LEU A 262 -53.37 -3.67 -15.93
C LEU A 262 -53.93 -5.09 -16.03
N SER A 263 -53.61 -5.96 -15.09
CA SER A 263 -54.08 -7.34 -15.19
C SER A 263 -55.08 -7.76 -14.13
N ALA A 264 -55.56 -6.81 -13.36
CA ALA A 264 -56.52 -7.15 -12.33
C ALA A 264 -57.94 -7.31 -12.89
N ASN A 265 -58.75 -8.09 -12.18
CA ASN A 265 -60.15 -8.31 -12.53
C ASN A 265 -60.85 -7.64 -11.36
N PRO A 266 -61.06 -6.32 -11.46
CA PRO A 266 -61.72 -5.50 -10.43
C PRO A 266 -63.15 -5.90 -10.14
N GLU A 267 -63.57 -5.65 -8.91
CA GLU A 267 -64.93 -5.94 -8.48
C GLU A 267 -65.44 -4.60 -7.98
N LYS A 268 -64.48 -3.70 -7.79
CA LYS A 268 -64.72 -2.35 -7.29
C LYS A 268 -63.72 -1.47 -8.06
N SER A 269 -64.07 -0.22 -8.34
CA SER A 269 -63.13 0.64 -9.06
C SER A 269 -61.74 0.54 -8.43
N ILE A 270 -60.71 0.57 -9.26
CA ILE A 270 -59.34 0.51 -8.77
C ILE A 270 -58.50 1.57 -9.46
N GLY A 271 -57.28 1.76 -8.99
CA GLY A 271 -56.42 2.75 -9.61
C GLY A 271 -55.06 2.87 -8.96
N VAL A 272 -54.14 3.55 -9.65
CA VAL A 272 -52.79 3.76 -9.15
C VAL A 272 -52.36 5.21 -9.40
N ILE A 273 -51.79 5.85 -8.38
CA ILE A 273 -51.33 7.21 -8.53
C ILE A 273 -49.81 7.27 -8.30
N PHE A 274 -49.13 8.01 -9.18
CA PHE A 274 -47.68 8.12 -9.11
C PHE A 274 -47.27 9.56 -8.81
N PHE A 275 -46.66 9.78 -7.65
CA PHE A 275 -46.24 11.13 -7.27
C PHE A 275 -44.77 11.42 -7.43
N ASP A 276 -44.46 12.71 -7.42
CA ASP A 276 -43.10 13.23 -7.55
C ASP A 276 -42.86 14.04 -6.26
N LYS A 277 -41.61 14.34 -5.93
CA LYS A 277 -41.31 15.12 -4.74
C LYS A 277 -41.42 14.42 -3.38
N GLU A 278 -41.67 13.12 -3.34
CA GLU A 278 -41.78 12.44 -2.05
C GLU A 278 -40.45 12.48 -1.32
N GLU A 279 -39.36 12.24 -2.06
CA GLU A 279 -38.02 12.23 -1.48
C GLU A 279 -37.60 13.55 -0.82
N ILE A 280 -38.44 14.57 -0.89
CA ILE A 280 -38.12 15.85 -0.25
C ILE A 280 -39.25 16.34 0.66
N GLY A 281 -40.21 15.46 0.93
CA GLY A 281 -41.32 15.82 1.80
C GLY A 281 -42.69 15.87 1.13
N SER A 282 -42.71 15.84 -0.20
CA SER A 282 -43.95 15.88 -0.99
C SER A 282 -44.57 17.27 -1.15
N ASP A 283 -43.73 18.28 -1.27
CA ASP A 283 -44.18 19.66 -1.45
C ASP A 283 -44.16 20.00 -2.94
N GLY A 284 -45.16 20.73 -3.41
CA GLY A 284 -45.22 21.11 -4.80
C GLY A 284 -46.53 20.80 -5.51
N ASN A 285 -46.60 21.18 -6.78
CA ASN A 285 -47.77 20.95 -7.62
C ASN A 285 -48.09 19.47 -7.66
N THR A 286 -47.04 18.66 -7.75
CA THR A 286 -47.23 17.23 -7.75
C THR A 286 -46.89 16.73 -6.36
N GLY A 287 -46.94 15.43 -6.17
CA GLY A 287 -46.66 14.89 -4.85
C GLY A 287 -47.95 14.75 -4.07
N ALA A 288 -47.99 13.81 -3.11
CA ALA A 288 -49.19 13.62 -2.31
C ALA A 288 -49.46 14.96 -1.67
N LYS A 289 -50.70 15.25 -1.31
CA LYS A 289 -50.97 16.54 -0.70
C LYS A 289 -50.64 17.64 -1.73
N ALA A 290 -51.36 17.65 -2.83
CA ALA A 290 -51.15 18.62 -3.89
C ALA A 290 -52.42 18.92 -4.68
N ARG A 291 -53.56 18.55 -4.12
CA ARG A 291 -54.86 18.77 -4.76
C ARG A 291 -55.10 17.89 -5.97
N PHE A 292 -54.08 17.72 -6.79
CA PHE A 292 -54.16 16.88 -8.00
C PHE A 292 -54.96 15.59 -7.80
N TYR A 293 -54.66 14.91 -6.69
CA TYR A 293 -55.32 13.65 -6.33
C TYR A 293 -56.83 13.79 -6.19
N LEU A 294 -57.29 14.80 -5.46
CA LEU A 294 -58.72 14.99 -5.28
C LEU A 294 -59.32 15.63 -6.51
N LYS A 295 -58.53 16.43 -7.22
CA LYS A 295 -59.00 17.08 -8.43
C LYS A 295 -59.28 15.99 -9.45
N ALA A 296 -58.52 14.89 -9.36
CA ALA A 296 -58.69 13.76 -10.27
C ALA A 296 -59.96 13.01 -9.93
N LEU A 297 -60.25 12.88 -8.65
CA LEU A 297 -61.45 12.17 -8.22
C LEU A 297 -62.71 13.00 -8.43
N ARG A 298 -62.63 14.30 -8.20
CA ARG A 298 -63.79 15.17 -8.39
C ARG A 298 -64.20 15.16 -9.86
N GLN A 299 -63.23 15.19 -10.77
CA GLN A 299 -63.53 15.19 -12.19
C GLN A 299 -64.35 13.96 -12.52
N ILE A 300 -63.93 12.82 -11.99
CA ILE A 300 -64.62 11.56 -12.22
C ILE A 300 -66.01 11.59 -11.58
N LEU A 301 -66.12 12.21 -10.41
CA LEU A 301 -67.39 12.30 -9.71
C LEU A 301 -68.42 13.14 -10.50
N LYS A 302 -67.98 14.29 -11.01
CA LYS A 302 -68.87 15.15 -11.78
C LYS A 302 -69.35 14.39 -12.99
N GLN A 304 -69.93 11.40 -13.18
CA GLN A 304 -70.92 10.43 -12.76
C GLN A 304 -72.14 11.16 -12.21
N GLY A 305 -72.19 12.47 -12.48
CA GLY A 305 -73.30 13.27 -12.02
C GLY A 305 -73.22 13.82 -10.61
N ALA A 306 -72.04 13.79 -10.01
CA ALA A 306 -71.88 14.30 -8.64
C ALA A 306 -72.56 15.66 -8.50
N LYS A 307 -73.38 15.81 -7.46
CA LYS A 307 -74.07 17.08 -7.28
C LYS A 307 -73.28 18.07 -6.44
N ASP A 308 -73.04 17.74 -5.17
CA ASP A 308 -72.30 18.61 -4.26
C ASP A 308 -70.79 18.48 -4.43
N SER A 309 -70.33 17.27 -4.76
CA SER A 309 -68.91 17.01 -4.99
C SER A 309 -68.07 16.84 -3.74
N GLU A 310 -67.72 17.94 -3.08
CA GLU A 310 -66.91 17.87 -1.87
C GLU A 310 -67.61 16.98 -0.84
N PHE A 311 -68.95 16.97 -0.87
CA PHE A 311 -69.74 16.17 0.06
C PHE A 311 -69.79 14.70 -0.38
N VAL A 312 -69.80 14.48 -1.68
CA VAL A 312 -69.82 13.12 -2.23
C VAL A 312 -68.44 12.50 -2.05
N LEU A 313 -67.41 13.33 -2.13
CA LEU A 313 -66.03 12.88 -1.95
C LEU A 313 -65.87 12.26 -0.58
N ASP A 314 -66.54 12.86 0.41
CA ASP A 314 -66.48 12.35 1.77
C ASP A 314 -66.69 10.84 1.77
N GLU A 315 -67.81 10.40 1.21
CA GLU A 315 -68.12 8.98 1.15
C GLU A 315 -67.06 8.28 0.32
N VAL A 316 -66.76 8.84 -0.85
CA VAL A 316 -65.76 8.27 -1.74
C VAL A 316 -64.52 7.96 -0.90
N LEU A 317 -63.93 9.00 -0.31
CA LEU A 317 -62.72 8.82 0.51
C LEU A 317 -63.01 7.98 1.76
N GLU A 318 -64.24 8.08 2.28
CA GLU A 318 -64.67 7.32 3.47
C GLU A 318 -64.42 5.84 3.22
N ASN A 319 -64.78 5.39 2.02
CA ASN A 319 -64.56 4.02 1.61
C ASN A 319 -63.23 4.20 0.87
N THR A 320 -62.77 3.19 0.15
CA THR A 320 -61.50 3.31 -0.57
C THR A 320 -60.34 2.89 0.32
N SER A 321 -59.76 1.75 -0.02
CA SER A 321 -58.63 1.23 0.72
C SER A 321 -57.40 1.70 -0.03
N VAL A 322 -56.44 2.27 0.70
CA VAL A 322 -55.21 2.75 0.06
C VAL A 322 -54.02 1.92 0.51
N ILE A 323 -53.25 1.45 -0.46
CA ILE A 323 -52.06 0.69 -0.19
C ILE A 323 -50.91 1.62 -0.55
N SER A 324 -50.12 1.99 0.46
CA SER A 324 -48.97 2.86 0.27
C SER A 324 -47.83 1.99 -0.24
N GLY A 325 -47.57 2.03 -1.54
CA GLY A 325 -46.52 1.21 -2.10
C GLY A 325 -45.13 1.81 -2.07
N ASP A 326 -44.35 1.44 -1.05
CA ASP A 326 -42.98 1.93 -0.90
C ASP A 326 -42.11 0.81 -0.33
N VAL A 327 -40.81 0.91 -0.52
CA VAL A 327 -39.86 -0.12 -0.06
C VAL A 327 -39.43 0.02 1.38
N CYS A 328 -39.04 -1.11 1.98
CA CYS A 328 -38.55 -1.11 3.35
C CYS A 328 -37.11 -1.59 3.28
N ALA A 329 -36.45 -1.69 4.43
CA ALA A 329 -35.06 -2.11 4.48
C ALA A 329 -34.92 -3.56 4.89
N ALA A 330 -34.23 -4.34 4.08
CA ALA A 330 -34.00 -5.75 4.39
C ALA A 330 -32.78 -5.81 5.30
N VAL A 331 -32.54 -6.92 5.98
CA VAL A 331 -31.37 -6.97 6.86
C VAL A 331 -30.12 -7.11 6.02
N ASN A 332 -29.16 -6.25 6.29
CA ASN A 332 -27.87 -6.23 5.61
C ASN A 332 -26.94 -6.89 6.63
N PRO A 333 -26.72 -8.20 6.50
CA PRO A 333 -25.87 -8.98 7.41
C PRO A 333 -24.82 -8.21 8.23
N PRO A 334 -23.77 -7.67 7.58
CA PRO A 334 -22.75 -6.94 8.33
C PRO A 334 -23.27 -5.85 9.26
N TYR A 335 -24.47 -5.34 8.96
CA TYR A 335 -25.09 -4.29 9.75
C TYR A 335 -26.41 -4.74 10.34
N LYS A 336 -26.53 -6.02 10.61
CA LYS A 336 -27.75 -6.59 11.19
C LYS A 336 -28.13 -5.96 12.54
N ASP A 337 -27.16 -5.40 13.26
CA ASP A 337 -27.46 -4.79 14.56
C ASP A 337 -28.30 -3.51 14.47
N VAL A 338 -28.63 -3.11 13.26
CA VAL A 338 -29.40 -1.89 13.05
C VAL A 338 -30.92 -2.19 13.07
N HIS A 339 -31.24 -3.48 13.11
CA HIS A 339 -32.62 -3.97 13.08
C HIS A 339 -32.99 -4.81 14.28
N ASP A 340 -34.29 -5.05 14.39
CA ASP A 340 -34.88 -5.92 15.41
C ASP A 340 -35.21 -7.13 14.53
N LEU A 341 -34.31 -8.10 14.51
CA LEU A 341 -34.48 -9.29 13.69
C LEU A 341 -35.86 -9.91 13.72
N HIS A 342 -36.55 -9.87 14.86
CA HIS A 342 -37.87 -10.46 14.96
C HIS A 342 -38.98 -9.65 14.27
N ASN A 343 -38.63 -8.46 13.77
CA ASN A 343 -39.60 -7.61 13.09
C ASN A 343 -38.97 -6.93 11.87
N ALA A 344 -37.97 -7.60 11.29
CA ALA A 344 -37.25 -7.09 10.12
C ALA A 344 -37.45 -8.01 8.92
N PRO A 345 -37.58 -7.42 7.72
CA PRO A 345 -37.77 -8.22 6.52
C PRO A 345 -36.49 -8.84 6.00
N LYS A 346 -36.64 -9.99 5.35
CA LYS A 346 -35.51 -10.71 4.75
C LYS A 346 -35.78 -10.82 3.25
N LEU A 347 -34.74 -10.74 2.44
CA LEU A 347 -34.88 -10.84 0.99
C LEU A 347 -35.45 -12.18 0.55
N GLY A 348 -36.40 -12.14 -0.38
CA GLY A 348 -37.00 -13.36 -0.88
C GLY A 348 -38.04 -14.02 0.00
N TYR A 349 -38.46 -13.35 1.06
CA TYR A 349 -39.47 -13.92 1.94
C TYR A 349 -40.82 -13.24 1.86
N GLY A 350 -41.11 -12.70 0.68
CA GLY A 350 -42.40 -12.06 0.45
C GLY A 350 -42.48 -10.56 0.51
N VAL A 351 -43.69 -10.04 0.34
CA VAL A 351 -43.94 -8.61 0.37
C VAL A 351 -43.88 -8.20 1.83
N ALA A 352 -43.38 -7.00 2.08
CA ALA A 352 -43.28 -6.51 3.44
C ALA A 352 -44.49 -5.66 3.78
N LEU A 353 -45.09 -5.96 4.92
CA LEU A 353 -46.25 -5.22 5.41
C LEU A 353 -45.72 -4.37 6.57
N VAL A 354 -45.72 -3.06 6.36
CA VAL A 354 -45.23 -2.11 7.36
C VAL A 354 -46.38 -1.39 8.03
N LYS A 355 -46.61 -1.69 9.30
CA LYS A 355 -47.70 -1.05 10.03
C LYS A 355 -47.43 0.41 10.36
N TYR A 356 -46.15 0.74 10.57
CA TYR A 356 -45.75 2.11 10.89
C TYR A 356 -44.27 2.39 10.63
N THR A 357 -43.95 3.66 10.37
CA THR A 357 -42.59 4.11 10.10
C THR A 357 -42.39 5.55 10.54
N GLY A 358 -42.04 5.75 11.81
CA GLY A 358 -41.84 7.11 12.28
C GLY A 358 -40.45 7.33 12.83
N ALA A 359 -40.35 8.05 13.93
CA ALA A 359 -39.07 8.32 14.57
C ALA A 359 -39.16 7.98 16.06
N ARG A 360 -38.71 8.90 16.90
CA ARG A 360 -38.75 8.69 18.34
C ARG A 360 -40.11 8.20 18.88
N GLY A 361 -40.48 6.97 18.56
CA GLY A 361 -41.75 6.46 19.04
C GLY A 361 -42.98 6.83 18.23
N LYS A 362 -42.96 6.49 16.93
CA LYS A 362 -44.07 6.74 16.02
C LYS A 362 -44.45 8.18 15.68
N TYR A 363 -43.50 9.11 15.70
CA TYR A 363 -43.82 10.49 15.37
C TYR A 363 -43.99 10.66 13.86
N SER A 364 -44.87 11.58 13.49
CA SER A 364 -45.13 11.91 12.09
C SER A 364 -45.28 10.73 11.12
N THR A 365 -45.93 9.67 11.56
CA THR A 365 -46.12 8.51 10.69
C THR A 365 -47.52 7.94 10.79
N ASN A 366 -48.00 7.41 9.67
CA ASN A 366 -49.31 6.80 9.65
C ASN A 366 -49.15 5.47 10.37
N ASP A 367 -50.18 5.05 11.09
CA ASP A 367 -50.12 3.79 11.82
C ASP A 367 -51.39 2.97 11.58
N ALA A 368 -51.38 2.17 10.53
CA ALA A 368 -52.51 1.32 10.16
C ALA A 368 -53.23 0.72 11.36
N HIS A 369 -54.54 0.94 11.42
CA HIS A 369 -55.37 0.44 12.50
C HIS A 369 -55.42 -1.08 12.43
N ALA A 370 -55.56 -1.73 13.58
CA ALA A 370 -55.62 -3.18 13.61
C ALA A 370 -56.70 -3.70 12.66
N GLU A 371 -57.87 -3.07 12.67
CA GLU A 371 -58.98 -3.51 11.81
C GLU A 371 -58.56 -3.59 10.35
N PHE A 372 -57.84 -2.57 9.87
CA PHE A 372 -57.41 -2.56 8.48
C PHE A 372 -56.33 -3.62 8.22
N VAL A 373 -55.40 -3.78 9.16
CA VAL A 373 -54.36 -4.78 8.99
C VAL A 373 -55.06 -6.15 8.94
N ALA A 374 -56.16 -6.25 9.67
CA ALA A 374 -56.94 -7.49 9.70
C ALA A 374 -57.48 -7.77 8.30
N ARG A 375 -58.14 -6.77 7.73
CA ARG A 375 -58.70 -6.91 6.39
C ARG A 375 -57.63 -7.26 5.35
N VAL A 376 -56.47 -6.65 5.46
CA VAL A 376 -55.38 -6.90 4.53
C VAL A 376 -54.80 -8.30 4.75
N ARG A 377 -54.69 -8.70 6.01
CA ARG A 377 -54.14 -9.99 6.35
C ARG A 377 -55.01 -11.11 5.81
N LYS A 378 -56.31 -10.89 5.78
CA LYS A 378 -57.28 -11.88 5.30
C LYS A 378 -57.11 -12.11 3.80
N VAL A 379 -57.17 -11.03 3.02
CA VAL A 379 -57.01 -11.14 1.58
C VAL A 379 -55.73 -11.88 1.22
N LEU A 380 -54.60 -11.41 1.78
CA LEU A 380 -53.31 -12.02 1.51
C LEU A 380 -53.31 -13.51 1.74
N ASN A 381 -53.52 -13.92 2.98
CA ASN A 381 -53.52 -15.34 3.31
C ASN A 381 -54.51 -16.14 2.46
N GLU A 382 -55.68 -15.57 2.20
CA GLU A 382 -56.68 -16.25 1.39
C GLU A 382 -56.24 -16.47 -0.05
N GLN A 383 -55.54 -15.50 -0.62
CA GLN A 383 -55.05 -15.62 -2.00
C GLN A 383 -53.70 -16.34 -2.01
N GLY A 384 -53.25 -16.77 -0.83
CA GLY A 384 -51.97 -17.47 -0.72
C GLY A 384 -50.75 -16.63 -1.04
N VAL A 385 -50.82 -15.34 -0.74
CA VAL A 385 -49.70 -14.44 -1.00
C VAL A 385 -48.66 -14.54 0.12
N ILE A 386 -47.40 -14.70 -0.26
CA ILE A 386 -46.31 -14.79 0.69
C ILE A 386 -45.96 -13.39 1.20
N TRP A 387 -46.06 -13.17 2.50
CA TRP A 387 -45.75 -11.86 3.06
C TRP A 387 -45.02 -11.97 4.41
N GLN A 388 -44.42 -10.86 4.84
CA GLN A 388 -43.69 -10.82 6.10
C GLN A 388 -43.86 -9.45 6.73
N VAL A 389 -43.73 -9.36 8.05
CA VAL A 389 -43.87 -8.07 8.73
C VAL A 389 -42.53 -7.35 8.65
N ALA A 390 -42.56 -6.03 8.58
CA ALA A 390 -41.31 -5.28 8.51
C ALA A 390 -41.36 -4.00 9.33
N THR A 391 -40.23 -3.69 9.96
CA THR A 391 -40.10 -2.49 10.78
C THR A 391 -38.83 -1.79 10.32
N LEU A 392 -38.88 -0.46 10.31
CA LEU A 392 -37.72 0.32 9.88
C LEU A 392 -36.66 0.43 10.97
N GLY A 393 -36.04 -0.71 11.30
CA GLY A 393 -35.00 -0.75 12.32
C GLY A 393 -35.47 -0.72 13.76
N LYS A 394 -34.53 -0.94 14.68
CA LYS A 394 -34.80 -0.93 16.12
C LYS A 394 -35.52 0.37 16.45
N VAL A 395 -36.11 0.42 17.63
CA VAL A 395 -36.89 1.58 18.06
C VAL A 395 -36.35 3.00 17.78
N ASP A 396 -35.18 3.38 18.30
CA ASP A 396 -34.74 4.75 18.00
C ASP A 396 -33.61 4.87 16.98
N GLN A 397 -33.46 3.86 16.14
CA GLN A 397 -32.41 3.82 15.11
C GLN A 397 -32.48 4.95 14.08
N GLY A 398 -33.66 5.17 13.52
CA GLY A 398 -33.79 6.21 12.52
C GLY A 398 -35.21 6.51 12.12
N GLY A 399 -35.37 7.42 11.17
CA GLY A 399 -36.70 7.79 10.72
C GLY A 399 -37.06 7.27 9.35
N GLY A 400 -38.34 7.41 9.00
CA GLY A 400 -38.81 6.98 7.71
C GLY A 400 -39.86 7.92 7.17
N GLY A 401 -41.13 7.64 7.47
CA GLY A 401 -42.20 8.49 7.00
C GLY A 401 -42.43 8.34 5.51
N THR A 402 -43.60 7.83 5.13
CA THR A 402 -43.94 7.66 3.72
C THR A 402 -45.13 8.55 3.41
N ILE A 403 -45.62 8.47 2.18
CA ILE A 403 -46.76 9.30 1.78
C ILE A 403 -48.10 8.79 2.30
N ALA A 404 -48.09 7.62 2.92
CA ALA A 404 -49.32 7.04 3.46
C ALA A 404 -50.08 8.05 4.30
N LYS A 405 -49.38 8.72 5.22
CA LYS A 405 -50.02 9.69 6.09
C LYS A 405 -50.97 10.68 5.37
N PHE A 406 -50.52 11.20 4.24
CA PHE A 406 -51.29 12.17 3.47
C PHE A 406 -52.65 11.65 3.01
N PHE A 407 -52.72 10.38 2.67
CA PHE A 407 -53.98 9.82 2.22
C PHE A 407 -54.89 9.49 3.40
N ALA A 408 -54.30 9.04 4.50
CA ALA A 408 -55.07 8.73 5.68
C ALA A 408 -55.60 10.07 6.20
N GLU A 409 -54.90 11.13 5.80
CA GLU A 409 -55.23 12.50 6.17
C GLU A 409 -56.51 12.90 5.46
N ARG A 410 -56.78 12.23 4.34
CA ARG A 410 -57.97 12.52 3.56
C ARG A 410 -59.19 11.66 3.91
N GLY A 411 -59.13 10.97 5.04
CA GLY A 411 -60.27 10.18 5.47
C GLY A 411 -60.30 8.70 5.17
N SER A 412 -59.35 8.18 4.40
CA SER A 412 -59.36 6.75 4.09
C SER A 412 -58.25 5.98 4.81
N ASP A 413 -58.46 4.68 4.98
CA ASP A 413 -57.49 3.81 5.65
C ASP A 413 -56.33 3.45 4.73
N VAL A 414 -55.12 3.51 5.28
CA VAL A 414 -53.91 3.23 4.53
C VAL A 414 -53.00 2.23 5.24
N ILE A 415 -52.09 1.63 4.46
CA ILE A 415 -51.14 0.64 4.97
C ILE A 415 -49.92 0.59 4.04
N ASP A 416 -48.73 0.76 4.61
CA ASP A 416 -47.50 0.71 3.83
C ASP A 416 -47.22 -0.74 3.44
N GLY A 418 -44.68 -3.18 0.47
CA GLY A 418 -43.73 -3.23 -0.63
C GLY A 418 -42.58 -4.16 -0.34
N PRO A 419 -41.61 -4.30 -1.26
CA PRO A 419 -40.46 -5.19 -1.07
C PRO A 419 -39.35 -4.56 -0.20
N ALA A 420 -38.42 -5.41 0.27
CA ALA A 420 -37.30 -4.97 1.08
C ALA A 420 -36.07 -4.76 0.21
N LEU A 421 -35.33 -3.69 0.47
CA LEU A 421 -34.13 -3.40 -0.32
C LEU A 421 -32.85 -3.32 0.51
N LEU A 422 -31.73 -3.56 -0.17
CA LEU A 422 -30.42 -3.49 0.43
C LEU A 422 -29.74 -2.29 -0.23
N GLY A 423 -29.14 -1.42 0.58
CA GLY A 423 -28.47 -0.25 0.04
C GLY A 423 -29.45 0.77 -0.53
N HIS A 425 -31.23 4.07 -1.50
CA HIS A 425 -30.68 5.39 -1.83
C HIS A 425 -29.30 5.40 -2.46
N SER A 426 -28.64 4.25 -2.54
CA SER A 426 -27.33 4.18 -3.16
C SER A 426 -27.54 4.21 -4.67
N PRO A 427 -26.46 4.43 -5.44
CA PRO A 427 -26.59 4.48 -6.90
C PRO A 427 -26.88 3.09 -7.50
N PHE A 428 -26.92 2.07 -6.66
CA PHE A 428 -27.16 0.71 -7.12
C PHE A 428 -27.88 -0.10 -6.03
N GLU A 429 -29.19 0.10 -5.89
CA GLU A 429 -29.97 -0.61 -4.89
C GLU A 429 -30.17 -2.07 -5.29
N ILE A 430 -30.40 -2.92 -4.30
CA ILE A 430 -30.59 -4.35 -4.52
C ILE A 430 -31.95 -4.83 -4.01
N SER A 431 -32.65 -5.59 -4.83
CA SER A 431 -33.95 -6.16 -4.46
C SER A 431 -33.98 -7.61 -4.93
N SER A 432 -34.94 -8.37 -4.44
CA SER A 432 -35.07 -9.78 -4.81
C SER A 432 -36.04 -9.95 -5.99
N LYS A 433 -35.71 -10.84 -6.92
CA LYS A 433 -36.60 -11.09 -8.06
C LYS A 433 -37.89 -11.72 -7.54
N ALA A 434 -37.76 -12.60 -6.55
CA ALA A 434 -38.91 -13.26 -5.97
C ALA A 434 -39.86 -12.25 -5.30
N ASP A 435 -39.29 -11.27 -4.59
CA ASP A 435 -40.11 -10.28 -3.93
C ASP A 435 -40.77 -9.37 -4.96
N LEU A 436 -40.00 -8.99 -5.97
CA LEU A 436 -40.51 -8.12 -7.03
C LEU A 436 -41.84 -8.70 -7.53
N PHE A 437 -41.82 -9.99 -7.87
CA PHE A 437 -42.98 -10.70 -8.37
C PHE A 437 -44.08 -10.80 -7.34
N GLU A 438 -43.74 -11.24 -6.15
CA GLU A 438 -44.75 -11.40 -5.11
C GLU A 438 -45.44 -10.10 -4.75
N THR A 439 -44.74 -8.98 -4.92
CA THR A 439 -45.34 -7.69 -4.62
C THR A 439 -46.47 -7.49 -5.63
N TYR A 440 -46.15 -7.75 -6.90
CA TYR A 440 -47.11 -7.66 -7.99
C TYR A 440 -48.34 -8.52 -7.70
N VAL A 441 -48.11 -9.69 -7.11
CA VAL A 441 -49.20 -10.59 -6.77
C VAL A 441 -50.03 -9.98 -5.66
N ALA A 442 -49.36 -9.51 -4.60
CA ALA A 442 -50.04 -8.89 -3.47
C ALA A 442 -50.89 -7.70 -3.91
N TYR A 443 -50.29 -6.80 -4.68
CA TYR A 443 -50.98 -5.60 -5.17
C TYR A 443 -52.22 -5.92 -6.01
N ARG A 444 -52.11 -6.93 -6.87
CA ARG A 444 -53.20 -7.32 -7.75
C ARG A 444 -54.37 -7.92 -6.99
N SER A 445 -54.05 -8.86 -6.11
CA SER A 445 -55.09 -9.52 -5.33
C SER A 445 -55.65 -8.61 -4.25
N LEU A 446 -54.98 -7.50 -3.96
CA LEU A 446 -55.49 -6.57 -2.97
C LEU A 446 -56.47 -5.60 -3.62
N GLU A 448 -58.23 -6.46 -6.17
CA GLU A 448 -59.34 -7.35 -6.52
C GLU A 448 -60.22 -7.77 -5.35
N LYS A 449 -59.61 -8.04 -4.20
CA LYS A 449 -60.38 -8.53 -3.06
C LYS A 449 -60.66 -7.57 -1.91
N LEU A 450 -60.04 -6.40 -1.86
CA LEU A 450 -60.33 -5.49 -0.74
C LEU A 450 -61.69 -4.82 -0.92
N LYS B 1 -19.49 -31.40 3.56
CA LYS B 1 -18.40 -30.97 2.64
C LYS B 1 -17.56 -29.85 3.23
N GLU B 3 -14.59 -29.66 5.83
CA GLU B 3 -14.56 -29.61 7.28
C GLU B 3 -13.20 -30.07 7.77
N ARG B 4 -12.62 -29.31 8.70
CA ARG B 4 -11.30 -29.63 9.24
C ARG B 4 -11.31 -30.87 10.13
N LYS B 5 -10.26 -31.67 10.01
CA LYS B 5 -10.14 -32.89 10.82
C LYS B 5 -9.20 -32.59 11.98
N ASN B 6 -9.42 -33.25 13.10
CA ASN B 6 -8.56 -33.04 14.24
C ASN B 6 -7.46 -34.08 14.20
N VAL B 7 -6.21 -33.62 14.21
CA VAL B 7 -5.07 -34.53 14.15
C VAL B 7 -5.09 -35.64 15.19
N TRP B 8 -5.65 -35.38 16.36
CA TRP B 8 -5.70 -36.42 17.41
C TRP B 8 -6.57 -37.61 17.03
N HIS B 9 -7.41 -37.42 16.03
CA HIS B 9 -8.31 -38.47 15.56
C HIS B 9 -7.73 -39.24 14.36
N HIS B 10 -6.62 -38.75 13.81
CA HIS B 10 -6.02 -39.38 12.64
C HIS B 10 -4.53 -39.70 12.81
N ARG B 11 -4.02 -39.63 14.02
CA ARG B 11 -2.61 -39.89 14.27
C ARG B 11 -2.37 -40.67 15.58
N LYS B 12 -1.42 -41.59 15.54
CA LYS B 12 -1.12 -42.41 16.73
C LYS B 12 -0.65 -41.59 17.93
N LYS B 13 -1.42 -41.69 19.02
CA LYS B 13 -1.13 -40.97 20.25
C LYS B 13 0.30 -41.24 20.74
N GLU B 14 0.83 -42.41 20.40
CA GLU B 14 2.18 -42.78 20.80
C GLU B 14 3.23 -42.04 20.00
N GLU B 15 2.98 -41.86 18.70
CA GLU B 15 3.89 -41.13 17.82
C GLU B 15 3.95 -39.67 18.24
N ILE B 16 2.78 -39.03 18.30
CA ILE B 16 2.66 -37.63 18.71
C ILE B 16 3.36 -37.36 20.03
N GLU B 17 3.11 -38.22 21.01
CA GLU B 17 3.69 -38.09 22.34
C GLU B 17 5.22 -38.16 22.34
N ALA B 18 5.77 -39.16 21.64
CA ALA B 18 7.21 -39.34 21.57
C ALA B 18 7.92 -38.18 20.87
N PHE B 19 7.38 -37.78 19.71
CA PHE B 19 7.96 -36.70 18.95
C PHE B 19 7.96 -35.41 19.77
N SER B 20 7.04 -35.35 20.73
CA SER B 20 6.88 -34.18 21.59
C SER B 20 7.95 -34.12 22.67
N LYS B 21 8.25 -35.29 23.26
CA LYS B 21 9.26 -35.37 24.31
C LYS B 21 10.60 -34.93 23.72
N GLU B 22 10.83 -35.28 22.45
CA GLU B 22 12.07 -34.94 21.78
C GLU B 22 12.19 -33.44 21.50
N TYR B 23 11.09 -32.85 21.05
CA TYR B 23 11.07 -31.41 20.77
C TYR B 23 11.29 -30.65 22.07
N GLU B 25 13.00 -31.72 24.66
CA GLU B 25 14.41 -31.89 25.04
C GLU B 25 15.21 -30.79 24.36
N PHE B 26 14.91 -30.60 23.07
CA PHE B 26 15.52 -29.59 22.24
C PHE B 26 15.33 -28.17 22.78
N SER B 28 14.91 -27.09 25.61
CA SER B 28 15.57 -26.80 26.87
C SER B 28 17.04 -26.55 26.59
N LYS B 29 17.40 -26.58 25.31
CA LYS B 29 18.79 -26.36 24.89
C LYS B 29 18.89 -25.11 24.01
N ALA B 30 17.84 -24.86 23.23
CA ALA B 30 17.79 -23.72 22.31
C ALA B 30 17.01 -22.54 22.87
N LYS B 31 17.69 -21.68 23.64
CA LYS B 31 17.03 -20.53 24.24
C LYS B 31 17.51 -19.23 23.59
N THR B 32 18.54 -19.34 22.77
CA THR B 32 19.11 -18.19 22.08
C THR B 32 19.52 -18.66 20.69
N GLU B 33 19.68 -17.74 19.75
CA GLU B 33 20.06 -18.12 18.39
C GLU B 33 21.38 -18.90 18.35
N ARG B 34 22.28 -18.62 19.29
CA ARG B 34 23.55 -19.33 19.33
C ARG B 34 23.38 -20.75 19.82
N THR B 36 20.84 -22.51 19.77
CA THR B 36 20.04 -23.25 18.81
C THR B 36 20.92 -23.74 17.66
N VAL B 37 21.81 -22.87 17.18
CA VAL B 37 22.72 -23.25 16.10
C VAL B 37 23.63 -24.36 16.61
N LYS B 38 24.12 -24.19 17.83
CA LYS B 38 25.00 -25.16 18.45
C LYS B 38 24.28 -26.50 18.52
N GLU B 39 23.05 -26.47 18.98
CA GLU B 39 22.28 -27.69 19.12
C GLU B 39 22.06 -28.33 17.76
N ILE B 40 21.47 -27.57 16.83
CA ILE B 40 21.22 -28.07 15.49
C ILE B 40 22.51 -28.64 14.88
N LYS B 41 23.64 -27.98 15.12
CA LYS B 41 24.90 -28.45 14.58
C LYS B 41 25.29 -29.83 15.05
N ARG B 42 25.07 -30.15 16.32
CA ARG B 42 25.45 -31.47 16.78
C ARG B 42 24.48 -32.55 16.30
N ILE B 43 23.20 -32.21 16.17
CA ILE B 43 22.26 -33.19 15.68
C ILE B 43 22.69 -33.56 14.26
N LEU B 44 23.20 -32.58 13.53
CA LEU B 44 23.68 -32.82 12.17
C LEU B 44 24.94 -33.67 12.19
N ASP B 45 25.89 -33.30 13.05
CA ASP B 45 27.13 -34.03 13.15
C ASP B 45 26.87 -35.49 13.45
N GLU B 46 25.97 -35.77 14.38
CA GLU B 46 25.65 -37.14 14.75
C GLU B 46 24.92 -37.87 13.64
N SER B 47 24.37 -37.13 12.70
CA SER B 47 23.62 -37.73 11.62
C SER B 47 24.35 -37.90 10.29
N GLY B 48 25.66 -37.67 10.30
CA GLY B 48 26.44 -37.85 9.08
C GLY B 48 26.81 -36.60 8.30
N PHE B 49 26.34 -35.43 8.72
CA PHE B 49 26.68 -34.22 8.00
C PHE B 49 28.09 -33.76 8.33
N VAL B 50 28.68 -33.04 7.38
CA VAL B 50 30.01 -32.47 7.57
C VAL B 50 29.96 -31.06 6.97
N PRO B 51 30.87 -30.18 7.41
CA PRO B 51 30.92 -28.80 6.92
C PRO B 51 31.16 -28.71 5.40
N LEU B 52 30.30 -27.94 4.73
CA LEU B 52 30.44 -27.75 3.29
C LEU B 52 31.86 -27.28 3.01
N GLU B 53 32.38 -26.48 3.93
CA GLU B 53 33.73 -25.93 3.82
C GLU B 53 34.79 -26.99 3.57
N ASP B 54 34.57 -28.21 4.07
CA ASP B 54 35.54 -29.27 3.89
C ASP B 54 34.95 -30.62 3.50
N PHE B 55 34.08 -30.60 2.49
CA PHE B 55 33.44 -31.80 1.96
C PHE B 55 34.39 -32.36 0.92
N ALA B 56 34.39 -33.67 0.71
CA ALA B 56 35.29 -34.27 -0.27
C ALA B 56 34.66 -35.24 -1.25
N GLY B 57 33.67 -36.00 -0.80
CA GLY B 57 33.01 -36.98 -1.66
C GLY B 57 32.47 -36.48 -2.99
N ASP B 58 31.51 -37.23 -3.52
CA ASP B 58 30.88 -36.90 -4.79
C ASP B 58 29.93 -35.71 -4.63
N PRO B 59 30.14 -34.63 -5.41
CA PRO B 59 29.32 -33.43 -5.37
C PRO B 59 27.91 -33.59 -5.91
N ASN B 61 26.01 -36.15 -4.44
CA ASN B 61 25.40 -36.85 -3.33
C ASN B 61 26.14 -36.40 -2.07
N THR B 63 25.83 -34.48 1.85
CA THR B 63 25.01 -34.02 2.96
C THR B 63 25.89 -33.13 3.85
N VAL B 64 25.87 -31.84 3.54
CA VAL B 64 26.70 -30.88 4.26
C VAL B 64 25.88 -29.84 5.00
N TYR B 65 26.58 -28.88 5.58
CA TYR B 65 25.96 -27.78 6.30
C TYR B 65 26.99 -26.65 6.44
N ALA B 66 26.50 -25.43 6.55
CA ALA B 66 27.41 -24.29 6.68
C ALA B 66 26.89 -23.36 7.76
N VAL B 67 27.70 -23.16 8.80
CA VAL B 67 27.31 -22.26 9.88
C VAL B 67 27.73 -20.88 9.40
N ASN B 68 26.95 -19.86 9.73
CA ASN B 68 27.31 -18.53 9.30
C ASN B 68 28.28 -17.94 10.31
N ARG B 69 27.76 -17.39 11.39
CA ARG B 69 28.66 -16.84 12.40
C ARG B 69 28.22 -17.33 13.75
N GLY B 70 27.94 -18.64 13.80
CA GLY B 70 27.48 -19.26 15.02
C GLY B 70 26.05 -18.83 15.28
N LYS B 71 25.49 -18.06 14.35
CA LYS B 71 24.13 -17.56 14.49
C LYS B 71 23.14 -18.02 13.43
N ALA B 72 23.64 -18.59 12.35
CA ALA B 72 22.78 -19.08 11.27
C ALA B 72 23.40 -20.35 10.71
N ILE B 73 22.59 -21.21 10.11
CA ILE B 73 23.13 -22.45 9.58
C ILE B 73 22.27 -23.05 8.47
N ALA B 74 22.90 -23.32 7.33
CA ALA B 74 22.21 -23.90 6.20
C ALA B 74 22.65 -25.36 6.12
N ALA B 75 21.69 -26.27 5.98
CA ALA B 75 21.99 -27.69 5.89
C ALA B 75 21.28 -28.29 4.70
N PHE B 76 22.06 -28.84 3.77
CA PHE B 76 21.52 -29.44 2.56
C PHE B 76 21.82 -30.93 2.41
N ARG B 77 21.08 -31.56 1.52
CA ARG B 77 21.26 -32.96 1.17
C ARG B 77 21.14 -32.99 -0.35
N VAL B 78 22.23 -32.62 -1.01
CA VAL B 78 22.29 -32.57 -2.46
C VAL B 78 22.21 -33.98 -3.05
N VAL B 79 21.11 -34.28 -3.73
CA VAL B 79 20.92 -35.61 -4.30
C VAL B 79 20.94 -35.58 -5.83
N ASP B 80 21.21 -34.42 -6.40
CA ASP B 80 21.25 -34.26 -7.85
C ASP B 80 21.96 -32.95 -8.09
N ASP B 81 22.05 -32.52 -9.35
CA ASP B 81 22.70 -31.25 -9.59
C ASP B 81 21.67 -30.15 -9.30
N LEU B 82 22.10 -29.12 -8.57
CA LEU B 82 21.24 -28.02 -8.18
C LEU B 82 20.46 -27.34 -9.30
N LYS B 83 20.80 -27.62 -10.56
CA LYS B 83 20.08 -27.00 -11.66
C LYS B 83 18.61 -27.42 -11.62
N ARG B 84 18.35 -28.60 -11.09
CA ARG B 84 16.98 -29.11 -11.00
C ARG B 84 16.27 -28.39 -9.87
N GLY B 85 16.99 -27.46 -9.24
CA GLY B 85 16.43 -26.72 -8.13
C GLY B 85 16.29 -27.64 -6.93
N LEU B 86 15.91 -27.10 -5.79
CA LEU B 86 15.74 -27.94 -4.63
C LEU B 86 14.51 -27.51 -3.83
N ASN B 87 14.09 -28.34 -2.88
CA ASN B 87 12.95 -28.00 -2.05
C ASN B 87 13.48 -27.60 -0.68
N LEU B 88 13.21 -26.37 -0.30
CA LEU B 88 13.68 -25.83 0.97
C LEU B 88 12.56 -25.37 1.88
N VAL B 89 12.85 -25.42 3.17
CA VAL B 89 11.93 -24.93 4.18
C VAL B 89 12.84 -24.06 5.05
N VAL B 90 12.52 -22.78 5.17
CA VAL B 90 13.32 -21.86 5.95
C VAL B 90 12.59 -21.32 7.16
N ALA B 91 13.31 -21.24 8.27
CA ALA B 91 12.75 -20.73 9.51
C ALA B 91 13.76 -19.78 10.14
N HIS B 92 13.37 -19.13 11.24
CA HIS B 92 14.28 -18.24 11.93
C HIS B 92 14.50 -18.77 13.33
N ILE B 93 15.71 -18.62 13.86
CA ILE B 93 16.01 -19.16 15.18
C ILE B 93 16.20 -18.13 16.29
N ASP B 94 15.84 -16.88 16.01
CA ASP B 94 15.93 -15.83 17.02
C ASP B 94 14.52 -15.58 17.54
N SER B 95 14.40 -15.15 18.80
CA SER B 95 13.10 -14.86 19.40
C SER B 95 13.15 -13.57 20.21
N PRO B 96 11.99 -12.92 20.41
CA PRO B 96 12.04 -11.67 21.19
C PRO B 96 12.75 -11.97 22.52
N ARG B 97 13.57 -11.04 22.97
CA ARG B 97 14.35 -11.23 24.20
C ARG B 97 14.81 -9.87 24.72
N LEU B 98 15.64 -9.92 25.76
CA LEU B 98 16.22 -8.71 26.34
C LEU B 98 17.73 -8.80 26.16
N ASP B 99 18.34 -7.71 25.73
CA ASP B 99 19.80 -7.68 25.54
C ASP B 99 20.50 -6.76 26.53
N PHE B 100 21.70 -7.16 26.96
CA PHE B 100 22.49 -6.33 27.86
C PHE B 100 23.06 -5.19 27.01
N LYS B 101 23.10 -3.98 27.55
CA LYS B 101 23.68 -2.86 26.79
C LYS B 101 25.19 -3.05 26.79
N PRO B 102 25.92 -2.25 26.00
CA PRO B 102 27.39 -2.37 25.99
C PRO B 102 27.95 -2.22 27.41
N ASN B 103 27.50 -1.18 28.10
CA ASN B 103 27.87 -0.94 29.50
C ASN B 103 26.56 -1.20 30.24
N PRO B 104 26.34 -2.45 30.67
CA PRO B 104 25.13 -2.87 31.38
C PRO B 104 25.13 -2.67 32.89
N LEU B 105 26.31 -2.74 33.51
CA LEU B 105 26.42 -2.63 34.96
C LEU B 105 26.45 -1.22 35.56
N ILE B 106 25.48 -0.96 36.44
CA ILE B 106 25.37 0.32 37.12
C ILE B 106 24.86 0.04 38.53
N GLU B 107 24.90 1.05 39.39
CA GLU B 107 24.40 0.91 40.75
C GLU B 107 23.49 2.10 41.01
N ASP B 108 22.39 1.86 41.72
CA ASP B 108 21.45 2.91 42.05
C ASP B 108 20.71 2.53 43.32
N GLU B 109 20.76 3.41 44.32
CA GLU B 109 20.13 3.17 45.60
C GLU B 109 20.70 1.93 46.27
N GLN B 110 22.01 1.74 46.10
CA GLN B 110 22.74 0.60 46.68
C GLN B 110 22.33 -0.75 46.07
N ILE B 111 21.97 -0.73 44.80
CA ILE B 111 21.57 -1.95 44.10
C ILE B 111 22.25 -2.08 42.75
N ALA B 112 23.03 -3.15 42.58
CA ALA B 112 23.70 -3.40 41.31
C ALA B 112 22.61 -3.78 40.30
N LEU B 113 22.65 -3.17 39.13
CA LEU B 113 21.65 -3.42 38.09
C LEU B 113 22.26 -3.72 36.72
N PHE B 114 21.55 -4.51 35.93
CA PHE B 114 22.00 -4.84 34.58
C PHE B 114 21.01 -4.20 33.60
N LYS B 115 21.45 -3.15 32.92
CA LYS B 115 20.60 -2.46 31.96
C LYS B 115 20.46 -3.27 30.67
N THR B 116 19.26 -3.33 30.14
CA THR B 116 19.02 -4.07 28.93
C THR B 116 18.49 -3.20 27.81
N HIS B 117 18.20 -3.83 26.70
CA HIS B 117 17.65 -3.15 25.53
C HIS B 117 16.86 -4.25 24.86
N TYR B 118 15.55 -4.26 25.05
CA TYR B 118 14.71 -5.30 24.48
C TYR B 118 14.94 -5.53 22.99
N TYR B 119 14.74 -6.78 22.58
CA TYR B 119 14.93 -7.20 21.19
C TYR B 119 13.63 -7.77 20.63
N GLY B 120 13.20 -7.28 19.49
CA GLY B 120 11.98 -7.79 18.89
C GLY B 120 10.69 -7.25 19.49
N GLY B 121 9.57 -7.76 18.99
CA GLY B 121 8.27 -7.31 19.46
C GLY B 121 7.78 -7.97 20.73
N ILE B 122 8.34 -7.57 21.87
CA ILE B 122 7.92 -8.15 23.12
C ILE B 122 6.83 -7.27 23.73
N LYS B 123 6.12 -7.81 24.71
CA LYS B 123 5.11 -7.05 25.44
C LYS B 123 5.87 -6.79 26.73
N LYS B 124 6.42 -5.58 26.87
CA LYS B 124 7.20 -5.26 28.05
C LYS B 124 6.69 -5.76 29.40
N TYR B 125 5.38 -5.67 29.65
CA TYR B 125 4.86 -6.11 30.94
C TYR B 125 5.02 -7.59 31.23
N HIS B 126 5.34 -8.38 30.21
CA HIS B 126 5.52 -9.82 30.38
C HIS B 126 6.76 -10.16 31.18
N TRP B 127 7.80 -9.33 31.03
CA TRP B 127 9.08 -9.59 31.68
C TRP B 127 9.28 -9.09 33.11
N LEU B 128 8.26 -8.45 33.67
CA LEU B 128 8.38 -7.97 35.04
C LEU B 128 7.92 -9.05 36.01
N SER B 129 8.66 -9.25 37.08
CA SER B 129 8.34 -10.23 38.11
C SER B 129 8.24 -11.69 37.66
N ILE B 130 9.23 -12.16 36.91
CA ILE B 130 9.27 -13.55 36.48
C ILE B 130 10.73 -13.94 36.54
N PRO B 131 11.03 -15.23 36.78
CA PRO B 131 12.42 -15.65 36.84
C PRO B 131 13.07 -15.64 35.46
N LEU B 132 14.25 -15.02 35.36
CA LEU B 132 15.00 -14.91 34.12
C LEU B 132 16.38 -15.57 34.23
N GLU B 133 16.97 -15.90 33.09
CA GLU B 133 18.30 -16.48 33.07
C GLU B 133 19.10 -15.81 31.96
N ILE B 134 20.41 -15.70 32.10
CA ILE B 134 21.19 -15.06 31.06
C ILE B 134 22.11 -16.00 30.31
N HIS B 135 22.21 -15.79 29.01
CA HIS B 135 23.01 -16.63 28.13
C HIS B 135 23.73 -15.79 27.08
N GLY B 136 25.01 -16.06 26.88
CA GLY B 136 25.77 -15.31 25.90
C GLY B 136 27.26 -15.56 25.88
N VAL B 137 28.00 -14.62 25.30
CA VAL B 137 29.45 -14.74 25.18
C VAL B 137 30.12 -13.38 25.38
N LEU B 138 31.27 -13.38 26.05
CA LEU B 138 32.03 -12.16 26.27
C LEU B 138 33.45 -12.46 25.82
N PHE B 139 34.17 -11.43 25.37
CA PHE B 139 35.54 -11.63 24.96
C PHE B 139 36.46 -10.74 25.76
N LYS B 140 37.52 -11.31 26.32
CA LYS B 140 38.48 -10.51 27.08
C LYS B 140 39.21 -9.65 26.04
N ASN B 141 40.00 -8.69 26.51
CA ASN B 141 40.71 -7.82 25.57
C ASN B 141 41.76 -8.58 24.74
N ASP B 142 42.13 -9.76 25.22
CA ASP B 142 43.13 -10.57 24.54
C ASP B 142 42.54 -11.53 23.52
N GLY B 143 41.22 -11.56 23.41
CA GLY B 143 40.60 -12.45 22.44
C GLY B 143 39.94 -13.68 23.04
N THR B 144 40.25 -13.99 24.29
CA THR B 144 39.67 -15.16 24.97
C THR B 144 38.15 -15.11 24.96
N GLU B 145 37.51 -16.22 24.61
CA GLU B 145 36.06 -16.28 24.59
C GLU B 145 35.54 -16.86 25.90
N ILE B 146 34.63 -16.13 26.54
CA ILE B 146 34.01 -16.56 27.80
C ILE B 146 32.51 -16.79 27.59
N GLU B 147 32.04 -18.00 27.88
CA GLU B 147 30.63 -18.30 27.74
C GLU B 147 29.91 -18.08 29.06
N ILE B 148 28.71 -17.50 28.99
CA ILE B 148 27.93 -17.23 30.18
C ILE B 148 26.58 -17.95 30.09
N HIS B 149 26.29 -18.74 31.12
CA HIS B 149 25.04 -19.48 31.22
C HIS B 149 24.72 -19.55 32.70
N ILE B 150 23.94 -18.57 33.17
CA ILE B 150 23.58 -18.50 34.57
C ILE B 150 22.09 -18.51 34.75
N GLY B 151 21.58 -19.57 35.36
CA GLY B 151 20.15 -19.64 35.61
C GLY B 151 19.50 -20.87 35.03
N ASP B 152 20.19 -21.53 34.10
CA ASP B 152 19.67 -22.72 33.44
C ASP B 152 19.85 -23.99 34.27
N LYS B 153 20.58 -23.87 35.39
CA LYS B 153 20.83 -25.01 36.25
C LYS B 153 20.40 -24.69 37.68
N PRO B 154 19.91 -25.71 38.41
CA PRO B 154 19.49 -25.49 39.81
C PRO B 154 20.76 -25.55 40.63
N GLU B 155 21.25 -24.39 41.05
CA GLU B 155 22.49 -24.27 41.82
C GLU B 155 22.86 -22.86 41.41
N ASP B 156 22.40 -22.53 40.21
CA ASP B 156 22.59 -21.22 39.60
C ASP B 156 21.52 -20.31 40.17
N PRO B 157 21.84 -19.03 40.30
CA PRO B 157 20.83 -18.12 40.82
C PRO B 157 20.13 -17.66 39.54
N VAL B 158 18.92 -17.13 39.67
CA VAL B 158 18.21 -16.64 38.50
C VAL B 158 18.09 -15.15 38.70
N PHE B 159 17.68 -14.43 37.65
CA PHE B 159 17.54 -12.98 37.76
C PHE B 159 16.09 -12.54 37.66
N THR B 160 15.85 -11.26 37.90
CA THR B 160 14.50 -10.75 37.86
C THR B 160 14.48 -9.24 37.69
N ILE B 161 13.34 -8.74 37.22
CA ILE B 161 13.09 -7.33 37.01
C ILE B 161 11.83 -7.06 37.81
N PRO B 162 11.95 -6.91 39.15
CA PRO B 162 10.79 -6.67 40.01
C PRO B 162 9.89 -5.51 39.62
N ASP B 163 8.60 -5.81 39.49
CA ASP B 163 7.60 -4.81 39.17
C ASP B 163 7.37 -4.03 40.46
N LEU B 164 6.65 -2.91 40.38
CA LEU B 164 6.33 -2.09 41.54
C LEU B 164 5.06 -2.68 42.14
N LEU B 165 5.00 -2.73 43.47
CA LEU B 165 3.81 -3.29 44.12
C LEU B 165 2.55 -2.48 43.84
N PRO B 166 1.42 -3.16 43.63
CA PRO B 166 0.15 -2.49 43.34
C PRO B 166 -0.22 -1.39 44.33
N HIS B 167 0.19 -1.59 45.58
CA HIS B 167 -0.08 -0.65 46.65
C HIS B 167 0.35 0.77 46.38
N LEU B 168 1.52 0.94 45.78
CA LEU B 168 2.03 2.27 45.50
C LEU B 168 1.99 2.65 44.03
N ASP B 169 1.53 1.73 43.18
CA ASP B 169 1.43 2.00 41.75
C ASP B 169 0.14 2.82 41.55
N LYS B 170 0.29 4.14 41.52
CA LYS B 170 -0.86 5.04 41.39
C LYS B 170 -1.34 5.38 39.98
N GLU B 171 -0.52 6.12 39.23
CA GLU B 171 -0.89 6.52 37.87
C GLU B 171 -1.38 5.38 36.98
N ASP B 172 -2.65 5.48 36.59
CA ASP B 172 -3.28 4.49 35.71
C ASP B 172 -3.09 4.90 34.25
N ALA B 173 -1.88 4.71 33.74
CA ALA B 173 -1.59 5.07 32.36
C ALA B 173 -2.05 3.98 31.40
N LYS B 174 -1.77 4.17 30.11
CA LYS B 174 -2.15 3.20 29.09
C LYS B 174 -0.89 2.42 28.71
N ILE B 175 -1.07 1.13 28.39
CA ILE B 175 0.04 0.26 28.03
C ILE B 175 1.22 0.93 27.34
N SER B 176 0.96 1.86 26.42
CA SER B 176 2.03 2.57 25.73
C SER B 176 2.98 3.13 26.78
N GLU B 177 2.52 4.15 27.51
CA GLU B 177 3.31 4.74 28.60
C GLU B 177 3.30 3.66 29.67
N LYS B 178 4.10 3.81 30.72
CA LYS B 178 4.14 2.78 31.75
C LYS B 178 4.84 1.60 31.10
N PHE B 179 5.80 1.01 31.80
CA PHE B 179 6.58 -0.09 31.22
C PHE B 179 7.48 0.59 30.21
N LYS B 180 8.49 1.30 30.72
CA LYS B 180 9.44 1.97 29.86
C LYS B 180 10.55 0.96 29.58
N GLY B 181 10.94 0.84 28.31
CA GLY B 181 12.02 -0.08 27.98
C GLY B 181 13.22 0.11 28.91
N GLU B 182 13.51 1.35 29.28
CA GLU B 182 14.63 1.66 30.16
C GLU B 182 14.58 1.00 31.54
N ASN B 183 13.38 0.85 32.11
CA ASN B 183 13.25 0.26 33.43
C ASN B 183 13.34 -1.26 33.46
N LEU B 184 13.74 -1.87 32.35
CA LEU B 184 13.86 -3.31 32.30
C LEU B 184 15.30 -3.68 32.61
N LEU B 186 17.82 -5.97 35.18
CA LEU B 186 17.84 -7.11 36.09
C LEU B 186 18.60 -6.72 37.35
N ILE B 187 18.18 -7.24 38.49
CA ILE B 187 18.90 -6.95 39.72
C ILE B 187 20.18 -7.77 39.71
N ALA B 188 21.32 -7.09 39.73
CA ALA B 188 22.63 -7.74 39.68
C ALA B 188 23.12 -8.24 41.04
N GLY B 189 23.00 -7.38 42.05
CA GLY B 189 23.43 -7.74 43.38
C GLY B 189 22.98 -6.70 44.38
N THR B 190 23.07 -7.03 45.66
CA THR B 190 22.64 -6.11 46.71
C THR B 190 23.65 -6.01 47.85
N ILE B 191 24.57 -6.97 47.91
CA ILE B 191 25.62 -7.01 48.94
C ILE B 191 26.74 -6.01 48.63
N PRO B 192 27.12 -5.18 49.61
CA PRO B 192 28.19 -4.23 49.37
C PRO B 192 29.54 -4.74 49.87
N LEU B 193 30.58 -4.56 49.06
CA LEU B 193 31.92 -4.97 49.43
C LEU B 193 32.38 -4.02 50.53
N SER B 194 32.75 -4.55 51.69
CA SER B 194 33.17 -3.71 52.81
C SER B 194 34.50 -3.02 52.51
N GLY B 195 34.58 -1.74 52.85
CA GLY B 195 35.80 -1.00 52.60
C GLY B 195 35.71 -0.09 51.39
N GLU B 196 34.71 -0.33 50.55
CA GLU B 196 34.52 0.49 49.35
C GLU B 196 33.75 1.76 49.67
N GLU B 197 34.35 2.90 49.32
CA GLU B 197 33.76 4.20 49.55
C GLU B 197 32.68 4.54 48.53
N LYS B 198 32.83 4.07 47.30
CA LYS B 198 31.83 4.36 46.26
C LYS B 198 31.33 3.14 45.49
N GLU B 199 30.03 3.14 45.22
CA GLU B 199 29.37 2.06 44.50
C GLU B 199 29.88 0.69 44.95
N ALA B 200 29.78 0.45 46.26
CA ALA B 200 30.25 -0.78 46.87
C ALA B 200 29.61 -2.05 46.33
N VAL B 201 28.31 -2.00 46.04
CA VAL B 201 27.63 -3.19 45.54
C VAL B 201 28.09 -3.54 44.13
N LYS B 202 28.18 -2.54 43.26
CA LYS B 202 28.62 -2.75 41.89
C LYS B 202 30.03 -3.34 41.86
N THR B 203 30.89 -2.88 42.76
CA THR B 203 32.25 -3.37 42.81
C THR B 203 32.26 -4.85 43.20
N ASN B 204 31.40 -5.21 44.14
CA ASN B 204 31.33 -6.58 44.59
C ASN B 204 30.90 -7.52 43.46
N VAL B 205 29.99 -7.06 42.62
CA VAL B 205 29.52 -7.88 41.51
C VAL B 205 30.66 -8.08 40.51
N LEU B 206 31.42 -7.02 40.25
CA LEU B 206 32.56 -7.14 39.33
C LEU B 206 33.60 -8.03 39.96
N LYS B 207 33.72 -7.97 41.29
CA LYS B 207 34.67 -8.80 42.02
C LYS B 207 34.25 -10.27 41.88
N ILE B 208 32.95 -10.54 41.91
CA ILE B 208 32.44 -11.89 41.76
C ILE B 208 32.65 -12.36 40.33
N LEU B 209 32.31 -11.50 39.37
CA LEU B 209 32.45 -11.79 37.95
C LEU B 209 33.89 -12.02 37.53
N ASN B 210 34.82 -11.33 38.18
CA ASN B 210 36.22 -11.48 37.85
C ASN B 210 36.86 -12.73 38.44
N GLU B 211 36.35 -13.19 39.58
CA GLU B 211 36.89 -14.41 40.20
C GLU B 211 36.28 -15.63 39.50
N TYR B 213 35.04 -15.51 36.05
CA TYR B 213 35.41 -15.52 34.64
C TYR B 213 36.65 -14.73 34.30
N GLY B 214 37.20 -14.02 35.29
CA GLY B 214 38.40 -13.25 35.03
C GLY B 214 38.12 -12.13 34.04
N ILE B 215 36.88 -11.65 34.05
CA ILE B 215 36.47 -10.57 33.16
C ILE B 215 36.53 -9.24 33.90
N THR B 216 36.42 -8.16 33.14
CA THR B 216 36.41 -6.81 33.71
C THR B 216 35.22 -6.10 33.08
N GLU B 217 34.78 -5.02 33.70
CA GLU B 217 33.63 -4.31 33.18
C GLU B 217 33.67 -3.96 31.70
N GLU B 218 34.86 -3.73 31.15
CA GLU B 218 34.96 -3.37 29.73
C GLU B 218 34.69 -4.54 28.80
N ASP B 219 34.74 -5.75 29.35
CA ASP B 219 34.51 -6.94 28.54
C ASP B 219 33.05 -7.13 28.10
N PHE B 220 32.13 -6.38 28.71
CA PHE B 220 30.72 -6.46 28.32
C PHE B 220 30.50 -5.74 26.99
N VAL B 221 31.39 -4.81 26.66
CA VAL B 221 31.26 -4.07 25.40
C VAL B 221 31.44 -5.07 24.27
N SER B 222 32.53 -5.84 24.32
CA SER B 222 32.78 -6.84 23.30
C SER B 222 32.06 -8.12 23.71
N GLY B 223 30.77 -7.99 23.98
CA GLY B 223 29.99 -9.14 24.38
C GLY B 223 28.54 -9.10 23.93
N GLU B 224 27.87 -10.24 24.03
CA GLU B 224 26.47 -10.39 23.66
C GLU B 224 25.76 -11.32 24.65
N ILE B 225 24.99 -10.73 25.56
CA ILE B 225 24.26 -11.47 26.56
C ILE B 225 22.75 -11.29 26.47
N GLU B 226 22.05 -12.40 26.31
CA GLU B 226 20.60 -12.33 26.20
C GLU B 226 19.90 -12.76 27.48
N VAL B 227 18.79 -12.11 27.77
CA VAL B 227 17.98 -12.41 28.95
C VAL B 227 16.74 -13.18 28.47
N VAL B 228 16.61 -14.39 28.98
CA VAL B 228 15.52 -15.30 28.61
C VAL B 228 14.76 -15.78 29.85
N PRO B 229 13.46 -16.07 29.71
CA PRO B 229 12.73 -16.54 30.89
C PRO B 229 13.30 -17.87 31.44
N ALA B 230 13.33 -17.98 32.76
CA ALA B 230 13.89 -19.17 33.41
C ALA B 230 13.10 -20.45 33.23
N PHE B 231 11.77 -20.38 33.19
CA PHE B 231 10.99 -21.62 33.05
C PHE B 231 11.23 -22.47 31.81
N SER B 232 11.20 -23.78 32.04
CA SER B 232 11.42 -24.80 31.03
C SER B 232 10.15 -25.30 30.39
N PRO B 233 10.25 -25.93 29.20
CA PRO B 233 9.10 -26.46 28.46
C PRO B 233 8.32 -27.46 29.32
N ARG B 234 7.00 -27.34 29.31
CA ARG B 234 6.13 -28.24 30.08
C ARG B 234 4.90 -28.63 29.27
N GLU B 235 4.31 -29.78 29.60
CA GLU B 235 3.08 -30.20 28.93
C GLU B 235 2.07 -29.21 29.47
N VAL B 236 0.97 -29.01 28.75
CA VAL B 236 -0.05 -28.08 29.20
C VAL B 236 -1.46 -28.63 29.03
N GLY B 237 -2.27 -28.46 30.06
CA GLY B 237 -3.65 -28.91 30.01
C GLY B 237 -3.96 -30.15 30.81
N ASP B 239 -5.69 -32.50 29.51
CA ASP B 239 -5.51 -33.56 28.51
C ASP B 239 -4.06 -33.61 28.03
N ARG B 240 -3.24 -32.68 28.50
CA ARG B 240 -1.83 -32.65 28.14
C ARG B 240 -1.61 -32.56 26.63
N SER B 241 -2.54 -31.92 25.94
CA SER B 241 -2.46 -31.79 24.50
C SER B 241 -1.58 -30.64 24.02
N LEU B 242 -1.25 -29.71 24.90
CA LEU B 242 -0.45 -28.56 24.51
C LEU B 242 0.93 -28.52 25.12
N ILE B 243 1.81 -27.75 24.49
CA ILE B 243 3.18 -27.58 24.99
C ILE B 243 3.39 -26.10 25.32
N GLY B 244 4.03 -25.84 26.45
CA GLY B 244 4.32 -24.48 26.86
C GLY B 244 5.82 -24.32 26.92
N ALA B 245 6.35 -23.32 26.20
CA ALA B 245 7.78 -23.09 26.20
C ALA B 245 8.11 -21.72 25.65
N TYR B 246 9.23 -21.17 26.06
CA TYR B 246 9.67 -19.87 25.56
C TYR B 246 10.31 -20.07 24.19
N GLY B 247 10.10 -19.09 23.31
CA GLY B 247 10.70 -19.15 22.00
C GLY B 247 10.12 -20.14 21.00
N GLN B 248 8.89 -20.58 21.21
CA GLN B 248 8.31 -21.51 20.26
C GLN B 248 8.23 -20.78 18.92
N ASP B 249 8.24 -19.44 18.96
CA ASP B 249 8.18 -18.64 17.74
C ASP B 249 9.36 -19.02 16.88
N ASP B 250 9.11 -20.08 16.11
CA ASP B 250 10.00 -20.68 15.14
C ASP B 250 11.07 -21.65 15.54
N ARG B 251 11.37 -21.77 16.81
CA ARG B 251 12.35 -22.78 17.19
C ARG B 251 11.56 -24.06 16.91
N ILE B 252 10.23 -23.93 17.00
CA ILE B 252 9.31 -25.04 16.75
C ILE B 252 9.31 -25.40 15.26
N CYS B 253 9.29 -24.40 14.39
CA CYS B 253 9.29 -24.68 12.97
C CYS B 253 10.66 -25.19 12.55
N ALA B 254 11.71 -24.64 13.17
CA ALA B 254 13.06 -25.04 12.86
C ALA B 254 13.29 -26.49 13.26
N TYR B 255 12.73 -26.88 14.41
CA TYR B 255 12.90 -28.24 14.89
C TYR B 255 12.20 -29.24 14.00
N THR B 256 10.92 -29.02 13.74
CA THR B 256 10.17 -29.93 12.88
C THR B 256 10.76 -29.98 11.48
N ALA B 257 11.28 -28.86 10.98
CA ALA B 257 11.87 -28.85 9.66
C ALA B 257 13.15 -29.68 9.66
N LEU B 258 13.91 -29.56 10.75
CA LEU B 258 15.17 -30.28 10.93
C LEU B 258 14.90 -31.77 10.90
N ARG B 259 13.99 -32.21 11.75
CA ARG B 259 13.64 -33.62 11.85
C ARG B 259 13.08 -34.15 10.56
N ALA B 260 12.39 -33.27 9.83
CA ALA B 260 11.82 -33.64 8.54
C ALA B 260 12.94 -33.80 7.53
N LEU B 261 14.03 -33.04 7.70
CA LEU B 261 15.16 -33.11 6.78
C LEU B 261 15.94 -34.41 6.95
N LEU B 262 16.03 -34.89 8.19
CA LEU B 262 16.77 -36.11 8.48
C LEU B 262 16.04 -37.37 8.05
N SER B 263 14.74 -37.45 8.30
CA SER B 263 13.98 -38.64 7.95
C SER B 263 13.38 -38.66 6.56
N ALA B 264 13.53 -37.59 5.80
CA ALA B 264 12.96 -37.54 4.45
C ALA B 264 13.76 -38.38 3.47
N ASN B 265 13.07 -38.90 2.46
CA ASN B 265 13.68 -39.70 1.41
C ASN B 265 13.36 -38.92 0.13
N PRO B 266 14.21 -37.96 -0.22
CA PRO B 266 14.13 -37.06 -1.37
C PRO B 266 14.23 -37.66 -2.78
N GLU B 267 13.66 -36.91 -3.73
CA GLU B 267 13.67 -37.27 -5.14
C GLU B 267 14.55 -36.23 -5.84
N LYS B 268 14.72 -35.08 -5.19
CA LYS B 268 15.57 -34.00 -5.67
C LYS B 268 16.20 -33.38 -4.43
N SER B 269 17.26 -32.58 -4.62
CA SER B 269 17.92 -31.96 -3.48
C SER B 269 16.95 -31.19 -2.61
N ILE B 270 17.20 -31.21 -1.30
CA ILE B 270 16.34 -30.53 -0.35
C ILE B 270 17.20 -29.86 0.70
N GLY B 271 16.60 -28.97 1.48
CA GLY B 271 17.36 -28.28 2.51
C GLY B 271 16.58 -27.42 3.48
N VAL B 272 17.25 -27.08 4.57
CA VAL B 272 16.67 -26.25 5.62
C VAL B 272 17.65 -25.13 5.94
N ILE B 273 17.14 -23.91 6.03
CA ILE B 273 18.00 -22.78 6.36
C ILE B 273 17.45 -22.05 7.58
N PHE B 274 18.27 -21.90 8.62
CA PHE B 274 17.87 -21.25 9.86
C PHE B 274 18.50 -19.87 9.97
N PHE B 275 17.67 -18.84 9.91
CA PHE B 275 18.16 -17.48 10.00
C PHE B 275 18.03 -16.80 11.35
N ASP B 276 18.81 -15.73 11.49
CA ASP B 276 18.88 -14.93 12.69
C ASP B 276 18.26 -13.58 12.31
N LYS B 277 18.36 -12.60 13.20
CA LYS B 277 17.86 -11.26 12.94
C LYS B 277 16.47 -11.10 12.31
N GLU B 278 15.63 -12.11 12.36
CA GLU B 278 14.30 -12.02 11.76
C GLU B 278 13.33 -11.16 12.56
N GLU B 279 13.44 -11.18 13.88
CA GLU B 279 12.54 -10.40 14.72
C GLU B 279 12.75 -8.89 14.63
N ILE B 280 13.75 -8.46 13.87
CA ILE B 280 14.00 -7.02 13.72
C ILE B 280 14.02 -6.59 12.26
N GLY B 281 13.60 -7.49 11.39
CA GLY B 281 13.57 -7.17 9.97
C GLY B 281 14.62 -7.84 9.10
N SER B 282 15.29 -8.85 9.62
CA SER B 282 16.33 -9.59 8.88
C SER B 282 17.51 -8.79 8.34
N ASP B 283 18.00 -7.82 9.12
CA ASP B 283 19.14 -7.02 8.70
C ASP B 283 20.40 -7.62 9.29
N GLY B 284 21.53 -7.44 8.63
CA GLY B 284 22.78 -7.98 9.14
C GLY B 284 23.31 -9.20 8.40
N ASN B 285 24.47 -9.68 8.86
CA ASN B 285 25.17 -10.84 8.30
C ASN B 285 24.43 -12.17 8.37
N THR B 286 23.71 -12.38 9.47
CA THR B 286 23.01 -13.63 9.71
C THR B 286 21.52 -13.66 9.36
N GLY B 287 21.03 -12.60 8.73
CA GLY B 287 19.64 -12.52 8.37
C GLY B 287 19.23 -13.27 7.11
N ALA B 288 17.93 -13.26 6.82
CA ALA B 288 17.37 -13.95 5.67
C ALA B 288 17.72 -13.26 4.35
N LYS B 289 18.31 -12.08 4.44
CA LYS B 289 18.66 -11.39 3.21
C LYS B 289 20.11 -10.98 3.21
N ALA B 290 20.92 -11.67 4.01
CA ALA B 290 22.33 -11.37 4.16
C ALA B 290 23.36 -12.03 3.24
N ARG B 291 22.99 -12.32 1.99
CA ARG B 291 23.96 -12.91 1.06
C ARG B 291 24.43 -14.33 1.38
N PHE B 292 24.38 -14.71 2.66
CA PHE B 292 24.80 -16.04 3.10
C PHE B 292 24.12 -17.16 2.31
N TYR B 293 22.81 -17.05 2.16
CA TYR B 293 21.99 -18.01 1.45
C TYR B 293 22.49 -18.35 0.04
N LEU B 294 22.67 -17.34 -0.81
CA LEU B 294 23.12 -17.61 -2.18
C LEU B 294 24.59 -17.98 -2.23
N LYS B 295 25.37 -17.54 -1.25
CA LYS B 295 26.78 -17.86 -1.21
C LYS B 295 26.94 -19.37 -1.06
N ALA B 296 26.04 -19.97 -0.30
CA ALA B 296 26.09 -21.41 -0.07
C ALA B 296 25.73 -22.15 -1.35
N LEU B 297 24.68 -21.68 -2.01
CA LEU B 297 24.24 -22.30 -3.24
C LEU B 297 25.33 -22.20 -4.31
N ARG B 298 25.93 -21.02 -4.43
CA ARG B 298 27.00 -20.83 -5.42
C ARG B 298 28.14 -21.79 -5.12
N GLN B 299 28.50 -21.90 -3.84
CA GLN B 299 29.58 -22.78 -3.45
C GLN B 299 29.32 -24.17 -3.98
N ILE B 300 28.12 -24.69 -3.71
CA ILE B 300 27.72 -26.01 -4.16
C ILE B 300 27.72 -26.11 -5.69
N LEU B 301 27.26 -25.07 -6.36
CA LEU B 301 27.25 -25.09 -7.82
C LEU B 301 28.67 -25.23 -8.32
N LYS B 302 29.57 -24.40 -7.79
CA LYS B 302 30.97 -24.43 -8.19
C LYS B 302 31.58 -25.81 -7.97
N GLN B 304 30.03 -28.42 -8.41
CA GLN B 304 29.40 -29.28 -9.40
C GLN B 304 29.78 -28.90 -10.83
N GLY B 305 30.69 -27.94 -10.96
CA GLY B 305 31.11 -27.54 -12.29
C GLY B 305 30.53 -26.25 -12.80
N ALA B 306 29.85 -25.50 -11.94
CA ALA B 306 29.27 -24.23 -12.34
C ALA B 306 30.37 -23.34 -12.94
N LYS B 307 30.14 -22.89 -14.17
CA LYS B 307 31.10 -22.02 -14.85
C LYS B 307 30.76 -20.56 -14.59
N ASP B 308 29.53 -20.17 -14.88
CA ASP B 308 29.04 -18.81 -14.65
C ASP B 308 28.02 -18.94 -13.51
N SER B 309 28.51 -18.83 -12.28
CA SER B 309 27.68 -18.96 -11.07
C SER B 309 26.32 -18.27 -11.11
N GLU B 310 26.35 -16.96 -11.33
CA GLU B 310 25.13 -16.18 -11.33
C GLU B 310 24.14 -16.62 -12.39
N PHE B 311 24.64 -17.00 -13.57
CA PHE B 311 23.76 -17.44 -14.66
C PHE B 311 23.06 -18.75 -14.29
N VAL B 312 23.87 -19.74 -13.92
CA VAL B 312 23.36 -21.04 -13.52
C VAL B 312 22.38 -20.88 -12.37
N LEU B 313 22.76 -20.05 -11.39
CA LEU B 313 21.92 -19.82 -10.23
C LEU B 313 20.50 -19.39 -10.66
N ASP B 314 20.42 -18.60 -11.72
CA ASP B 314 19.11 -18.14 -12.21
C ASP B 314 18.17 -19.32 -12.36
N GLU B 315 18.67 -20.43 -12.86
CA GLU B 315 17.83 -21.61 -13.05
C GLU B 315 17.66 -22.35 -11.74
N VAL B 316 18.75 -22.48 -10.98
CA VAL B 316 18.65 -23.16 -9.70
C VAL B 316 17.46 -22.63 -8.92
N LEU B 317 17.38 -21.30 -8.80
CA LEU B 317 16.29 -20.65 -8.08
C LEU B 317 14.97 -20.63 -8.84
N GLU B 318 15.03 -20.72 -10.17
CA GLU B 318 13.81 -20.73 -11.01
C GLU B 318 13.02 -21.94 -10.57
N ASN B 319 13.72 -23.07 -10.46
CA ASN B 319 13.13 -24.30 -9.97
C ASN B 319 13.33 -24.05 -8.48
N THR B 320 13.09 -25.02 -7.62
CA THR B 320 13.25 -24.77 -6.18
C THR B 320 12.00 -24.15 -5.59
N SER B 321 11.33 -24.93 -4.75
CA SER B 321 10.13 -24.47 -4.09
C SER B 321 10.52 -24.18 -2.65
N VAL B 322 10.07 -23.06 -2.13
CA VAL B 322 10.42 -22.70 -0.76
C VAL B 322 9.22 -22.61 0.16
N ILE B 323 9.31 -23.36 1.25
CA ILE B 323 8.28 -23.35 2.26
C ILE B 323 8.85 -22.52 3.39
N SER B 324 8.24 -21.36 3.61
CA SER B 324 8.66 -20.46 4.68
C SER B 324 8.06 -21.04 5.96
N GLY B 325 8.90 -21.41 6.93
CA GLY B 325 8.41 -21.97 8.18
C GLY B 325 7.50 -21.02 8.92
N ASP B 326 7.94 -20.57 10.09
CA ASP B 326 7.18 -19.63 10.92
C ASP B 326 5.74 -19.96 11.32
N VAL B 327 5.43 -19.67 12.58
CA VAL B 327 4.11 -19.93 13.15
C VAL B 327 3.11 -18.82 12.87
N CYS B 328 1.84 -19.14 13.10
CA CYS B 328 0.75 -18.19 12.93
C CYS B 328 0.00 -18.11 14.26
N ALA B 329 -1.14 -17.43 14.28
CA ALA B 329 -1.90 -17.27 15.52
C ALA B 329 -3.23 -18.01 15.56
N ALA B 330 -3.39 -18.84 16.58
CA ALA B 330 -4.60 -19.64 16.78
C ALA B 330 -5.68 -18.80 17.46
N VAL B 331 -6.93 -19.24 17.41
CA VAL B 331 -7.99 -18.46 18.07
C VAL B 331 -7.85 -18.65 19.57
N ASN B 332 -7.81 -17.52 20.27
CA ASN B 332 -7.69 -17.44 21.72
C ASN B 332 -9.11 -17.03 22.11
N PRO B 333 -9.96 -17.99 22.45
CA PRO B 333 -11.36 -17.74 22.83
C PRO B 333 -11.71 -16.33 23.34
N PRO B 334 -11.15 -15.91 24.50
CA PRO B 334 -11.48 -14.56 25.00
C PRO B 334 -11.18 -13.43 24.06
N TYR B 335 -10.38 -13.67 23.02
CA TYR B 335 -10.05 -12.60 22.07
C TYR B 335 -10.33 -13.04 20.64
N LYS B 336 -11.34 -13.87 20.45
CA LYS B 336 -11.66 -14.36 19.12
C LYS B 336 -12.12 -13.30 18.12
N ASP B 337 -12.55 -12.13 18.62
CA ASP B 337 -13.00 -11.05 17.75
C ASP B 337 -11.87 -10.61 16.83
N VAL B 338 -10.66 -10.76 17.32
CA VAL B 338 -9.45 -10.42 16.59
C VAL B 338 -9.35 -11.15 15.25
N HIS B 339 -9.92 -12.35 15.19
CA HIS B 339 -9.90 -13.21 14.00
C HIS B 339 -11.16 -13.29 13.17
N ASP B 340 -11.00 -13.86 11.97
CA ASP B 340 -12.11 -14.11 11.07
C ASP B 340 -12.19 -15.62 11.20
N LEU B 341 -13.07 -16.10 12.08
CA LEU B 341 -13.17 -17.53 12.32
C LEU B 341 -13.16 -18.42 11.10
N HIS B 342 -13.82 -17.99 10.02
CA HIS B 342 -13.86 -18.80 8.82
C HIS B 342 -12.47 -18.92 8.17
N ASN B 343 -11.55 -18.03 8.53
CA ASN B 343 -10.20 -18.05 7.98
C ASN B 343 -9.10 -18.02 9.06
N ALA B 344 -9.42 -18.55 10.24
CA ALA B 344 -8.45 -18.58 11.35
C ALA B 344 -8.20 -20.02 11.79
N PRO B 345 -6.92 -20.36 12.09
CA PRO B 345 -6.52 -21.71 12.52
C PRO B 345 -6.89 -22.04 13.96
N LYS B 346 -7.28 -23.29 14.20
CA LYS B 346 -7.66 -23.76 15.53
C LYS B 346 -6.57 -24.71 16.02
N LEU B 347 -6.33 -24.72 17.33
CA LEU B 347 -5.33 -25.61 17.92
C LEU B 347 -5.67 -27.08 17.71
N GLY B 348 -4.77 -27.81 17.04
CA GLY B 348 -4.99 -29.22 16.81
C GLY B 348 -5.73 -29.60 15.54
N TYR B 349 -5.84 -28.67 14.59
CA TYR B 349 -6.53 -29.00 13.35
C TYR B 349 -5.60 -28.98 12.16
N GLY B 350 -4.33 -29.32 12.41
CA GLY B 350 -3.33 -29.39 11.36
C GLY B 350 -2.40 -28.21 11.09
N VAL B 351 -1.43 -28.44 10.22
CA VAL B 351 -0.46 -27.42 9.83
C VAL B 351 -1.24 -26.27 9.22
N ALA B 352 -0.87 -25.05 9.58
CA ALA B 352 -1.54 -23.89 9.03
C ALA B 352 -0.89 -23.54 7.71
N LEU B 353 -1.72 -23.35 6.68
CA LEU B 353 -1.24 -22.99 5.37
C LEU B 353 -1.63 -21.52 5.19
N VAL B 354 -0.66 -20.62 5.37
CA VAL B 354 -0.90 -19.20 5.25
C VAL B 354 -0.50 -18.71 3.86
N LYS B 355 -1.46 -18.21 3.09
CA LYS B 355 -1.20 -17.73 1.75
C LYS B 355 -0.50 -16.36 1.75
N TYR B 356 -0.89 -15.50 2.68
CA TYR B 356 -0.29 -14.17 2.76
C TYR B 356 -0.31 -13.62 4.17
N THR B 357 0.74 -12.89 4.54
CA THR B 357 0.87 -12.29 5.85
C THR B 357 0.66 -10.79 5.70
N GLY B 358 -0.60 -10.42 5.49
CA GLY B 358 -0.96 -9.03 5.30
C GLY B 358 -0.47 -7.96 6.26
N ALA B 359 -1.24 -6.87 6.24
CA ALA B 359 -1.02 -5.67 7.04
C ALA B 359 -1.74 -4.61 6.25
N ARG B 360 -2.86 -4.13 6.78
CA ARG B 360 -3.66 -3.09 6.12
C ARG B 360 -3.78 -3.24 4.61
N GLY B 361 -4.19 -4.40 4.14
CA GLY B 361 -4.35 -4.58 2.70
C GLY B 361 -3.20 -5.25 1.95
N LYS B 362 -2.55 -6.20 2.62
CA LYS B 362 -1.45 -6.97 2.05
C LYS B 362 -0.20 -6.17 1.71
N TYR B 363 0.17 -5.21 2.55
CA TYR B 363 1.36 -4.43 2.25
C TYR B 363 2.64 -5.14 2.69
N SER B 364 3.63 -5.13 1.81
CA SER B 364 4.93 -5.72 2.08
C SER B 364 4.89 -7.20 2.46
N THR B 365 4.12 -7.99 1.72
CA THR B 365 4.00 -9.41 2.00
C THR B 365 4.30 -10.26 0.78
N ASN B 366 4.34 -11.56 1.00
CA ASN B 366 4.54 -12.51 -0.06
C ASN B 366 3.25 -13.29 -0.22
N ASP B 367 2.42 -12.87 -1.15
CA ASP B 367 1.17 -13.55 -1.41
C ASP B 367 1.53 -14.68 -2.38
N ALA B 368 1.35 -15.93 -1.94
CA ALA B 368 1.66 -17.08 -2.77
C ALA B 368 0.72 -17.18 -3.97
N HIS B 369 1.26 -17.66 -5.08
CA HIS B 369 0.49 -17.80 -6.31
C HIS B 369 -0.45 -19.00 -6.24
N ALA B 370 -1.61 -18.84 -6.85
CA ALA B 370 -2.61 -19.90 -6.86
C ALA B 370 -1.98 -21.21 -7.32
N GLU B 371 -1.25 -21.17 -8.43
CA GLU B 371 -0.65 -22.39 -8.95
C GLU B 371 0.36 -23.04 -7.99
N PHE B 372 1.03 -22.24 -7.17
CA PHE B 372 1.99 -22.82 -6.23
C PHE B 372 1.26 -23.39 -5.00
N VAL B 373 0.17 -22.75 -4.61
CA VAL B 373 -0.64 -23.23 -3.50
C VAL B 373 -1.28 -24.54 -3.96
N ALA B 374 -1.69 -24.59 -5.22
CA ALA B 374 -2.31 -25.78 -5.80
C ALA B 374 -1.34 -26.94 -5.77
N ARG B 375 -0.07 -26.66 -6.04
CA ARG B 375 0.96 -27.70 -6.01
C ARG B 375 1.12 -28.26 -4.61
N VAL B 376 1.17 -27.35 -3.64
CA VAL B 376 1.30 -27.72 -2.24
C VAL B 376 0.06 -28.48 -1.77
N ARG B 377 -1.11 -27.97 -2.16
CA ARG B 377 -2.38 -28.58 -1.77
C ARG B 377 -2.50 -30.01 -2.30
N LYS B 378 -1.94 -30.25 -3.48
CA LYS B 378 -1.99 -31.58 -4.08
C LYS B 378 -1.13 -32.56 -3.29
N VAL B 379 0.08 -32.12 -2.93
CA VAL B 379 0.97 -32.97 -2.16
C VAL B 379 0.38 -33.27 -0.79
N LEU B 380 0.07 -32.24 -0.02
CA LEU B 380 -0.50 -32.44 1.32
C LEU B 380 -1.73 -33.35 1.26
N ASN B 381 -2.67 -33.06 0.36
CA ASN B 381 -3.87 -33.88 0.23
C ASN B 381 -3.53 -35.33 -0.09
N GLU B 382 -2.74 -35.53 -1.15
CA GLU B 382 -2.35 -36.87 -1.58
C GLU B 382 -1.60 -37.66 -0.52
N GLN B 383 -0.75 -36.99 0.26
CA GLN B 383 0.00 -37.66 1.31
C GLN B 383 -0.86 -37.84 2.56
N GLY B 384 -2.10 -37.38 2.50
CA GLY B 384 -2.98 -37.50 3.64
C GLY B 384 -2.57 -36.64 4.82
N VAL B 385 -1.96 -35.48 4.55
CA VAL B 385 -1.55 -34.59 5.63
C VAL B 385 -2.71 -33.69 6.03
N ILE B 386 -2.95 -33.57 7.34
CA ILE B 386 -4.03 -32.73 7.85
C ILE B 386 -3.58 -31.28 7.95
N TRP B 387 -4.30 -30.39 7.26
CA TRP B 387 -3.97 -28.98 7.25
C TRP B 387 -5.20 -28.11 7.28
N GLN B 388 -4.99 -26.82 7.53
CA GLN B 388 -6.06 -25.83 7.63
C GLN B 388 -5.52 -24.50 7.15
N VAL B 389 -6.37 -23.65 6.57
CA VAL B 389 -5.91 -22.34 6.10
C VAL B 389 -5.91 -21.37 7.27
N ALA B 390 -5.03 -20.38 7.22
CA ALA B 390 -4.96 -19.40 8.29
C ALA B 390 -4.55 -18.01 7.81
N THR B 391 -5.28 -17.00 8.27
CA THR B 391 -4.98 -15.62 7.93
C THR B 391 -4.56 -14.99 9.25
N LEU B 392 -3.67 -14.02 9.18
CA LEU B 392 -3.19 -13.35 10.38
C LEU B 392 -4.18 -12.29 10.90
N GLY B 393 -5.33 -12.75 11.40
CA GLY B 393 -6.34 -11.85 11.93
C GLY B 393 -7.24 -11.18 10.91
N LYS B 394 -8.25 -10.45 11.38
CA LYS B 394 -9.18 -9.74 10.51
C LYS B 394 -8.40 -8.76 9.65
N VAL B 395 -9.00 -8.35 8.53
CA VAL B 395 -8.37 -7.44 7.55
C VAL B 395 -7.44 -6.32 8.03
N ASP B 396 -7.92 -5.39 8.85
CA ASP B 396 -7.02 -4.32 9.30
C ASP B 396 -6.59 -4.44 10.77
N GLN B 397 -6.62 -5.67 11.30
CA GLN B 397 -6.26 -5.93 12.69
C GLN B 397 -4.81 -5.61 13.06
N GLY B 398 -3.86 -6.26 12.39
CA GLY B 398 -2.48 -6.00 12.72
C GLY B 398 -1.51 -6.37 11.63
N GLY B 399 -0.23 -6.29 11.95
CA GLY B 399 0.81 -6.58 10.99
C GLY B 399 1.23 -8.04 10.93
N GLY B 400 2.17 -8.30 10.03
CA GLY B 400 2.68 -9.64 9.83
C GLY B 400 3.83 -9.55 8.83
N GLY B 401 4.71 -10.53 8.84
CA GLY B 401 5.83 -10.50 7.92
C GLY B 401 6.83 -11.60 8.18
N THR B 402 6.82 -12.60 7.31
CA THR B 402 7.74 -13.72 7.43
C THR B 402 8.89 -13.45 6.48
N ILE B 403 9.87 -14.33 6.49
CA ILE B 403 11.04 -14.18 5.64
C ILE B 403 10.76 -14.61 4.20
N ALA B 404 9.55 -15.12 3.95
CA ALA B 404 9.18 -15.60 2.63
C ALA B 404 9.45 -14.64 1.46
N LYS B 405 9.21 -13.35 1.67
CA LYS B 405 9.44 -12.38 0.59
C LYS B 405 10.89 -12.26 0.18
N PHE B 406 11.80 -12.42 1.14
CA PHE B 406 13.21 -12.32 0.82
C PHE B 406 13.65 -13.44 -0.11
N PHE B 407 12.84 -14.50 -0.18
CA PHE B 407 13.15 -15.64 -1.03
C PHE B 407 12.43 -15.59 -2.37
N ALA B 408 11.22 -15.05 -2.38
CA ALA B 408 10.47 -14.93 -3.61
C ALA B 408 11.20 -13.87 -4.44
N GLU B 409 11.84 -12.95 -3.74
CA GLU B 409 12.58 -11.87 -4.36
C GLU B 409 13.70 -12.47 -5.19
N ARG B 410 14.22 -13.62 -4.74
CA ARG B 410 15.32 -14.27 -5.45
C ARG B 410 14.87 -15.17 -6.60
N GLY B 411 13.57 -15.18 -6.88
CA GLY B 411 13.06 -15.99 -7.98
C GLY B 411 12.30 -17.28 -7.68
N SER B 412 12.31 -17.73 -6.43
CA SER B 412 11.63 -18.96 -6.09
C SER B 412 10.18 -18.73 -5.72
N ASP B 413 9.40 -19.81 -5.70
CA ASP B 413 8.01 -19.73 -5.30
C ASP B 413 8.00 -20.07 -3.82
N VAL B 414 7.34 -19.24 -3.02
CA VAL B 414 7.30 -19.44 -1.59
C VAL B 414 5.88 -19.51 -1.08
N ILE B 415 5.72 -20.00 0.16
CA ILE B 415 4.44 -20.11 0.82
C ILE B 415 4.67 -20.30 2.30
N ASP B 416 3.93 -19.54 3.10
CA ASP B 416 4.04 -19.59 4.55
C ASP B 416 3.32 -20.83 5.08
N GLY B 418 3.09 -23.31 8.96
CA GLY B 418 3.55 -23.77 10.26
C GLY B 418 2.39 -23.93 11.23
N PRO B 419 2.65 -24.29 12.50
CA PRO B 419 1.56 -24.47 13.46
C PRO B 419 1.05 -23.15 14.03
N ALA B 420 -0.12 -23.23 14.67
CA ALA B 420 -0.73 -22.06 15.27
C ALA B 420 -0.37 -21.95 16.75
N LEU B 421 0.09 -20.78 17.16
CA LEU B 421 0.46 -20.55 18.55
C LEU B 421 -0.58 -19.73 19.26
N LEU B 422 -0.43 -19.69 20.58
CA LEU B 422 -1.31 -18.94 21.46
C LEU B 422 -0.36 -18.19 22.38
N GLY B 423 -0.48 -16.85 22.42
CA GLY B 423 0.40 -16.06 23.29
C GLY B 423 1.77 -15.87 22.68
N HIS B 425 5.14 -14.50 21.22
CA HIS B 425 6.04 -13.47 21.74
C HIS B 425 5.99 -13.30 23.24
N SER B 426 5.23 -14.13 23.93
CA SER B 426 5.19 -14.05 25.38
C SER B 426 6.30 -14.97 25.86
N PRO B 427 6.62 -14.94 27.16
CA PRO B 427 7.69 -15.85 27.60
C PRO B 427 7.27 -17.31 27.71
N PHE B 428 5.97 -17.59 27.54
CA PHE B 428 5.47 -18.96 27.63
C PHE B 428 4.43 -19.21 26.53
N GLU B 429 4.92 -19.35 25.29
CA GLU B 429 4.05 -19.58 24.15
C GLU B 429 3.42 -20.98 24.16
N ILE B 430 2.17 -21.07 23.70
CA ILE B 430 1.43 -22.33 23.67
C ILE B 430 1.27 -22.89 22.25
N SER B 431 1.45 -24.20 22.14
CA SER B 431 1.31 -24.90 20.87
C SER B 431 0.73 -26.28 21.16
N SER B 432 0.11 -26.87 20.14
CA SER B 432 -0.51 -28.19 20.25
C SER B 432 0.51 -29.27 19.90
N LYS B 433 0.50 -30.37 20.64
CA LYS B 433 1.43 -31.44 20.33
C LYS B 433 1.09 -31.97 18.94
N ALA B 434 -0.20 -32.22 18.70
CA ALA B 434 -0.65 -32.74 17.42
C ALA B 434 -0.15 -31.90 16.25
N ASP B 435 -0.26 -30.57 16.35
CA ASP B 435 0.21 -29.71 15.27
C ASP B 435 1.73 -29.84 15.12
N LEU B 436 2.42 -29.89 16.25
CA LEU B 436 3.88 -30.03 16.25
C LEU B 436 4.23 -31.20 15.33
N PHE B 437 3.50 -32.30 15.52
CA PHE B 437 3.69 -33.50 14.74
C PHE B 437 3.31 -33.32 13.27
N GLU B 438 2.13 -32.77 13.01
CA GLU B 438 1.70 -32.63 11.62
C GLU B 438 2.54 -31.64 10.80
N THR B 439 3.17 -30.68 11.48
CA THR B 439 4.02 -29.73 10.76
C THR B 439 5.21 -30.52 10.22
N TYR B 440 5.77 -31.37 11.07
CA TYR B 440 6.89 -32.23 10.69
C TYR B 440 6.46 -33.17 9.57
N VAL B 441 5.26 -33.72 9.70
CA VAL B 441 4.71 -34.62 8.70
C VAL B 441 4.51 -33.88 7.38
N ALA B 442 4.11 -32.61 7.46
CA ALA B 442 3.87 -31.80 6.28
C ALA B 442 5.15 -31.37 5.58
N TYR B 443 6.15 -30.96 6.33
CA TYR B 443 7.42 -30.54 5.74
C TYR B 443 8.07 -31.71 5.03
N ARG B 444 8.10 -32.84 5.71
CA ARG B 444 8.69 -34.05 5.14
C ARG B 444 8.04 -34.41 3.81
N SER B 445 6.71 -34.33 3.74
CA SER B 445 6.01 -34.64 2.51
C SER B 445 6.39 -33.69 1.39
N LEU B 446 6.31 -32.40 1.65
CA LEU B 446 6.63 -31.39 0.65
C LEU B 446 8.05 -31.45 0.14
N GLU B 448 9.88 -34.21 0.04
CA GLU B 448 9.88 -35.43 -0.74
C GLU B 448 9.03 -35.39 -1.99
N LYS B 449 8.06 -34.49 -2.06
CA LYS B 449 7.15 -34.47 -3.22
C LYS B 449 6.98 -33.22 -4.08
N LEU B 450 7.48 -32.07 -3.66
CA LEU B 450 7.31 -30.89 -4.49
C LEU B 450 8.12 -30.97 -5.77
N LYS C 1 38.80 -0.92 37.42
CA LYS C 1 38.05 0.36 37.45
C LYS C 1 38.01 1.00 36.05
N GLU C 3 37.04 3.67 33.33
CA GLU C 3 36.73 5.08 33.18
C GLU C 3 37.17 5.61 31.82
N ARG C 4 36.49 6.65 31.33
CA ARG C 4 36.82 7.23 30.04
C ARG C 4 38.01 8.18 30.15
N LYS C 5 38.81 8.24 29.10
CA LYS C 5 39.98 9.11 29.07
C LYS C 5 39.66 10.28 28.14
N ASN C 6 40.11 11.48 28.51
CA ASN C 6 39.87 12.66 27.71
C ASN C 6 41.00 12.87 26.72
N VAL C 7 40.69 12.79 25.43
CA VAL C 7 41.68 12.96 24.38
C VAL C 7 42.61 14.16 24.58
N TRP C 8 42.08 15.27 25.08
CA TRP C 8 42.91 16.47 25.29
C TRP C 8 44.07 16.18 26.23
N HIS C 9 43.91 15.15 27.05
CA HIS C 9 44.94 14.78 28.01
C HIS C 9 45.83 13.65 27.50
N HIS C 10 45.73 13.34 26.21
CA HIS C 10 46.55 12.27 25.65
C HIS C 10 46.97 12.44 24.19
N ARG C 11 46.86 13.63 23.60
CA ARG C 11 47.23 13.73 22.20
C ARG C 11 48.02 14.90 21.58
N LYS C 12 48.44 15.88 22.38
CA LYS C 12 49.25 17.01 21.82
C LYS C 12 48.46 18.12 21.16
N LYS C 13 48.12 19.16 21.93
CA LYS C 13 47.34 20.27 21.41
C LYS C 13 47.74 20.77 20.01
N GLU C 14 49.04 20.81 19.71
CA GLU C 14 49.45 21.31 18.40
C GLU C 14 49.06 20.41 17.22
N GLU C 15 49.00 19.10 17.43
CA GLU C 15 48.61 18.20 16.35
C GLU C 15 47.11 18.23 16.11
N ILE C 16 46.35 18.42 17.18
CA ILE C 16 44.90 18.51 17.07
C ILE C 16 44.59 19.78 16.27
N GLU C 17 45.14 20.91 16.71
CA GLU C 17 44.93 22.19 16.05
C GLU C 17 45.25 22.15 14.56
N ALA C 18 46.40 21.60 14.20
CA ALA C 18 46.79 21.52 12.79
C ALA C 18 45.71 20.77 12.03
N PHE C 19 45.29 19.64 12.59
CA PHE C 19 44.27 18.82 11.96
C PHE C 19 42.95 19.59 11.86
N SER C 20 42.65 20.40 12.87
CA SER C 20 41.42 21.18 12.87
C SER C 20 41.34 22.18 11.73
N LYS C 21 42.40 22.95 11.55
CA LYS C 21 42.43 23.94 10.50
C LYS C 21 42.29 23.28 9.13
N GLU C 22 42.93 22.13 8.96
CA GLU C 22 42.85 21.42 7.70
C GLU C 22 41.43 20.93 7.47
N TYR C 23 40.79 20.48 8.53
CA TYR C 23 39.42 20.00 8.43
C TYR C 23 38.48 21.15 8.08
N GLU C 25 39.15 23.92 6.70
CA GLU C 25 39.44 24.44 5.37
C GLU C 25 38.66 23.55 4.39
N PHE C 26 38.71 22.25 4.63
CA PHE C 26 38.01 21.29 3.77
C PHE C 26 36.52 21.63 3.79
N SER C 28 35.01 24.29 4.26
CA SER C 28 34.62 25.55 3.64
C SER C 28 34.37 25.33 2.15
N LYS C 29 34.83 24.18 1.66
CA LYS C 29 34.68 23.81 0.26
C LYS C 29 33.55 22.79 0.06
N ALA C 30 33.51 21.79 0.93
CA ALA C 30 32.51 20.74 0.84
C ALA C 30 31.17 21.10 1.48
N LYS C 31 30.32 21.81 0.74
CA LYS C 31 29.02 22.23 1.25
C LYS C 31 27.85 21.40 0.70
N THR C 32 28.14 20.56 -0.29
CA THR C 32 27.14 19.70 -0.92
C THR C 32 27.89 18.48 -1.44
N GLU C 33 27.16 17.39 -1.68
CA GLU C 33 27.81 16.17 -2.14
C GLU C 33 28.57 16.36 -3.46
N ARG C 34 28.10 17.24 -4.34
CA ARG C 34 28.77 17.45 -5.60
C ARG C 34 30.10 18.18 -5.37
N THR C 36 31.72 18.26 -2.48
CA THR C 36 32.53 17.37 -1.65
C THR C 36 33.32 16.38 -2.52
N VAL C 37 32.65 15.73 -3.47
CA VAL C 37 33.29 14.77 -4.37
C VAL C 37 34.44 15.43 -5.11
N LYS C 38 34.15 16.56 -5.75
CA LYS C 38 35.13 17.34 -6.49
C LYS C 38 36.33 17.68 -5.60
N GLU C 39 36.06 18.02 -4.34
CA GLU C 39 37.11 18.36 -3.38
C GLU C 39 37.89 17.12 -2.95
N ILE C 40 37.18 16.00 -2.78
CA ILE C 40 37.83 14.76 -2.39
C ILE C 40 38.68 14.22 -3.55
N LYS C 41 38.27 14.55 -4.76
CA LYS C 41 38.99 14.10 -5.93
C LYS C 41 40.32 14.82 -6.12
N ARG C 42 40.33 16.16 -6.10
CA ARG C 42 41.61 16.86 -6.28
C ARG C 42 42.61 16.46 -5.19
N ILE C 43 42.11 16.12 -4.00
CA ILE C 43 43.02 15.70 -2.94
C ILE C 43 43.52 14.31 -3.29
N LEU C 44 42.67 13.51 -3.94
CA LEU C 44 43.05 12.16 -4.34
C LEU C 44 43.95 12.19 -5.57
N ASP C 45 43.71 13.14 -6.46
CA ASP C 45 44.54 13.26 -7.66
C ASP C 45 45.94 13.59 -7.19
N GLU C 46 46.06 14.52 -6.25
CA GLU C 46 47.35 14.81 -5.64
C GLU C 46 47.50 13.49 -4.89
N SER C 47 48.54 13.30 -4.09
CA SER C 47 48.64 12.02 -3.38
C SER C 47 48.80 10.86 -4.37
N GLY C 48 48.65 11.14 -5.67
CA GLY C 48 48.84 10.13 -6.70
C GLY C 48 47.80 9.11 -7.11
N PHE C 49 46.52 9.36 -6.87
CA PHE C 49 45.48 8.39 -7.27
C PHE C 49 45.11 8.61 -8.75
N VAL C 50 44.60 7.55 -9.38
CA VAL C 50 44.15 7.62 -10.77
C VAL C 50 42.81 6.92 -10.89
N PRO C 51 41.99 7.30 -11.87
CA PRO C 51 40.69 6.65 -12.03
C PRO C 51 40.86 5.16 -12.26
N LEU C 52 39.88 4.40 -11.78
CA LEU C 52 39.91 2.95 -11.92
C LEU C 52 39.73 2.58 -13.39
N GLU C 53 39.00 3.42 -14.11
CA GLU C 53 38.75 3.20 -15.54
C GLU C 53 40.00 3.44 -16.40
N ASP C 54 40.98 4.16 -15.85
CA ASP C 54 42.20 4.46 -16.58
C ASP C 54 43.44 3.92 -15.87
N PHE C 55 43.33 2.80 -15.15
CA PHE C 55 44.48 2.30 -14.39
C PHE C 55 45.70 1.77 -15.15
N ALA C 56 45.57 0.62 -15.81
CA ALA C 56 46.67 0.04 -16.58
C ALA C 56 48.03 -0.23 -15.89
N GLY C 57 48.04 -0.30 -14.56
CA GLY C 57 49.28 -0.57 -13.85
C GLY C 57 49.36 -1.99 -13.30
N ASP C 58 49.99 -2.16 -12.14
CA ASP C 58 50.09 -3.47 -11.52
C ASP C 58 48.80 -3.73 -10.73
N PRO C 59 48.00 -4.71 -11.16
CA PRO C 59 46.74 -5.02 -10.49
C PRO C 59 46.89 -5.41 -9.02
N ASN C 61 48.94 -3.79 -6.96
CA ASN C 61 49.34 -2.60 -6.23
C ASN C 61 48.78 -1.37 -6.94
N THR C 63 46.35 2.25 -6.49
CA THR C 63 45.70 3.24 -5.63
C THR C 63 44.78 4.02 -6.57
N VAL C 64 43.55 3.55 -6.67
CA VAL C 64 42.57 4.13 -7.56
C VAL C 64 41.29 4.64 -6.93
N TYR C 65 40.43 5.23 -7.76
CA TYR C 65 39.15 5.72 -7.30
C TYR C 65 38.10 5.66 -8.40
N ALA C 66 36.84 5.54 -7.99
CA ALA C 66 35.73 5.46 -8.92
C ALA C 66 34.73 6.55 -8.55
N VAL C 67 34.36 7.39 -9.51
CA VAL C 67 33.39 8.45 -9.27
C VAL C 67 32.07 8.00 -9.85
N ASN C 68 31.04 7.89 -9.01
CA ASN C 68 29.74 7.45 -9.49
C ASN C 68 29.17 8.43 -10.49
N ARG C 69 28.50 9.46 -10.00
CA ARG C 69 27.92 10.44 -10.91
C ARG C 69 28.13 11.84 -10.38
N GLY C 70 29.33 12.06 -9.84
CA GLY C 70 29.69 13.35 -9.29
C GLY C 70 29.04 13.52 -7.94
N LYS C 71 28.38 12.47 -7.47
CA LYS C 71 27.72 12.55 -6.18
C LYS C 71 28.23 11.50 -5.20
N ALA C 72 29.02 10.56 -5.71
CA ALA C 72 29.57 9.50 -4.87
C ALA C 72 30.97 9.19 -5.37
N ILE C 73 31.79 8.61 -4.51
CA ILE C 73 33.15 8.29 -4.90
C ILE C 73 33.74 7.18 -4.04
N ALA C 74 34.53 6.32 -4.68
CA ALA C 74 35.19 5.21 -4.00
C ALA C 74 36.67 5.38 -4.27
N ALA C 75 37.50 5.12 -3.25
CA ALA C 75 38.95 5.22 -3.40
C ALA C 75 39.56 4.04 -2.67
N PHE C 76 40.35 3.27 -3.40
CA PHE C 76 40.99 2.11 -2.82
C PHE C 76 42.49 2.20 -2.97
N ARG C 77 43.18 1.43 -2.13
CA ARG C 77 44.62 1.31 -2.15
C ARG C 77 44.75 -0.20 -2.10
N VAL C 78 44.60 -0.81 -3.26
CA VAL C 78 44.66 -2.25 -3.41
C VAL C 78 46.13 -2.66 -3.40
N VAL C 79 46.49 -3.50 -2.44
CA VAL C 79 47.88 -3.93 -2.32
C VAL C 79 47.99 -5.43 -2.08
N ASP C 80 47.01 -6.17 -2.61
CA ASP C 80 47.00 -7.62 -2.45
C ASP C 80 45.86 -8.22 -3.26
N ASP C 81 45.71 -9.54 -3.18
CA ASP C 81 44.62 -10.22 -3.89
C ASP C 81 43.37 -9.83 -3.12
N LEU C 82 42.41 -9.17 -3.76
CA LEU C 82 41.20 -8.77 -3.05
C LEU C 82 40.51 -9.95 -2.39
N LYS C 83 40.86 -11.16 -2.80
CA LYS C 83 40.25 -12.35 -2.21
C LYS C 83 40.54 -12.34 -0.72
N ARG C 84 41.60 -11.62 -0.33
CA ARG C 84 41.96 -11.54 1.08
C ARG C 84 41.11 -10.50 1.81
N GLY C 85 40.29 -9.77 1.04
CA GLY C 85 39.41 -8.77 1.63
C GLY C 85 39.95 -7.36 1.79
N LEU C 86 39.04 -6.44 2.06
CA LEU C 86 39.39 -5.04 2.25
C LEU C 86 39.12 -4.63 3.69
N ASN C 87 39.60 -3.46 4.05
CA ASN C 87 39.36 -2.85 5.35
C ASN C 87 38.78 -1.52 4.88
N LEU C 88 37.46 -1.44 4.86
CA LEU C 88 36.76 -0.25 4.39
C LEU C 88 36.06 0.57 5.44
N VAL C 89 36.14 1.88 5.30
CA VAL C 89 35.42 2.78 6.18
C VAL C 89 34.45 3.46 5.22
N VAL C 90 33.16 3.46 5.55
CA VAL C 90 32.14 4.06 4.69
C VAL C 90 31.43 5.23 5.35
N ALA C 91 31.02 6.20 4.55
CA ALA C 91 30.33 7.37 5.07
C ALA C 91 29.49 7.94 3.96
N HIS C 92 28.72 8.98 4.31
CA HIS C 92 27.88 9.63 3.32
C HIS C 92 28.28 11.09 3.23
N ILE C 93 28.13 11.67 2.04
CA ILE C 93 28.50 13.04 1.81
C ILE C 93 27.33 13.96 1.51
N ASP C 94 26.13 13.50 1.85
CA ASP C 94 24.91 14.30 1.65
C ASP C 94 24.40 14.74 3.03
N SER C 95 23.82 15.93 3.09
CA SER C 95 23.31 16.43 4.36
C SER C 95 21.94 17.07 4.21
N PRO C 96 21.18 17.15 5.31
CA PRO C 96 19.85 17.75 5.28
C PRO C 96 20.00 19.17 4.72
N ARG C 97 19.09 19.53 3.82
CA ARG C 97 19.13 20.84 3.18
C ARG C 97 17.77 21.17 2.56
N LEU C 98 17.79 22.10 1.61
CA LEU C 98 16.60 22.52 0.89
C LEU C 98 16.91 22.42 -0.60
N ASP C 99 16.01 21.81 -1.37
CA ASP C 99 16.20 21.71 -2.82
C ASP C 99 15.21 22.60 -3.53
N PHE C 100 15.63 23.16 -4.65
CA PHE C 100 14.75 24.00 -5.46
C PHE C 100 13.77 23.05 -6.15
N LYS C 101 12.50 23.46 -6.26
CA LYS C 101 11.50 22.65 -6.95
C LYS C 101 11.88 22.66 -8.42
N PRO C 102 11.30 21.77 -9.23
CA PRO C 102 11.65 21.78 -10.65
C PRO C 102 11.34 23.19 -11.23
N ASN C 103 10.18 23.73 -10.87
CA ASN C 103 9.81 25.10 -11.28
C ASN C 103 9.89 25.83 -9.97
N PRO C 104 11.02 26.50 -9.71
CA PRO C 104 11.14 27.19 -8.43
C PRO C 104 10.75 28.68 -8.37
N LEU C 105 10.88 29.39 -9.48
CA LEU C 105 10.56 30.82 -9.48
C LEU C 105 9.11 31.23 -9.63
N ILE C 106 8.57 31.92 -8.63
CA ILE C 106 7.21 32.43 -8.67
C ILE C 106 7.21 33.83 -8.11
N GLU C 107 6.09 34.53 -8.25
CA GLU C 107 6.02 35.86 -7.70
C GLU C 107 4.73 35.91 -6.92
N ASP C 108 4.78 36.57 -5.75
CA ASP C 108 3.61 36.70 -4.92
C ASP C 108 3.72 38.02 -4.18
N GLU C 109 2.62 38.77 -4.17
CA GLU C 109 2.58 40.09 -3.53
C GLU C 109 3.78 40.94 -3.93
N GLN C 110 4.06 40.95 -5.23
CA GLN C 110 5.16 41.73 -5.82
C GLN C 110 6.56 41.35 -5.34
N ILE C 111 6.78 40.07 -5.08
CA ILE C 111 8.09 39.62 -4.62
C ILE C 111 8.49 38.24 -5.19
N ALA C 112 9.65 38.20 -5.84
CA ALA C 112 10.14 36.95 -6.42
C ALA C 112 10.62 36.02 -5.32
N LEU C 113 10.20 34.76 -5.39
CA LEU C 113 10.55 33.75 -4.40
C LEU C 113 10.96 32.45 -5.08
N PHE C 114 11.89 31.74 -4.48
CA PHE C 114 12.34 30.47 -5.00
C PHE C 114 11.72 29.42 -4.10
N LYS C 115 10.82 28.60 -4.63
CA LYS C 115 10.19 27.57 -3.81
C LYS C 115 11.19 26.42 -3.57
N THR C 116 11.06 25.72 -2.45
CA THR C 116 11.97 24.63 -2.15
C THR C 116 11.23 23.37 -1.70
N HIS C 117 11.97 22.28 -1.55
CA HIS C 117 11.41 21.02 -1.09
C HIS C 117 12.50 20.42 -0.21
N TYR C 118 12.37 20.58 1.10
CA TYR C 118 13.38 20.09 2.04
C TYR C 118 13.83 18.65 1.81
N TYR C 119 15.12 18.44 2.04
CA TYR C 119 15.75 17.15 1.86
C TYR C 119 16.28 16.67 3.19
N GLY C 120 15.91 15.46 3.58
CA GLY C 120 16.39 14.91 4.84
C GLY C 120 15.66 15.39 6.09
N GLY C 121 16.03 14.81 7.22
CA GLY C 121 15.39 15.17 8.47
C GLY C 121 15.80 16.49 9.08
N ILE C 122 15.42 17.59 8.43
CA ILE C 122 15.73 18.91 8.96
C ILE C 122 14.70 19.30 10.01
N LYS C 123 14.96 20.41 10.70
CA LYS C 123 14.06 20.98 11.68
C LYS C 123 13.69 22.31 11.06
N LYS C 124 12.62 22.31 10.27
CA LYS C 124 12.15 23.49 9.58
C LYS C 124 12.44 24.84 10.22
N TYR C 125 12.13 25.00 11.51
CA TYR C 125 12.38 26.29 12.16
C TYR C 125 13.84 26.76 12.19
N HIS C 126 14.78 25.88 11.85
CA HIS C 126 16.19 26.25 11.85
C HIS C 126 16.52 27.13 10.65
N TRP C 127 15.77 26.92 9.57
CA TRP C 127 15.99 27.62 8.31
C TRP C 127 15.29 28.93 8.07
N LEU C 128 14.70 29.50 9.13
CA LEU C 128 14.02 30.78 8.99
C LEU C 128 14.88 31.89 9.57
N SER C 129 15.07 32.95 8.79
CA SER C 129 15.85 34.11 9.19
C SER C 129 17.34 33.86 9.45
N ILE C 130 17.98 33.14 8.53
CA ILE C 130 19.42 32.90 8.61
C ILE C 130 19.96 33.05 7.20
N PRO C 131 21.21 33.54 7.06
CA PRO C 131 21.80 33.72 5.74
C PRO C 131 21.94 32.38 5.00
N LEU C 132 21.57 32.36 3.72
CA LEU C 132 21.62 31.16 2.90
C LEU C 132 22.46 31.31 1.63
N GLU C 133 23.07 30.19 1.21
CA GLU C 133 23.88 30.11 -0.01
C GLU C 133 23.15 29.20 -1.00
N ILE C 134 23.34 29.47 -2.27
CA ILE C 134 22.72 28.69 -3.34
C ILE C 134 23.85 27.98 -4.08
N HIS C 135 23.73 26.66 -4.19
CA HIS C 135 24.75 25.85 -4.87
C HIS C 135 24.12 24.79 -5.75
N GLY C 136 24.75 24.51 -6.88
CA GLY C 136 24.21 23.49 -7.76
C GLY C 136 24.55 23.69 -9.22
N VAL C 137 23.96 22.87 -10.07
CA VAL C 137 24.22 22.94 -11.49
C VAL C 137 22.91 22.99 -12.29
N LEU C 138 22.94 23.72 -13.40
CA LEU C 138 21.80 23.85 -14.28
C LEU C 138 22.26 23.47 -15.69
N PHE C 139 21.37 22.85 -16.46
CA PHE C 139 21.70 22.46 -17.82
C PHE C 139 20.77 23.14 -18.81
N LYS C 140 21.37 23.88 -19.75
CA LYS C 140 20.60 24.55 -20.78
C LYS C 140 20.21 23.46 -21.76
N ASN C 141 19.08 23.63 -22.43
CA ASN C 141 18.58 22.63 -23.37
C ASN C 141 19.65 21.99 -24.27
N ASP C 142 20.49 22.81 -24.91
CA ASP C 142 21.53 22.28 -25.79
C ASP C 142 22.46 21.29 -25.11
N GLY C 143 22.52 21.35 -23.78
CA GLY C 143 23.38 20.45 -23.03
C GLY C 143 24.42 21.15 -22.16
N THR C 144 24.61 22.45 -22.41
CA THR C 144 25.56 23.26 -21.67
C THR C 144 25.40 23.11 -20.16
N GLU C 145 26.51 22.96 -19.45
CA GLU C 145 26.46 22.82 -18.01
C GLU C 145 26.77 24.17 -17.38
N ILE C 146 25.99 24.55 -16.37
CA ILE C 146 26.19 25.84 -15.72
C ILE C 146 26.21 25.67 -14.21
N GLU C 147 27.38 25.89 -13.62
CA GLU C 147 27.51 25.77 -12.19
C GLU C 147 27.05 27.06 -11.54
N ILE C 148 26.36 26.93 -10.41
CA ILE C 148 25.88 28.08 -9.67
C ILE C 148 26.38 28.02 -8.24
N HIS C 149 27.02 29.10 -7.82
CA HIS C 149 27.54 29.21 -6.46
C HIS C 149 27.31 30.66 -6.06
N ILE C 150 26.24 30.91 -5.32
CA ILE C 150 25.94 32.27 -4.89
C ILE C 150 25.76 32.41 -3.39
N GLY C 151 26.58 33.28 -2.80
CA GLY C 151 26.52 33.51 -1.37
C GLY C 151 27.76 33.08 -0.62
N ASP C 152 28.61 32.27 -1.26
CA ASP C 152 29.83 31.81 -0.62
C ASP C 152 31.01 32.77 -0.83
N LYS C 153 30.75 33.88 -1.51
CA LYS C 153 31.80 34.87 -1.76
C LYS C 153 31.41 36.23 -1.19
N PRO C 154 32.36 36.92 -0.56
CA PRO C 154 32.08 38.23 0.03
C PRO C 154 31.37 39.19 -0.95
N GLU C 155 31.72 39.11 -2.24
CA GLU C 155 31.10 39.98 -3.22
C GLU C 155 29.78 39.40 -3.71
N ASP C 156 29.24 38.44 -2.95
CA ASP C 156 27.97 37.80 -3.29
C ASP C 156 26.85 38.14 -2.34
N PRO C 157 25.62 38.10 -2.85
CA PRO C 157 24.51 38.41 -1.94
C PRO C 157 24.13 37.05 -1.35
N VAL C 158 23.30 37.05 -0.32
CA VAL C 158 22.86 35.78 0.25
C VAL C 158 21.35 35.76 0.14
N PHE C 159 20.74 34.68 0.61
CA PHE C 159 19.30 34.57 0.54
C PHE C 159 18.73 34.36 1.93
N THR C 160 17.42 34.53 2.07
CA THR C 160 16.77 34.37 3.36
C THR C 160 15.33 33.93 3.20
N ILE C 161 14.80 33.33 4.25
CA ILE C 161 13.41 32.90 4.30
C ILE C 161 12.97 33.59 5.59
N PRO C 162 12.64 34.89 5.51
CA PRO C 162 12.21 35.62 6.71
C PRO C 162 11.01 35.06 7.44
N ASP C 163 11.17 34.90 8.75
CA ASP C 163 10.11 34.39 9.60
C ASP C 163 9.16 35.58 9.87
N LEU C 164 7.99 35.29 10.39
CA LEU C 164 7.02 36.34 10.70
C LEU C 164 7.43 36.98 12.03
N LEU C 165 7.38 38.30 12.13
CA LEU C 165 7.75 38.94 13.39
C LEU C 165 6.79 38.50 14.50
N PRO C 166 7.32 38.22 15.69
CA PRO C 166 6.52 37.78 16.83
C PRO C 166 5.29 38.62 17.15
N HIS C 167 5.28 39.86 16.66
CA HIS C 167 4.18 40.77 16.96
C HIS C 167 2.86 40.38 16.30
N LEU C 168 2.93 39.74 15.14
CA LEU C 168 1.71 39.31 14.44
C LEU C 168 1.65 37.80 14.34
N ASP C 169 2.66 37.14 14.92
CA ASP C 169 2.71 35.68 14.91
C ASP C 169 1.90 35.16 16.08
N LYS C 170 0.60 35.39 16.02
CA LYS C 170 -0.34 34.97 17.05
C LYS C 170 -0.67 33.50 16.84
N GLU C 171 -1.21 32.87 17.86
CA GLU C 171 -1.60 31.46 17.75
C GLU C 171 -0.39 30.54 17.73
N ASP C 172 -0.22 29.74 18.79
CA ASP C 172 0.91 28.83 18.85
C ASP C 172 0.52 27.35 18.70
N ALA C 173 0.83 26.81 17.53
CA ALA C 173 0.54 25.42 17.23
C ALA C 173 1.73 24.57 17.65
N LYS C 174 1.60 23.25 17.54
CA LYS C 174 2.67 22.32 17.87
C LYS C 174 3.73 22.53 16.79
N ILE C 175 4.98 22.15 17.05
CA ILE C 175 6.02 22.34 16.06
C ILE C 175 5.63 21.68 14.73
N SER C 176 4.86 20.60 14.80
CA SER C 176 4.40 19.89 13.60
C SER C 176 3.68 20.91 12.74
N GLU C 177 2.55 21.43 13.23
CA GLU C 177 1.80 22.46 12.54
C GLU C 177 2.77 23.65 12.63
N LYS C 178 2.46 24.77 11.99
CA LYS C 178 3.39 25.91 12.04
C LYS C 178 4.66 25.42 11.36
N PHE C 179 5.31 26.27 10.59
CA PHE C 179 6.50 25.80 9.89
C PHE C 179 6.03 24.72 8.94
N LYS C 180 5.67 25.13 7.73
CA LYS C 180 5.23 24.18 6.73
C LYS C 180 6.23 24.19 5.58
N GLY C 181 6.60 23.01 5.09
CA GLY C 181 7.55 22.93 3.99
C GLY C 181 7.26 23.92 2.88
N GLU C 182 6.02 23.91 2.40
CA GLU C 182 5.62 24.82 1.33
C GLU C 182 6.06 26.25 1.53
N ASN C 183 6.12 26.70 2.79
CA ASN C 183 6.50 28.08 3.08
C ASN C 183 8.01 28.34 3.16
N LEU C 184 8.82 27.35 2.81
CA LEU C 184 10.26 27.53 2.84
C LEU C 184 10.72 28.06 1.48
N LEU C 186 12.83 31.15 -0.61
CA LEU C 186 13.83 32.22 -0.50
C LEU C 186 13.38 33.42 -1.31
N ILE C 187 13.70 34.62 -0.84
CA ILE C 187 13.34 35.81 -1.57
C ILE C 187 14.37 35.90 -2.70
N ALA C 188 13.87 35.94 -3.93
CA ALA C 188 14.70 36.03 -5.13
C ALA C 188 14.96 37.49 -5.50
N GLY C 189 13.93 38.32 -5.41
CA GLY C 189 14.08 39.72 -5.75
C GLY C 189 12.87 40.55 -5.40
N THR C 190 13.03 41.86 -5.38
CA THR C 190 11.92 42.76 -5.05
C THR C 190 11.83 43.94 -6.01
N ILE C 191 12.85 44.11 -6.84
CA ILE C 191 12.86 45.21 -7.81
C ILE C 191 12.07 44.84 -9.06
N PRO C 192 11.10 45.68 -9.46
CA PRO C 192 10.28 45.42 -10.65
C PRO C 192 10.87 46.04 -11.93
N LEU C 193 10.61 45.40 -13.06
CA LEU C 193 11.11 45.89 -14.34
C LEU C 193 10.20 47.01 -14.84
N SER C 194 10.80 48.02 -15.44
CA SER C 194 10.05 49.14 -15.98
C SER C 194 9.40 48.69 -17.28
N GLY C 195 8.13 48.99 -17.45
CA GLY C 195 7.43 48.60 -18.67
C GLY C 195 6.68 47.28 -18.53
N GLU C 196 7.23 46.38 -17.73
CA GLU C 196 6.60 45.08 -17.51
C GLU C 196 5.30 45.27 -16.76
N GLU C 197 4.24 44.62 -17.25
CA GLU C 197 2.94 44.73 -16.61
C GLU C 197 2.46 43.40 -16.01
N LYS C 198 3.24 42.35 -16.23
CA LYS C 198 2.90 41.03 -15.71
C LYS C 198 4.08 40.43 -14.96
N GLU C 199 4.00 40.41 -13.62
CA GLU C 199 5.07 39.84 -12.80
C GLU C 199 6.40 40.54 -13.07
N ALA C 200 6.36 41.86 -13.03
CA ALA C 200 7.51 42.70 -13.28
C ALA C 200 8.73 42.30 -12.46
N VAL C 201 8.52 41.73 -11.28
CA VAL C 201 9.64 41.34 -10.42
C VAL C 201 10.24 40.00 -10.80
N LYS C 202 9.38 39.00 -11.04
CA LYS C 202 9.87 37.69 -11.45
C LYS C 202 10.58 37.88 -12.80
N THR C 203 10.04 38.78 -13.60
CA THR C 203 10.59 39.08 -14.92
C THR C 203 12.01 39.64 -14.79
N ASN C 204 12.24 40.40 -13.72
CA ASN C 204 13.54 41.01 -13.47
C ASN C 204 14.58 39.95 -13.12
N VAL C 205 14.24 39.07 -12.19
CA VAL C 205 15.15 38.01 -11.79
C VAL C 205 15.54 37.17 -13.00
N LEU C 206 14.57 36.89 -13.86
CA LEU C 206 14.82 36.12 -15.08
C LEU C 206 15.75 36.88 -16.02
N LYS C 207 15.53 38.19 -16.12
CA LYS C 207 16.37 39.03 -16.96
C LYS C 207 17.79 38.99 -16.41
N ILE C 208 17.91 39.04 -15.08
CA ILE C 208 19.20 39.01 -14.42
C ILE C 208 19.91 37.66 -14.59
N LEU C 209 19.19 36.58 -14.30
CA LEU C 209 19.79 35.26 -14.41
C LEU C 209 20.23 35.01 -15.83
N ASN C 210 19.56 35.65 -16.78
CA ASN C 210 19.89 35.46 -18.19
C ASN C 210 21.11 36.26 -18.64
N GLU C 211 21.25 37.48 -18.16
CA GLU C 211 22.39 38.30 -18.53
C GLU C 211 23.62 37.76 -17.78
N TYR C 213 23.89 34.01 -16.59
CA TYR C 213 24.18 32.63 -16.92
C TYR C 213 23.65 32.22 -18.28
N GLY C 214 23.00 33.16 -18.97
CA GLY C 214 22.45 32.84 -20.27
C GLY C 214 21.43 31.71 -20.18
N ILE C 215 20.70 31.65 -19.07
CA ILE C 215 19.70 30.61 -18.86
C ILE C 215 18.29 31.19 -18.93
N THR C 216 17.32 30.31 -19.16
CA THR C 216 15.92 30.69 -19.23
C THR C 216 15.21 29.94 -18.11
N GLU C 217 14.00 30.36 -17.77
CA GLU C 217 13.27 29.74 -16.68
C GLU C 217 13.23 28.20 -16.69
N GLU C 218 13.03 27.62 -17.87
CA GLU C 218 12.95 26.16 -17.97
C GLU C 218 14.22 25.39 -17.65
N ASP C 219 15.36 26.06 -17.61
CA ASP C 219 16.60 25.36 -17.32
C ASP C 219 16.64 24.80 -15.90
N PHE C 220 15.79 25.34 -15.02
CA PHE C 220 15.71 24.90 -13.63
C PHE C 220 15.17 23.48 -13.56
N VAL C 221 14.29 23.13 -14.49
CA VAL C 221 13.71 21.81 -14.52
C VAL C 221 14.81 20.77 -14.63
N SER C 222 15.71 20.99 -15.59
CA SER C 222 16.84 20.10 -15.81
C SER C 222 18.02 20.58 -14.96
N GLY C 223 17.73 20.89 -13.70
CA GLY C 223 18.75 21.37 -12.80
C GLY C 223 18.57 20.87 -11.39
N GLU C 224 19.60 21.03 -10.58
CA GLU C 224 19.57 20.62 -9.19
C GLU C 224 20.28 21.63 -8.33
N ILE C 225 19.49 22.47 -7.67
CA ILE C 225 20.04 23.51 -6.82
C ILE C 225 19.72 23.19 -5.36
N GLU C 226 20.72 23.38 -4.49
CA GLU C 226 20.56 23.11 -3.07
C GLU C 226 20.82 24.37 -2.24
N VAL C 227 19.95 24.63 -1.28
CA VAL C 227 20.13 25.79 -0.42
C VAL C 227 20.89 25.31 0.81
N VAL C 228 21.89 26.08 1.21
CA VAL C 228 22.73 25.71 2.35
C VAL C 228 23.04 26.91 3.23
N PRO C 229 23.28 26.68 4.53
CA PRO C 229 23.62 27.76 5.46
C PRO C 229 24.86 28.56 5.03
N ALA C 230 24.78 29.88 5.15
CA ALA C 230 25.90 30.75 4.78
C ALA C 230 27.00 30.71 5.86
N PHE C 231 26.71 30.04 6.98
CA PHE C 231 27.67 29.91 8.08
C PHE C 231 28.91 29.14 7.60
N SER C 232 30.08 29.65 7.98
CA SER C 232 31.35 29.02 7.63
C SER C 232 31.95 28.38 8.89
N PRO C 233 32.71 27.29 8.74
CA PRO C 233 33.30 26.65 9.92
C PRO C 233 34.01 27.64 10.84
N ARG C 234 33.82 27.46 12.15
CA ARG C 234 34.43 28.33 13.15
C ARG C 234 34.81 27.57 14.41
N GLU C 235 35.78 28.11 15.15
CA GLU C 235 36.16 27.49 16.41
C GLU C 235 35.01 27.88 17.33
N VAL C 236 34.77 27.09 18.38
CA VAL C 236 33.69 27.40 19.30
C VAL C 236 34.13 27.24 20.75
N GLY C 237 33.67 28.17 21.59
CA GLY C 237 33.98 28.14 23.02
C GLY C 237 35.18 28.97 23.42
N ASP C 239 37.61 28.02 25.31
CA ASP C 239 38.82 27.21 25.24
C ASP C 239 39.08 26.73 23.81
N ARG C 240 38.35 27.30 22.85
CA ARG C 240 38.50 26.94 21.44
C ARG C 240 38.50 25.42 21.20
N SER C 241 37.85 24.68 22.09
CA SER C 241 37.81 23.23 22.01
C SER C 241 36.89 22.62 20.97
N LEU C 242 35.89 23.38 20.53
CA LEU C 242 34.92 22.84 19.58
C LEU C 242 34.95 23.47 18.19
N ILE C 243 34.24 22.83 17.26
CA ILE C 243 34.10 23.30 15.88
C ILE C 243 32.61 23.40 15.53
N GLY C 244 32.20 24.57 15.02
CA GLY C 244 30.82 24.75 14.63
C GLY C 244 30.80 24.77 13.11
N ALA C 245 29.88 24.04 12.49
CA ALA C 245 29.83 24.00 11.03
C ALA C 245 28.65 23.22 10.50
N TYR C 246 28.24 23.57 9.28
CA TYR C 246 27.13 22.91 8.61
C TYR C 246 27.61 21.65 7.90
N GLY C 247 26.83 20.58 8.01
CA GLY C 247 27.17 19.35 7.32
C GLY C 247 28.19 18.46 7.97
N GLN C 248 28.48 18.71 9.25
CA GLN C 248 29.44 17.89 9.97
C GLN C 248 28.91 16.48 9.95
N ASP C 249 27.59 16.35 9.84
CA ASP C 249 26.97 15.03 9.78
C ASP C 249 27.61 14.26 8.64
N ASP C 250 28.64 13.53 9.01
CA ASP C 250 29.46 12.66 8.19
C ASP C 250 30.59 13.23 7.37
N ARG C 251 30.49 14.46 6.89
CA ARG C 251 31.61 14.98 6.15
C ARG C 251 32.77 14.99 7.14
N ILE C 252 32.44 14.95 8.44
CA ILE C 252 33.47 14.91 9.45
C ILE C 252 34.05 13.49 9.42
N CYS C 253 33.19 12.51 9.19
CA CYS C 253 33.64 11.13 9.10
C CYS C 253 34.32 10.89 7.76
N ALA C 254 33.81 11.53 6.71
CA ALA C 254 34.36 11.38 5.38
C ALA C 254 35.77 11.96 5.36
N TYR C 255 35.95 13.10 6.01
CA TYR C 255 37.26 13.73 6.03
C TYR C 255 38.27 12.87 6.80
N THR C 256 37.92 12.51 8.02
CA THR C 256 38.80 11.69 8.85
C THR C 256 39.16 10.37 8.16
N ALA C 257 38.20 9.77 7.48
CA ALA C 257 38.46 8.51 6.78
C ALA C 257 39.40 8.76 5.62
N LEU C 258 39.08 9.77 4.81
CA LEU C 258 39.91 10.09 3.67
C LEU C 258 41.35 10.28 4.13
N ARG C 259 41.53 11.07 5.17
CA ARG C 259 42.86 11.33 5.73
C ARG C 259 43.53 10.06 6.20
N ALA C 260 42.77 9.20 6.88
CA ALA C 260 43.33 7.94 7.36
C ALA C 260 43.73 7.08 6.17
N LEU C 261 42.97 7.14 5.08
CA LEU C 261 43.30 6.35 3.91
C LEU C 261 44.64 6.76 3.33
N LEU C 262 44.91 8.06 3.34
CA LEU C 262 46.16 8.59 2.79
C LEU C 262 47.38 8.39 3.69
N SER C 263 47.17 8.36 5.01
CA SER C 263 48.26 8.21 5.97
C SER C 263 48.66 6.78 6.30
N ALA C 264 47.68 5.89 6.27
CA ALA C 264 47.87 4.48 6.60
C ALA C 264 49.01 3.74 5.91
N ASN C 265 49.47 2.68 6.58
CA ASN C 265 50.51 1.75 6.11
C ASN C 265 49.77 0.41 6.25
N PRO C 266 48.89 0.10 5.29
CA PRO C 266 48.09 -1.12 5.30
C PRO C 266 48.78 -2.44 5.02
N GLU C 267 48.30 -3.49 5.67
CA GLU C 267 48.82 -4.84 5.50
C GLU C 267 47.99 -5.49 4.40
N LYS C 268 46.70 -5.17 4.37
CA LYS C 268 45.80 -5.70 3.35
C LYS C 268 45.19 -4.51 2.64
N SER C 269 44.44 -4.78 1.58
CA SER C 269 43.81 -3.71 0.81
C SER C 269 42.87 -2.90 1.69
N ILE C 270 42.92 -1.59 1.55
CA ILE C 270 42.04 -0.71 2.32
C ILE C 270 41.37 0.22 1.32
N GLY C 271 40.33 0.92 1.77
CA GLY C 271 39.63 1.84 0.89
C GLY C 271 38.53 2.55 1.64
N VAL C 272 38.01 3.60 1.02
CA VAL C 272 36.93 4.36 1.62
C VAL C 272 35.90 4.65 0.54
N ILE C 273 34.62 4.54 0.87
CA ILE C 273 33.56 4.82 -0.10
C ILE C 273 32.62 5.84 0.50
N PHE C 274 32.37 6.90 -0.24
CA PHE C 274 31.52 7.99 0.21
C PHE C 274 30.23 7.99 -0.58
N PHE C 275 29.10 7.85 0.12
CA PHE C 275 27.79 7.78 -0.53
C PHE C 275 26.91 9.01 -0.47
N ASP C 276 25.92 9.00 -1.34
CA ASP C 276 24.93 10.06 -1.45
C ASP C 276 23.60 9.41 -1.05
N LYS C 277 22.59 10.23 -0.76
CA LYS C 277 21.24 9.74 -0.43
C LYS C 277 20.95 9.05 0.91
N GLU C 278 21.93 8.91 1.79
CA GLU C 278 21.64 8.21 3.04
C GLU C 278 20.62 8.97 3.89
N GLU C 279 20.64 10.29 3.79
CA GLU C 279 19.73 11.12 4.57
C GLU C 279 18.26 10.98 4.19
N ILE C 280 17.96 10.08 3.26
CA ILE C 280 16.59 9.84 2.83
C ILE C 280 16.31 8.35 2.64
N GLY C 281 17.28 7.51 2.98
CA GLY C 281 17.09 6.08 2.83
C GLY C 281 18.07 5.32 1.97
N SER C 282 19.06 6.01 1.42
CA SER C 282 20.08 5.39 0.56
C SER C 282 19.54 4.88 -0.77
N ASP C 283 18.35 5.35 -1.15
CA ASP C 283 17.75 4.95 -2.41
C ASP C 283 18.38 5.78 -3.50
N GLY C 284 18.46 5.22 -4.70
CA GLY C 284 19.06 5.94 -5.80
C GLY C 284 20.35 5.26 -6.22
N ASN C 285 20.78 5.52 -7.45
CA ASN C 285 22.00 4.89 -7.97
C ASN C 285 23.31 5.49 -7.43
N THR C 286 23.22 6.39 -6.46
CA THR C 286 24.41 6.98 -5.85
C THR C 286 24.42 6.66 -4.37
N GLY C 287 23.43 5.88 -3.94
CA GLY C 287 23.32 5.50 -2.54
C GLY C 287 24.09 4.23 -2.23
N ALA C 288 24.24 3.95 -0.94
CA ALA C 288 24.97 2.76 -0.47
C ALA C 288 24.11 1.53 -0.61
N LYS C 289 23.14 1.58 -1.51
CA LYS C 289 22.26 0.45 -1.73
C LYS C 289 22.34 0.11 -3.22
N ALA C 290 23.03 0.98 -3.97
CA ALA C 290 23.19 0.84 -5.41
C ALA C 290 24.33 -0.09 -5.83
N ARG C 291 24.21 -0.59 -7.05
CA ARG C 291 25.18 -1.51 -7.63
C ARG C 291 26.62 -1.01 -7.49
N PHE C 292 26.82 0.28 -7.70
CA PHE C 292 28.13 0.94 -7.62
C PHE C 292 29.20 0.29 -6.73
N TYR C 293 28.85 0.01 -5.49
CA TYR C 293 29.79 -0.59 -4.56
C TYR C 293 30.36 -1.90 -5.11
N LEU C 294 29.53 -2.91 -5.28
CA LEU C 294 30.03 -4.17 -5.80
C LEU C 294 30.51 -4.08 -7.25
N LYS C 295 30.05 -3.06 -7.97
CA LYS C 295 30.48 -2.90 -9.35
C LYS C 295 31.98 -2.62 -9.38
N ALA C 296 32.43 -1.76 -8.47
CA ALA C 296 33.84 -1.38 -8.37
C ALA C 296 34.75 -2.53 -7.96
N LEU C 297 34.28 -3.34 -7.01
CA LEU C 297 35.08 -4.47 -6.57
C LEU C 297 35.17 -5.52 -7.67
N ARG C 298 34.06 -5.78 -8.35
CA ARG C 298 34.04 -6.75 -9.45
C ARG C 298 35.03 -6.26 -10.51
N GLN C 299 35.06 -4.94 -10.70
CA GLN C 299 35.95 -4.33 -11.67
C GLN C 299 37.39 -4.67 -11.29
N ILE C 300 37.75 -4.39 -10.04
CA ILE C 300 39.10 -4.67 -9.56
C ILE C 300 39.43 -6.16 -9.71
N LEU C 301 38.46 -7.01 -9.39
CA LEU C 301 38.67 -8.46 -9.47
C LEU C 301 39.04 -8.95 -10.87
N LYS C 302 38.35 -8.46 -11.90
CA LYS C 302 38.68 -8.88 -13.25
C LYS C 302 40.11 -8.51 -13.57
N GLN C 304 42.40 -8.45 -11.64
CA GLN C 304 43.22 -9.40 -10.91
C GLN C 304 43.07 -10.79 -11.50
N GLY C 305 42.24 -10.93 -12.53
CA GLY C 305 42.07 -12.22 -13.17
C GLY C 305 40.89 -13.06 -12.72
N ALA C 306 39.92 -12.47 -12.03
CA ALA C 306 38.76 -13.24 -11.60
C ALA C 306 38.06 -13.80 -12.82
N LYS C 307 37.70 -15.07 -12.75
CA LYS C 307 37.02 -15.72 -13.86
C LYS C 307 35.51 -15.69 -13.62
N ASP C 308 35.10 -15.92 -12.37
CA ASP C 308 33.68 -15.90 -11.98
C ASP C 308 33.48 -14.82 -10.91
N SER C 309 33.26 -13.59 -11.37
CA SER C 309 33.07 -12.45 -10.50
C SER C 309 32.33 -12.73 -9.20
N GLU C 310 31.08 -13.16 -9.34
CA GLU C 310 30.24 -13.41 -8.18
C GLU C 310 30.82 -14.38 -7.15
N PHE C 311 31.29 -15.54 -7.60
CA PHE C 311 31.86 -16.51 -6.69
C PHE C 311 33.04 -15.93 -5.93
N VAL C 312 33.93 -15.27 -6.65
CA VAL C 312 35.11 -14.66 -6.04
C VAL C 312 34.69 -13.57 -5.05
N LEU C 313 33.55 -12.95 -5.31
CA LEU C 313 33.07 -11.89 -4.41
C LEU C 313 32.66 -12.44 -3.04
N ASP C 314 32.00 -13.60 -3.04
CA ASP C 314 31.56 -14.19 -1.78
C ASP C 314 32.69 -14.21 -0.77
N GLU C 315 33.91 -14.49 -1.25
CA GLU C 315 35.05 -14.52 -0.35
C GLU C 315 35.51 -13.12 -0.03
N VAL C 316 35.63 -12.29 -1.05
CA VAL C 316 36.07 -10.92 -0.84
C VAL C 316 35.25 -10.27 0.27
N LEU C 317 33.92 -10.40 0.19
CA LEU C 317 33.03 -9.81 1.18
C LEU C 317 32.98 -10.60 2.47
N GLU C 318 33.26 -11.90 2.39
CA GLU C 318 33.27 -12.79 3.55
C GLU C 318 34.32 -12.23 4.48
N ASN C 319 35.50 -12.02 3.92
CA ASN C 319 36.59 -11.42 4.67
C ASN C 319 36.22 -9.95 4.52
N THR C 320 37.14 -9.02 4.67
CA THR C 320 36.74 -7.62 4.54
C THR C 320 35.89 -7.17 5.73
N SER C 321 36.41 -6.16 6.42
CA SER C 321 35.75 -5.60 7.59
C SER C 321 35.34 -4.18 7.26
N VAL C 322 34.06 -3.87 7.44
CA VAL C 322 33.56 -2.55 7.13
C VAL C 322 33.26 -1.71 8.37
N ILE C 323 33.77 -0.48 8.36
CA ILE C 323 33.53 0.42 9.45
C ILE C 323 32.55 1.51 8.97
N SER C 324 31.35 1.48 9.52
CA SER C 324 30.32 2.43 9.16
C SER C 324 30.65 3.75 9.86
N GLY C 325 31.24 4.67 9.11
CA GLY C 325 31.60 5.95 9.67
C GLY C 325 30.49 6.98 9.62
N ASP C 326 29.78 7.13 10.73
CA ASP C 326 28.70 8.09 10.85
C ASP C 326 28.74 8.62 12.27
N VAL C 327 28.15 9.79 12.50
CA VAL C 327 28.17 10.41 13.82
C VAL C 327 27.03 10.01 14.74
N CYS C 328 27.27 10.14 16.04
CA CYS C 328 26.27 9.81 17.05
C CYS C 328 25.97 11.09 17.84
N ALA C 329 25.05 11.03 18.79
CA ALA C 329 24.70 12.22 19.57
C ALA C 329 25.34 12.31 20.95
N ALA C 330 26.14 13.35 21.15
CA ALA C 330 26.80 13.59 22.44
C ALA C 330 25.73 14.13 23.39
N VAL C 331 25.94 14.05 24.70
CA VAL C 331 24.91 14.55 25.61
C VAL C 331 24.89 16.07 25.65
N ASN C 332 23.71 16.62 25.38
CA ASN C 332 23.47 18.06 25.38
C ASN C 332 22.86 18.29 26.77
N PRO C 333 23.67 18.77 27.73
CA PRO C 333 23.26 19.03 29.11
C PRO C 333 21.79 19.36 29.37
N PRO C 334 21.28 20.47 28.80
CA PRO C 334 19.87 20.79 29.03
C PRO C 334 18.87 19.70 28.64
N TYR C 335 19.26 18.79 27.77
CA TYR C 335 18.36 17.72 27.32
C TYR C 335 19.00 16.36 27.57
N LYS C 336 19.74 16.25 28.66
CA LYS C 336 20.43 15.01 29.00
C LYS C 336 19.54 13.84 29.42
N ASP C 337 18.27 14.10 29.67
CA ASP C 337 17.37 13.02 30.08
C ASP C 337 16.94 12.20 28.87
N VAL C 338 17.41 12.60 27.70
CA VAL C 338 17.07 11.90 26.47
C VAL C 338 18.02 10.71 26.26
N HIS C 339 19.09 10.67 27.06
CA HIS C 339 20.12 9.64 27.01
C HIS C 339 20.20 8.77 28.24
N ASP C 340 20.93 7.66 28.11
CA ASP C 340 21.22 6.75 29.21
C ASP C 340 22.69 7.11 29.46
N LEU C 341 22.90 8.09 30.33
CA LEU C 341 24.23 8.58 30.65
C LEU C 341 25.34 7.54 30.73
N HIS C 342 25.02 6.32 31.13
CA HIS C 342 26.06 5.27 31.22
C HIS C 342 26.40 4.67 29.86
N ASN C 343 25.67 5.07 28.82
CA ASN C 343 25.88 4.56 27.47
C ASN C 343 25.77 5.65 26.42
N ALA C 344 26.07 6.89 26.80
CA ALA C 344 26.00 8.03 25.88
C ALA C 344 27.37 8.66 25.76
N PRO C 345 27.78 9.07 24.55
CA PRO C 345 29.10 9.69 24.34
C PRO C 345 29.20 11.10 24.89
N LYS C 346 30.43 11.53 25.15
CA LYS C 346 30.68 12.87 25.65
C LYS C 346 31.76 13.56 24.83
N LEU C 347 31.59 14.85 24.55
CA LEU C 347 32.57 15.60 23.78
C LEU C 347 33.96 15.50 24.40
N GLY C 348 34.96 15.12 23.59
CA GLY C 348 36.32 15.03 24.09
C GLY C 348 36.79 13.68 24.60
N TYR C 349 35.87 12.72 24.72
CA TYR C 349 36.24 11.40 25.22
C TYR C 349 36.45 10.32 24.16
N GLY C 350 36.82 10.75 22.96
CA GLY C 350 37.13 9.80 21.88
C GLY C 350 36.07 9.40 20.88
N VAL C 351 36.46 8.57 19.92
CA VAL C 351 35.52 8.07 18.91
C VAL C 351 34.52 7.23 19.63
N ALA C 352 33.30 7.22 19.11
CA ALA C 352 32.23 6.47 19.69
C ALA C 352 32.14 5.13 18.98
N LEU C 353 32.03 4.05 19.76
CA LEU C 353 31.89 2.71 19.20
C LEU C 353 30.39 2.44 19.33
N VAL C 354 29.69 2.45 18.19
CA VAL C 354 28.26 2.24 18.23
C VAL C 354 27.78 0.88 17.76
N LYS C 355 27.50 0.02 18.73
CA LYS C 355 26.99 -1.30 18.45
C LYS C 355 25.50 -1.05 18.32
N TYR C 356 24.93 -1.39 17.17
CA TYR C 356 23.49 -1.20 16.89
C TYR C 356 22.88 0.19 17.09
N THR C 357 21.88 0.49 16.26
CA THR C 357 21.14 1.74 16.31
C THR C 357 19.67 1.34 16.16
N GLY C 358 18.96 1.97 15.22
CA GLY C 358 17.56 1.63 15.02
C GLY C 358 16.64 2.11 16.12
N ALA C 359 15.42 1.60 16.15
CA ALA C 359 14.45 2.01 17.15
C ALA C 359 13.58 0.88 17.70
N ARG C 360 12.81 1.22 18.72
CA ARG C 360 11.89 0.30 19.37
C ARG C 360 12.51 -1.07 19.60
N GLY C 361 13.79 -1.11 19.92
CA GLY C 361 14.40 -2.40 20.16
C GLY C 361 15.09 -3.03 18.95
N LYS C 362 16.15 -2.37 18.50
CA LYS C 362 16.94 -2.87 17.39
C LYS C 362 16.19 -3.09 16.08
N TYR C 363 15.13 -2.34 15.84
CA TYR C 363 14.41 -2.53 14.58
C TYR C 363 15.17 -1.89 13.42
N SER C 364 15.23 -2.63 12.31
CA SER C 364 15.87 -2.20 11.07
C SER C 364 17.28 -1.63 11.18
N THR C 365 18.11 -2.27 11.98
CA THR C 365 19.50 -1.82 12.14
C THR C 365 20.50 -2.95 12.24
N ASN C 366 21.73 -2.66 11.85
CA ASN C 366 22.80 -3.63 11.94
C ASN C 366 23.23 -3.66 13.40
N ASP C 367 23.35 -4.86 13.95
CA ASP C 367 23.77 -5.04 15.33
C ASP C 367 25.08 -5.82 15.30
N ALA C 368 26.20 -5.12 15.48
CA ALA C 368 27.51 -5.77 15.45
C ALA C 368 27.59 -7.04 16.32
N HIS C 369 28.24 -8.07 15.79
CA HIS C 369 28.43 -9.32 16.52
C HIS C 369 29.45 -9.11 17.61
N ALA C 370 29.37 -9.89 18.66
CA ALA C 370 30.32 -9.75 19.77
C ALA C 370 31.75 -9.99 19.30
N GLU C 371 31.95 -10.98 18.45
CA GLU C 371 33.29 -11.27 17.98
C GLU C 371 33.85 -10.14 17.11
N PHE C 372 33.01 -9.47 16.31
CA PHE C 372 33.54 -8.39 15.50
C PHE C 372 33.98 -7.25 16.40
N VAL C 373 33.16 -6.92 17.39
CA VAL C 373 33.47 -5.85 18.35
C VAL C 373 34.78 -6.21 19.02
N ALA C 374 34.91 -7.48 19.40
CA ALA C 374 36.13 -7.98 20.04
C ALA C 374 37.39 -7.63 19.25
N ARG C 375 37.35 -7.86 17.94
CA ARG C 375 38.50 -7.56 17.08
C ARG C 375 38.81 -6.06 17.07
N VAL C 376 37.75 -5.26 17.10
CA VAL C 376 37.87 -3.81 17.10
C VAL C 376 38.42 -3.37 18.44
N ARG C 377 37.81 -3.86 19.51
CA ARG C 377 38.22 -3.53 20.86
C ARG C 377 39.72 -3.73 21.01
N LYS C 378 40.21 -4.83 20.47
CA LYS C 378 41.62 -5.17 20.55
C LYS C 378 42.55 -4.24 19.78
N VAL C 379 42.19 -3.86 18.56
CA VAL C 379 43.02 -2.97 17.78
C VAL C 379 43.13 -1.61 18.43
N LEU C 380 41.97 -1.02 18.76
CA LEU C 380 41.92 0.30 19.40
C LEU C 380 42.74 0.32 20.68
N ASN C 381 42.51 -0.66 21.54
CA ASN C 381 43.25 -0.71 22.80
C ASN C 381 44.74 -0.89 22.52
N GLU C 382 45.08 -1.84 21.66
CA GLU C 382 46.48 -2.09 21.34
C GLU C 382 47.21 -0.85 20.85
N GLN C 383 46.55 -0.04 20.03
CA GLN C 383 47.18 1.16 19.50
C GLN C 383 46.96 2.34 20.44
N GLY C 384 46.34 2.09 21.58
CA GLY C 384 46.08 3.17 22.52
C GLY C 384 45.17 4.27 22.00
N VAL C 385 44.09 3.88 21.33
CA VAL C 385 43.14 4.84 20.78
C VAL C 385 42.09 5.15 21.85
N ILE C 386 41.76 6.44 22.03
CA ILE C 386 40.76 6.82 23.02
C ILE C 386 39.37 6.68 22.41
N TRP C 387 38.60 5.72 22.91
CA TRP C 387 37.25 5.49 22.42
C TRP C 387 36.25 5.36 23.56
N GLN C 388 34.98 5.35 23.23
CA GLN C 388 33.92 5.26 24.24
C GLN C 388 32.70 4.63 23.58
N VAL C 389 31.91 3.89 24.36
CA VAL C 389 30.71 3.27 23.77
C VAL C 389 29.58 4.28 23.73
N ALA C 390 28.81 4.26 22.65
CA ALA C 390 27.70 5.17 22.50
C ALA C 390 26.41 4.47 22.08
N THR C 391 25.30 5.10 22.41
CA THR C 391 23.96 4.61 22.10
C THR C 391 23.16 5.81 21.63
N LEU C 392 22.20 5.61 20.75
CA LEU C 392 21.42 6.76 20.30
C LEU C 392 20.21 7.02 21.20
N GLY C 393 20.48 7.34 22.46
CA GLY C 393 19.41 7.65 23.41
C GLY C 393 18.85 6.48 24.19
N LYS C 394 18.00 6.78 25.17
CA LYS C 394 17.35 5.76 26.00
C LYS C 394 16.57 4.80 25.09
N VAL C 395 16.36 3.58 25.57
CA VAL C 395 15.67 2.52 24.84
C VAL C 395 14.63 2.91 23.79
N ASP C 396 13.49 3.47 24.20
CA ASP C 396 12.49 3.83 23.20
C ASP C 396 12.44 5.32 22.85
N GLN C 397 13.57 6.01 23.07
CA GLN C 397 13.66 7.44 22.80
C GLN C 397 13.52 7.81 21.32
N GLY C 398 14.55 7.51 20.55
CA GLY C 398 14.49 7.86 19.14
C GLY C 398 14.83 6.76 18.18
N GLY C 399 15.18 7.15 16.95
CA GLY C 399 15.52 6.18 15.93
C GLY C 399 16.73 6.54 15.11
N GLY C 400 17.69 5.62 15.08
CA GLY C 400 18.90 5.80 14.30
C GLY C 400 18.75 4.99 13.04
N GLY C 401 19.86 4.67 12.40
CA GLY C 401 19.80 3.91 11.17
C GLY C 401 20.82 4.45 10.19
N THR C 402 21.94 3.75 10.10
CA THR C 402 23.02 4.16 9.21
C THR C 402 23.08 3.18 8.04
N ILE C 403 24.02 3.42 7.13
CA ILE C 403 24.21 2.56 5.96
C ILE C 403 24.88 1.23 6.33
N ALA C 404 25.27 1.07 7.58
CA ALA C 404 25.93 -0.17 8.02
C ALA C 404 25.19 -1.43 7.58
N LYS C 405 23.87 -1.42 7.70
CA LYS C 405 23.09 -2.60 7.34
C LYS C 405 23.21 -2.99 5.88
N PHE C 406 23.57 -2.02 5.02
CA PHE C 406 23.69 -2.30 3.60
C PHE C 406 24.94 -3.06 3.22
N PHE C 407 25.93 -3.08 4.08
CA PHE C 407 27.14 -3.81 3.81
C PHE C 407 27.08 -5.13 4.52
N ALA C 408 26.40 -5.16 5.66
CA ALA C 408 26.26 -6.41 6.40
C ALA C 408 25.36 -7.32 5.56
N GLU C 409 24.48 -6.68 4.79
CA GLU C 409 23.55 -7.38 3.92
C GLU C 409 24.36 -8.03 2.81
N ARG C 410 25.53 -7.49 2.54
CA ARG C 410 26.39 -8.04 1.50
C ARG C 410 27.47 -8.97 2.03
N GLY C 411 27.22 -9.55 3.21
CA GLY C 411 28.16 -10.52 3.78
C GLY C 411 29.30 -10.08 4.69
N SER C 412 29.56 -8.78 4.79
CA SER C 412 30.67 -8.30 5.63
C SER C 412 30.30 -7.94 7.06
N ASP C 413 31.25 -8.12 7.98
CA ASP C 413 31.02 -7.75 9.37
C ASP C 413 31.10 -6.23 9.39
N VAL C 414 30.20 -5.58 10.13
CA VAL C 414 30.18 -4.12 10.17
C VAL C 414 29.90 -3.57 11.56
N ILE C 415 30.45 -2.39 11.84
CA ILE C 415 30.26 -1.70 13.12
C ILE C 415 30.20 -0.18 12.88
N ASP C 416 29.44 0.53 13.70
CA ASP C 416 29.33 1.99 13.54
C ASP C 416 30.35 2.74 14.38
N GLY C 418 32.26 6.82 14.87
CA GLY C 418 32.40 8.21 14.47
C GLY C 418 32.41 9.12 15.68
N PRO C 419 32.53 10.44 15.48
CA PRO C 419 32.54 11.41 16.58
C PRO C 419 31.12 11.64 17.08
N ALA C 420 31.00 12.31 18.22
CA ALA C 420 29.69 12.61 18.78
C ALA C 420 29.41 14.09 18.56
N LEU C 421 28.30 14.38 17.90
CA LEU C 421 27.92 15.76 17.64
C LEU C 421 26.91 16.28 18.65
N LEU C 422 26.64 17.56 18.55
CA LEU C 422 25.69 18.22 19.42
C LEU C 422 24.89 19.09 18.44
N GLY C 423 23.57 18.92 18.41
CA GLY C 423 22.76 19.71 17.49
C GLY C 423 22.81 19.19 16.05
N HIS C 425 22.02 17.80 12.46
CA HIS C 425 21.01 18.20 11.49
C HIS C 425 20.59 19.64 11.55
N SER C 426 21.26 20.44 12.37
CA SER C 426 20.91 21.86 12.43
C SER C 426 21.91 22.57 11.51
N PRO C 427 21.69 23.86 11.26
CA PRO C 427 22.61 24.59 10.38
C PRO C 427 24.01 24.75 10.96
N PHE C 428 24.17 24.54 12.25
CA PHE C 428 25.48 24.71 12.89
C PHE C 428 25.80 23.61 13.91
N GLU C 429 26.09 22.42 13.40
CA GLU C 429 26.42 21.27 14.23
C GLU C 429 27.75 21.49 14.97
N ILE C 430 27.82 20.97 16.19
CA ILE C 430 29.02 21.10 17.03
C ILE C 430 29.75 19.78 17.22
N SER C 431 31.07 19.81 17.07
CA SER C 431 31.88 18.61 17.27
C SER C 431 33.12 19.01 18.04
N SER C 432 33.81 18.03 18.62
CA SER C 432 35.02 18.29 19.40
C SER C 432 36.29 18.12 18.58
N LYS C 433 37.17 19.11 18.64
CA LYS C 433 38.44 19.05 17.92
C LYS C 433 39.19 17.79 18.34
N ALA C 434 39.18 17.47 19.63
CA ALA C 434 39.88 16.29 20.10
C ALA C 434 39.24 15.02 19.52
N ASP C 435 37.92 14.96 19.47
CA ASP C 435 37.24 13.79 18.92
C ASP C 435 37.52 13.67 17.41
N LEU C 436 37.58 14.80 16.73
CA LEU C 436 37.84 14.85 15.30
C LEU C 436 39.13 14.07 15.05
N PHE C 437 40.19 14.56 15.67
CA PHE C 437 41.51 13.96 15.54
C PHE C 437 41.50 12.48 15.85
N GLU C 438 41.00 12.13 17.02
CA GLU C 438 40.99 10.74 17.43
C GLU C 438 40.19 9.83 16.49
N THR C 439 39.23 10.39 15.77
CA THR C 439 38.44 9.57 14.84
C THR C 439 39.38 9.13 13.72
N TYR C 440 40.16 10.09 13.23
CA TYR C 440 41.14 9.86 12.19
C TYR C 440 42.17 8.84 12.66
N VAL C 441 42.60 8.97 13.91
CA VAL C 441 43.56 8.05 14.49
C VAL C 441 42.97 6.65 14.59
N ALA C 442 41.68 6.57 14.91
CA ALA C 442 40.99 5.28 15.04
C ALA C 442 40.84 4.62 13.68
N TYR C 443 40.34 5.38 12.70
CA TYR C 443 40.15 4.83 11.35
C TYR C 443 41.45 4.32 10.74
N ARG C 444 42.53 5.04 10.95
CA ARG C 444 43.82 4.64 10.41
C ARG C 444 44.35 3.35 11.03
N SER C 445 44.31 3.26 12.35
CA SER C 445 44.82 2.08 13.02
C SER C 445 43.97 0.87 12.66
N LEU C 446 42.66 1.04 12.58
CA LEU C 446 41.78 -0.07 12.21
C LEU C 446 42.07 -0.52 10.79
N GLU C 448 44.85 -0.37 9.22
CA GLU C 448 46.16 -1.05 9.28
C GLU C 448 46.23 -2.32 10.11
N LYS C 449 45.38 -2.44 11.13
CA LYS C 449 45.44 -3.61 12.00
C LYS C 449 44.36 -4.68 11.84
N LEU C 450 43.17 -4.29 11.41
CA LEU C 450 42.09 -5.27 11.23
C LEU C 450 42.48 -6.37 10.25
N LYS D 1 7.89 33.89 -21.79
CA LYS D 1 8.49 32.52 -21.97
C LYS D 1 7.86 31.51 -21.01
N GLU D 3 5.94 28.54 -20.90
CA GLU D 3 4.50 28.37 -20.99
C GLU D 3 4.19 26.95 -21.41
N ARG D 4 3.09 26.41 -20.90
CA ARG D 4 2.70 25.05 -21.26
C ARG D 4 1.73 25.07 -22.43
N LYS D 5 2.02 24.28 -23.45
CA LYS D 5 1.17 24.21 -24.62
C LYS D 5 0.16 23.10 -24.38
N ASN D 6 -1.04 23.26 -24.93
CA ASN D 6 -2.09 22.27 -24.79
C ASN D 6 -2.03 21.32 -26.00
N VAL D 7 -1.93 20.02 -25.71
CA VAL D 7 -1.83 19.02 -26.75
C VAL D 7 -2.91 19.14 -27.82
N TRP D 8 -4.15 19.38 -27.41
CA TRP D 8 -5.27 19.49 -28.36
C TRP D 8 -5.01 20.54 -29.46
N HIS D 9 -4.05 21.42 -29.22
CA HIS D 9 -3.71 22.46 -30.18
C HIS D 9 -2.45 22.16 -30.99
N HIS D 10 -1.83 21.00 -30.76
CA HIS D 10 -0.60 20.64 -31.46
C HIS D 10 -0.57 19.23 -31.98
N ARG D 11 -1.70 18.54 -31.95
CA ARG D 11 -1.74 17.16 -32.42
C ARG D 11 -3.05 16.94 -33.15
N LYS D 12 -3.05 16.05 -34.14
CA LYS D 12 -4.25 15.78 -34.92
C LYS D 12 -5.37 15.11 -34.15
N LYS D 13 -6.52 15.78 -34.12
CA LYS D 13 -7.71 15.29 -33.44
C LYS D 13 -7.98 13.83 -33.80
N GLU D 14 -8.08 13.55 -35.09
CA GLU D 14 -8.34 12.20 -35.56
C GLU D 14 -7.30 11.19 -35.05
N GLU D 15 -6.05 11.61 -34.96
CA GLU D 15 -5.01 10.69 -34.48
C GLU D 15 -5.27 10.37 -33.01
N ILE D 16 -5.57 11.39 -32.23
CA ILE D 16 -5.84 11.22 -30.81
C ILE D 16 -7.06 10.34 -30.61
N GLU D 17 -8.13 10.64 -31.34
CA GLU D 17 -9.37 9.86 -31.23
C GLU D 17 -9.13 8.39 -31.52
N ALA D 18 -8.44 8.11 -32.61
CA ALA D 18 -8.16 6.74 -33.01
C ALA D 18 -7.40 5.99 -31.92
N PHE D 19 -6.23 6.50 -31.55
CA PHE D 19 -5.39 5.89 -30.54
C PHE D 19 -6.19 5.71 -29.27
N SER D 20 -7.19 6.57 -29.08
CA SER D 20 -8.04 6.52 -27.90
C SER D 20 -8.98 5.33 -27.90
N LYS D 21 -9.54 4.99 -29.05
CA LYS D 21 -10.45 3.86 -29.13
C LYS D 21 -9.70 2.54 -29.00
N GLU D 22 -8.44 2.53 -29.42
CA GLU D 22 -7.61 1.33 -29.35
C GLU D 22 -7.25 1.08 -27.90
N TYR D 23 -7.04 2.16 -27.16
CA TYR D 23 -6.70 2.06 -25.75
C TYR D 23 -7.86 1.45 -24.97
N GLU D 25 -10.34 -0.25 -26.00
CA GLU D 25 -10.64 -1.62 -26.40
C GLU D 25 -9.77 -2.52 -25.51
N PHE D 26 -8.52 -2.12 -25.32
CA PHE D 26 -7.56 -2.85 -24.50
C PHE D 26 -7.99 -2.88 -23.03
N SER D 28 -10.69 -3.00 -21.91
CA SER D 28 -11.89 -3.83 -21.82
C SER D 28 -11.46 -5.27 -21.51
N LYS D 29 -10.24 -5.61 -21.85
CA LYS D 29 -9.72 -6.94 -21.60
C LYS D 29 -8.79 -6.98 -20.39
N ALA D 30 -8.13 -5.86 -20.12
CA ALA D 30 -7.18 -5.75 -19.02
C ALA D 30 -7.75 -5.31 -17.67
N LYS D 31 -8.46 -6.19 -16.99
CA LYS D 31 -9.03 -5.83 -15.70
C LYS D 31 -8.12 -6.27 -14.55
N THR D 32 -7.38 -7.35 -14.78
CA THR D 32 -6.45 -7.88 -13.78
C THR D 32 -5.09 -7.99 -14.44
N GLU D 33 -4.07 -8.32 -13.67
CA GLU D 33 -2.72 -8.43 -14.22
C GLU D 33 -2.58 -9.71 -15.03
N ARG D 34 -3.41 -10.71 -14.74
CA ARG D 34 -3.34 -11.96 -15.47
C ARG D 34 -3.95 -11.75 -16.85
N THR D 36 -4.08 -8.78 -18.33
CA THR D 36 -3.25 -7.82 -19.04
C THR D 36 -2.05 -8.55 -19.66
N VAL D 37 -1.46 -9.49 -18.92
CA VAL D 37 -0.32 -10.22 -19.47
C VAL D 37 -0.82 -10.98 -20.69
N LYS D 38 -1.93 -11.69 -20.50
CA LYS D 38 -2.56 -12.46 -21.56
C LYS D 38 -2.78 -11.57 -22.78
N GLU D 39 -3.43 -10.43 -22.55
CA GLU D 39 -3.74 -9.50 -23.63
C GLU D 39 -2.51 -8.87 -24.30
N ILE D 40 -1.46 -8.65 -23.53
CA ILE D 40 -0.24 -8.05 -24.07
C ILE D 40 0.47 -9.10 -24.88
N LYS D 41 0.66 -10.27 -24.29
CA LYS D 41 1.33 -11.36 -24.98
C LYS D 41 0.73 -11.59 -26.38
N ARG D 42 -0.59 -11.69 -26.49
CA ARG D 42 -1.14 -11.94 -27.82
C ARG D 42 -0.90 -10.79 -28.80
N ILE D 43 -0.80 -9.57 -28.29
CA ILE D 43 -0.52 -8.43 -29.17
C ILE D 43 0.90 -8.61 -29.70
N LEU D 44 1.78 -9.14 -28.84
CA LEU D 44 3.17 -9.40 -29.18
C LEU D 44 3.26 -10.55 -30.17
N ASP D 45 2.60 -11.66 -29.87
CA ASP D 45 2.62 -12.80 -30.78
C ASP D 45 2.16 -12.28 -32.15
N GLU D 46 1.13 -11.44 -32.11
CA GLU D 46 0.57 -10.86 -33.31
C GLU D 46 1.59 -9.99 -34.07
N SER D 47 2.51 -9.36 -33.33
CA SER D 47 3.51 -8.50 -33.96
C SER D 47 4.82 -9.18 -34.27
N GLY D 48 4.84 -10.51 -34.22
CA GLY D 48 6.05 -11.25 -34.53
C GLY D 48 7.07 -11.43 -33.43
N PHE D 49 6.63 -11.51 -32.18
CA PHE D 49 7.56 -11.72 -31.07
C PHE D 49 7.52 -13.20 -30.75
N VAL D 50 8.61 -13.74 -30.25
CA VAL D 50 8.62 -15.14 -29.87
C VAL D 50 9.21 -15.21 -28.47
N PRO D 51 8.84 -16.24 -27.70
CA PRO D 51 9.34 -16.40 -26.34
C PRO D 51 10.85 -16.46 -26.32
N LEU D 52 11.47 -15.61 -25.49
CA LEU D 52 12.92 -15.56 -25.38
C LEU D 52 13.53 -16.95 -25.23
N GLU D 53 12.84 -17.82 -24.52
CA GLU D 53 13.30 -19.19 -24.27
C GLU D 53 13.34 -19.99 -25.57
N ASP D 54 12.35 -19.76 -26.43
CA ASP D 54 12.27 -20.47 -27.72
C ASP D 54 13.03 -19.81 -28.86
N PHE D 55 13.63 -18.65 -28.59
CA PHE D 55 14.36 -17.94 -29.64
C PHE D 55 15.63 -18.59 -30.11
N ALA D 56 15.75 -18.67 -31.43
CA ALA D 56 16.91 -19.24 -32.09
C ALA D 56 17.13 -18.42 -33.35
N GLY D 57 18.34 -17.93 -33.56
CA GLY D 57 18.57 -17.17 -34.77
C GLY D 57 19.27 -15.83 -34.70
N ASP D 58 20.43 -15.78 -34.06
CA ASP D 58 21.19 -14.53 -34.00
C ASP D 58 20.74 -13.43 -33.06
N PRO D 59 21.55 -13.17 -32.02
CA PRO D 59 21.17 -12.10 -31.10
C PRO D 59 21.41 -10.84 -31.93
N ASN D 61 19.81 -8.93 -32.93
CA ASN D 61 18.56 -8.64 -33.65
C ASN D 61 17.51 -9.69 -33.30
N THR D 63 13.47 -9.90 -31.38
CA THR D 63 12.34 -9.30 -30.70
C THR D 63 11.69 -10.46 -29.94
N VAL D 64 11.89 -10.45 -28.62
CA VAL D 64 11.38 -11.54 -27.81
C VAL D 64 10.70 -11.05 -26.55
N TYR D 65 10.08 -11.96 -25.82
CA TYR D 65 9.42 -11.62 -24.57
C TYR D 65 9.55 -12.76 -23.57
N ALA D 66 9.51 -12.40 -22.29
CA ALA D 66 9.62 -13.38 -21.23
C ALA D 66 8.48 -13.16 -20.25
N VAL D 67 7.59 -14.15 -20.15
CA VAL D 67 6.48 -14.04 -19.22
C VAL D 67 6.92 -14.63 -17.89
N ASN D 68 6.75 -13.87 -16.81
CA ASN D 68 7.15 -14.33 -15.49
C ASN D 68 6.34 -15.56 -15.12
N ARG D 69 5.18 -15.35 -14.49
CA ARG D 69 4.33 -16.47 -14.11
C ARG D 69 2.89 -16.12 -14.42
N GLY D 70 2.70 -15.44 -15.54
CA GLY D 70 1.37 -15.03 -15.94
C GLY D 70 1.01 -13.71 -15.32
N LYS D 71 1.83 -13.27 -14.36
CA LYS D 71 1.60 -12.02 -13.64
C LYS D 71 2.47 -10.87 -14.15
N ALA D 72 3.65 -11.19 -14.69
CA ALA D 72 4.54 -10.15 -15.22
C ALA D 72 5.04 -10.58 -16.60
N ILE D 73 5.54 -9.62 -17.37
CA ILE D 73 6.04 -9.90 -18.71
C ILE D 73 7.03 -8.85 -19.20
N ALA D 74 8.13 -9.30 -19.81
CA ALA D 74 9.14 -8.39 -20.33
C ALA D 74 9.31 -8.60 -21.84
N ALA D 75 9.24 -7.51 -22.60
CA ALA D 75 9.37 -7.56 -24.06
C ALA D 75 10.51 -6.66 -24.51
N PHE D 76 11.45 -7.24 -25.27
CA PHE D 76 12.60 -6.48 -25.75
C PHE D 76 12.79 -6.58 -27.26
N ARG D 77 13.40 -5.56 -27.83
CA ARG D 77 13.74 -5.54 -29.25
C ARG D 77 15.25 -5.34 -29.27
N VAL D 78 15.99 -6.44 -29.15
CA VAL D 78 17.44 -6.38 -29.15
C VAL D 78 17.90 -6.07 -30.56
N VAL D 79 18.61 -4.95 -30.70
CA VAL D 79 19.08 -4.49 -31.99
C VAL D 79 20.61 -4.42 -32.04
N ASP D 80 21.24 -4.59 -30.89
CA ASP D 80 22.69 -4.52 -30.81
C ASP D 80 23.15 -5.34 -29.60
N ASP D 81 24.41 -5.12 -29.21
CA ASP D 81 24.97 -5.80 -28.05
C ASP D 81 24.39 -5.13 -26.82
N LEU D 82 24.01 -5.90 -25.82
CA LEU D 82 23.45 -5.33 -24.60
C LEU D 82 24.45 -4.49 -23.84
N LYS D 83 25.74 -4.66 -24.14
CA LYS D 83 26.77 -3.91 -23.46
C LYS D 83 26.68 -2.46 -23.92
N ARG D 84 25.88 -2.24 -24.95
CA ARG D 84 25.66 -0.90 -25.48
C ARG D 84 24.56 -0.28 -24.64
N GLY D 85 23.92 -1.13 -23.83
CA GLY D 85 22.83 -0.70 -22.97
C GLY D 85 21.54 -0.62 -23.75
N LEU D 86 20.45 -0.22 -23.09
CA LEU D 86 19.17 -0.11 -23.78
C LEU D 86 18.22 0.93 -23.18
N ASN D 87 17.15 1.22 -23.91
CA ASN D 87 16.13 2.17 -23.45
C ASN D 87 14.91 1.36 -22.99
N LEU D 88 14.62 1.44 -21.71
CA LEU D 88 13.49 0.72 -21.14
C LEU D 88 12.40 1.62 -20.58
N VAL D 89 11.19 1.09 -20.58
CA VAL D 89 10.05 1.79 -20.02
C VAL D 89 9.40 0.73 -19.14
N VAL D 90 9.44 0.98 -17.83
CA VAL D 90 8.86 0.05 -16.88
C VAL D 90 7.55 0.59 -16.38
N ALA D 91 6.60 -0.30 -16.14
CA ALA D 91 5.28 0.08 -15.65
C ALA D 91 4.77 -1.12 -14.87
N HIS D 92 3.62 -0.97 -14.24
CA HIS D 92 3.04 -2.07 -13.47
C HIS D 92 1.63 -2.37 -13.95
N ILE D 93 1.26 -3.65 -13.89
CA ILE D 93 -0.07 -4.06 -14.35
C ILE D 93 -1.02 -4.52 -13.26
N ASP D 94 -0.71 -4.21 -12.01
CA ASP D 94 -1.60 -4.55 -10.91
C ASP D 94 -2.23 -3.24 -10.43
N SER D 95 -3.51 -3.30 -10.07
CA SER D 95 -4.22 -2.13 -9.59
C SER D 95 -5.02 -2.51 -8.35
N PRO D 96 -5.34 -1.53 -7.51
CA PRO D 96 -6.12 -1.84 -6.31
C PRO D 96 -7.38 -2.61 -6.70
N ARG D 97 -7.68 -3.65 -5.93
CA ARG D 97 -8.82 -4.53 -6.18
C ARG D 97 -9.33 -5.07 -4.85
N LEU D 98 -10.12 -6.14 -4.87
CA LEU D 98 -10.61 -6.71 -3.63
C LEU D 98 -10.05 -8.06 -3.21
N ASP D 99 -9.98 -9.05 -4.10
CA ASP D 99 -9.40 -10.36 -3.69
C ASP D 99 -10.22 -11.22 -2.72
N PHE D 100 -10.61 -12.40 -3.16
CA PHE D 100 -11.36 -13.33 -2.30
C PHE D 100 -10.40 -13.82 -1.21
N LYS D 101 -10.94 -14.36 -0.13
CA LYS D 101 -10.11 -14.90 0.93
C LYS D 101 -9.90 -16.38 0.63
N PRO D 102 -8.96 -17.05 1.32
CA PRO D 102 -8.75 -18.47 1.05
C PRO D 102 -10.08 -19.24 1.17
N ASN D 103 -10.85 -18.93 2.21
CA ASN D 103 -12.17 -19.52 2.43
C ASN D 103 -13.08 -18.32 2.36
N PRO D 104 -13.57 -18.00 1.15
CA PRO D 104 -14.44 -16.85 0.90
C PRO D 104 -15.92 -17.03 1.22
N LEU D 105 -16.46 -18.20 0.88
CA LEU D 105 -17.87 -18.49 1.07
C LEU D 105 -18.35 -18.69 2.49
N ILE D 106 -19.33 -17.88 2.88
CA ILE D 106 -19.95 -17.97 4.19
C ILE D 106 -21.42 -17.60 4.05
N GLU D 107 -22.19 -17.87 5.11
CA GLU D 107 -23.59 -17.52 5.13
C GLU D 107 -23.85 -16.80 6.44
N ASP D 108 -24.55 -15.67 6.36
CA ASP D 108 -24.89 -14.89 7.54
C ASP D 108 -26.30 -14.35 7.37
N GLU D 109 -27.22 -14.83 8.19
CA GLU D 109 -28.62 -14.40 8.10
C GLU D 109 -29.24 -14.84 6.79
N GLN D 110 -29.00 -16.10 6.41
CA GLN D 110 -29.55 -16.69 5.17
C GLN D 110 -29.10 -16.00 3.89
N ILE D 111 -27.89 -15.44 3.91
CA ILE D 111 -27.37 -14.77 2.73
C ILE D 111 -25.93 -15.20 2.47
N ALA D 112 -25.71 -15.88 1.36
CA ALA D 112 -24.37 -16.33 1.00
C ALA D 112 -23.51 -15.10 0.71
N LEU D 113 -22.31 -15.07 1.30
CA LEU D 113 -21.40 -13.95 1.10
C LEU D 113 -20.00 -14.41 0.73
N PHE D 114 -19.31 -13.58 -0.05
CA PHE D 114 -17.94 -13.87 -0.44
C PHE D 114 -17.08 -12.87 0.32
N LYS D 115 -16.31 -13.37 1.29
CA LYS D 115 -15.45 -12.49 2.08
C LYS D 115 -14.24 -12.09 1.26
N THR D 116 -13.82 -10.84 1.37
CA THR D 116 -12.67 -10.39 0.61
C THR D 116 -11.66 -9.74 1.51
N HIS D 117 -10.48 -9.46 0.95
CA HIS D 117 -9.40 -8.81 1.69
C HIS D 117 -8.85 -7.80 0.69
N TYR D 118 -9.16 -6.52 0.88
CA TYR D 118 -8.71 -5.53 -0.10
C TYR D 118 -7.21 -5.60 -0.40
N TYR D 119 -6.87 -5.14 -1.60
CA TYR D 119 -5.50 -5.15 -2.12
C TYR D 119 -5.07 -3.76 -2.57
N GLY D 120 -3.96 -3.27 -2.03
CA GLY D 120 -3.49 -1.96 -2.42
C GLY D 120 -4.19 -0.81 -1.74
N GLY D 121 -3.73 0.41 -2.02
CA GLY D 121 -4.31 1.59 -1.41
C GLY D 121 -5.69 1.96 -1.91
N ILE D 122 -6.65 1.10 -1.60
CA ILE D 122 -8.03 1.30 -1.99
C ILE D 122 -8.68 2.35 -1.08
N LYS D 123 -9.89 2.76 -1.42
CA LYS D 123 -10.69 3.69 -0.62
C LYS D 123 -11.98 2.93 -0.39
N LYS D 124 -12.08 2.25 0.75
CA LYS D 124 -13.24 1.44 1.08
C LYS D 124 -14.59 1.92 0.54
N TYR D 125 -14.97 3.15 0.85
CA TYR D 125 -16.27 3.63 0.42
C TYR D 125 -16.55 3.67 -1.07
N HIS D 126 -15.52 3.50 -1.88
CA HIS D 126 -15.71 3.49 -3.33
C HIS D 126 -16.37 2.19 -3.75
N TRP D 127 -16.08 1.12 -3.01
CA TRP D 127 -16.58 -0.19 -3.36
C TRP D 127 -17.89 -0.62 -2.74
N LEU D 128 -18.66 0.34 -2.24
CA LEU D 128 -19.96 0.02 -1.66
C LEU D 128 -21.03 0.49 -2.62
N SER D 129 -21.99 -0.38 -2.87
CA SER D 129 -23.10 -0.12 -3.78
C SER D 129 -22.73 0.27 -5.21
N ILE D 130 -21.93 -0.57 -5.85
CA ILE D 130 -21.53 -0.39 -7.23
C ILE D 130 -21.49 -1.80 -7.79
N PRO D 131 -21.80 -1.95 -9.09
CA PRO D 131 -21.79 -3.27 -9.74
C PRO D 131 -20.38 -3.82 -9.96
N LEU D 132 -20.06 -4.91 -9.28
CA LEU D 132 -18.75 -5.52 -9.41
C LEU D 132 -18.80 -6.79 -10.27
N GLU D 133 -17.64 -7.20 -10.75
CA GLU D 133 -17.53 -8.43 -11.52
C GLU D 133 -16.30 -9.15 -10.96
N ILE D 134 -16.28 -10.48 -11.04
CA ILE D 134 -15.14 -11.21 -10.53
C ILE D 134 -14.39 -11.97 -11.62
N HIS D 135 -13.07 -11.96 -11.51
CA HIS D 135 -12.19 -12.62 -12.46
C HIS D 135 -11.08 -13.32 -11.67
N GLY D 136 -10.51 -14.38 -12.23
CA GLY D 136 -9.45 -15.09 -11.53
C GLY D 136 -9.37 -16.53 -11.97
N VAL D 137 -8.78 -17.38 -11.13
CA VAL D 137 -8.64 -18.80 -11.45
C VAL D 137 -8.58 -19.69 -10.22
N LEU D 138 -9.08 -20.92 -10.35
CA LEU D 138 -9.08 -21.89 -9.25
C LEU D 138 -8.53 -23.22 -9.76
N PHE D 139 -7.81 -23.94 -8.90
CA PHE D 139 -7.26 -25.23 -9.28
C PHE D 139 -7.92 -26.35 -8.48
N LYS D 140 -8.36 -27.40 -9.17
CA LYS D 140 -8.97 -28.53 -8.48
C LYS D 140 -7.82 -29.31 -7.86
N ASN D 141 -8.12 -30.20 -6.93
CA ASN D 141 -7.05 -30.95 -6.30
C ASN D 141 -6.19 -31.71 -7.31
N ASP D 142 -6.81 -32.26 -8.35
CA ASP D 142 -6.06 -33.00 -9.35
C ASP D 142 -5.13 -32.07 -10.13
N GLY D 143 -5.37 -30.77 -10.01
CA GLY D 143 -4.52 -29.81 -10.70
C GLY D 143 -5.12 -29.13 -11.94
N THR D 144 -6.41 -29.35 -12.18
CA THR D 144 -7.07 -28.74 -13.33
C THR D 144 -7.31 -27.25 -13.11
N GLU D 145 -6.86 -26.45 -14.07
CA GLU D 145 -7.00 -24.99 -13.99
C GLU D 145 -8.39 -24.52 -14.45
N ILE D 146 -9.10 -23.85 -13.56
CA ILE D 146 -10.44 -23.34 -13.86
C ILE D 146 -10.44 -21.82 -13.91
N GLU D 147 -10.82 -21.26 -15.04
CA GLU D 147 -10.88 -19.80 -15.19
C GLU D 147 -12.26 -19.31 -14.84
N ILE D 148 -12.33 -18.18 -14.14
CA ILE D 148 -13.59 -17.60 -13.75
C ILE D 148 -13.72 -16.20 -14.30
N HIS D 149 -14.89 -15.89 -14.86
CA HIS D 149 -15.16 -14.58 -15.42
C HIS D 149 -16.65 -14.36 -15.42
N ILE D 150 -17.15 -13.73 -14.36
CA ILE D 150 -18.57 -13.48 -14.23
C ILE D 150 -18.87 -12.00 -14.02
N GLY D 151 -19.57 -11.40 -14.98
CA GLY D 151 -19.93 -10.00 -14.83
C GLY D 151 -19.53 -9.12 -16.00
N ASP D 152 -18.59 -9.60 -16.81
CA ASP D 152 -18.13 -8.83 -17.96
C ASP D 152 -19.05 -9.05 -19.16
N LYS D 153 -19.84 -10.10 -19.10
CA LYS D 153 -20.76 -10.43 -20.17
C LYS D 153 -22.18 -9.98 -19.79
N PRO D 154 -22.91 -9.39 -20.73
CA PRO D 154 -24.28 -8.91 -20.51
C PRO D 154 -25.25 -9.98 -20.01
N GLU D 155 -24.98 -11.24 -20.32
CA GLU D 155 -25.84 -12.32 -19.88
C GLU D 155 -25.37 -12.82 -18.51
N ASP D 156 -24.32 -12.18 -17.99
CA ASP D 156 -23.76 -12.53 -16.70
C ASP D 156 -24.30 -11.64 -15.59
N PRO D 157 -24.39 -12.18 -14.38
CA PRO D 157 -24.90 -11.34 -13.29
C PRO D 157 -23.67 -10.61 -12.74
N VAL D 158 -23.88 -9.54 -11.99
CA VAL D 158 -22.76 -8.85 -11.37
C VAL D 158 -22.88 -9.06 -9.87
N PHE D 159 -21.90 -8.58 -9.11
CA PHE D 159 -21.96 -8.74 -7.67
C PHE D 159 -22.00 -7.39 -7.01
N THR D 160 -22.20 -7.38 -5.70
CA THR D 160 -22.30 -6.12 -4.97
C THR D 160 -22.11 -6.23 -3.48
N ILE D 161 -21.59 -5.14 -2.92
CA ILE D 161 -21.37 -5.01 -1.48
C ILE D 161 -22.28 -3.83 -1.18
N PRO D 162 -23.58 -4.09 -0.92
CA PRO D 162 -24.56 -3.06 -0.61
C PRO D 162 -24.27 -2.25 0.64
N ASP D 163 -24.34 -0.92 0.50
CA ASP D 163 -24.10 -0.04 1.62
C ASP D 163 -25.35 -0.07 2.49
N LEU D 164 -25.27 0.54 3.66
CA LEU D 164 -26.40 0.60 4.56
C LEU D 164 -27.22 1.82 4.19
N LEU D 165 -28.54 1.70 4.16
CA LEU D 165 -29.34 2.86 3.82
C LEU D 165 -29.07 3.98 4.81
N PRO D 166 -29.04 5.23 4.34
CA PRO D 166 -28.79 6.37 5.21
C PRO D 166 -29.81 6.61 6.31
N HIS D 167 -30.97 5.97 6.21
CA HIS D 167 -32.04 6.12 7.20
C HIS D 167 -31.75 5.45 8.53
N LEU D 168 -30.92 4.41 8.52
CA LEU D 168 -30.59 3.71 9.75
C LEU D 168 -29.11 3.81 10.04
N ASP D 169 -28.40 4.63 9.28
CA ASP D 169 -26.97 4.80 9.49
C ASP D 169 -26.81 6.01 10.40
N LYS D 170 -27.41 5.94 11.59
CA LYS D 170 -27.38 7.03 12.54
C LYS D 170 -26.08 7.05 13.35
N GLU D 171 -24.98 7.38 12.70
CA GLU D 171 -23.69 7.44 13.37
C GLU D 171 -22.58 7.74 12.37
N ASP D 172 -21.97 8.92 12.50
CA ASP D 172 -20.88 9.29 11.58
C ASP D 172 -19.53 9.41 12.30
N ALA D 173 -18.67 8.44 12.05
CA ALA D 173 -17.34 8.44 12.64
C ALA D 173 -16.38 8.98 11.58
N LYS D 174 -15.10 9.06 11.92
CA LYS D 174 -14.13 9.54 10.95
C LYS D 174 -14.10 8.53 9.82
N ILE D 175 -13.82 8.99 8.61
CA ILE D 175 -13.75 8.11 7.46
C ILE D 175 -12.89 6.90 7.80
N SER D 176 -11.98 7.06 8.76
CA SER D 176 -11.10 5.98 9.20
C SER D 176 -11.95 4.81 9.72
N GLU D 177 -12.67 5.02 10.82
CA GLU D 177 -13.56 4.01 11.38
C GLU D 177 -14.72 4.04 10.38
N LYS D 178 -15.71 3.17 10.53
CA LYS D 178 -16.80 3.14 9.55
C LYS D 178 -16.15 2.74 8.26
N PHE D 179 -16.63 1.67 7.65
CA PHE D 179 -16.04 1.16 6.41
C PHE D 179 -14.86 0.36 6.93
N LYS D 180 -15.13 -0.90 7.25
CA LYS D 180 -14.12 -1.81 7.75
C LYS D 180 -13.83 -2.81 6.66
N GLY D 181 -12.55 -3.15 6.51
CA GLY D 181 -12.15 -4.10 5.47
C GLY D 181 -12.92 -5.40 5.51
N GLU D 182 -13.29 -5.82 6.72
CA GLU D 182 -14.02 -7.08 6.91
C GLU D 182 -15.43 -7.09 6.33
N ASN D 183 -16.09 -5.94 6.33
CA ASN D 183 -17.45 -5.89 5.81
C ASN D 183 -17.54 -5.76 4.30
N LEU D 184 -16.42 -5.86 3.62
CA LEU D 184 -16.44 -5.78 2.17
C LEU D 184 -16.72 -7.19 1.64
N LEU D 186 -19.19 -9.57 -0.95
CA LEU D 186 -20.12 -9.58 -2.06
C LEU D 186 -21.26 -10.53 -1.75
N ILE D 187 -22.50 -10.12 -2.03
CA ILE D 187 -23.63 -11.00 -1.81
C ILE D 187 -23.50 -12.07 -2.89
N ALA D 188 -23.60 -13.34 -2.50
CA ALA D 188 -23.46 -14.41 -3.46
C ALA D 188 -24.70 -15.27 -3.73
N GLY D 189 -25.68 -15.28 -2.82
CA GLY D 189 -26.84 -16.13 -3.03
C GLY D 189 -28.27 -15.75 -2.70
N THR D 190 -28.64 -15.80 -1.43
CA THR D 190 -30.00 -15.50 -0.93
C THR D 190 -31.08 -16.57 -1.20
N ILE D 191 -30.92 -17.39 -2.25
CA ILE D 191 -31.92 -18.44 -2.52
C ILE D 191 -31.58 -19.73 -1.80
N PRO D 192 -32.41 -20.15 -0.83
CA PRO D 192 -32.16 -21.38 -0.08
C PRO D 192 -32.42 -22.62 -0.91
N LEU D 193 -31.57 -23.63 -0.77
CA LEU D 193 -31.70 -24.89 -1.48
C LEU D 193 -32.64 -25.80 -0.68
N SER D 194 -33.84 -26.02 -1.22
CA SER D 194 -34.85 -26.85 -0.56
C SER D 194 -34.35 -28.19 -0.06
N GLY D 195 -34.58 -28.47 1.22
CA GLY D 195 -34.14 -29.74 1.79
C GLY D 195 -32.98 -29.66 2.76
N GLU D 196 -32.13 -28.63 2.59
CA GLU D 196 -30.97 -28.43 3.47
C GLU D 196 -31.38 -27.78 4.79
N GLU D 197 -30.97 -28.35 5.91
CA GLU D 197 -31.33 -27.79 7.20
C GLU D 197 -30.21 -26.93 7.79
N LYS D 198 -29.02 -27.01 7.19
CA LYS D 198 -27.87 -26.22 7.67
C LYS D 198 -27.30 -25.39 6.54
N GLU D 199 -27.44 -24.07 6.65
CA GLU D 199 -26.93 -23.13 5.64
C GLU D 199 -27.40 -23.55 4.24
N ALA D 200 -28.71 -23.48 4.03
CA ALA D 200 -29.32 -23.85 2.76
C ALA D 200 -28.88 -22.97 1.60
N VAL D 201 -28.72 -21.68 1.87
CA VAL D 201 -28.32 -20.74 0.83
C VAL D 201 -26.86 -20.93 0.42
N LYS D 202 -25.98 -21.15 1.39
CA LYS D 202 -24.58 -21.36 1.03
C LYS D 202 -24.49 -22.65 0.22
N THR D 203 -25.08 -23.72 0.74
CA THR D 203 -25.06 -25.01 0.06
C THR D 203 -25.48 -24.87 -1.39
N ASN D 204 -26.59 -24.17 -1.60
CA ASN D 204 -27.12 -23.94 -2.93
C ASN D 204 -26.09 -23.25 -3.85
N VAL D 205 -25.34 -22.30 -3.31
CA VAL D 205 -24.34 -21.61 -4.10
C VAL D 205 -23.22 -22.58 -4.50
N LEU D 206 -22.83 -23.46 -3.58
CA LEU D 206 -21.80 -24.44 -3.86
C LEU D 206 -22.32 -25.41 -4.92
N LYS D 207 -23.61 -25.72 -4.83
CA LYS D 207 -24.25 -26.60 -5.79
C LYS D 207 -24.17 -26.00 -7.20
N ILE D 208 -24.41 -24.69 -7.29
CA ILE D 208 -24.35 -24.00 -8.59
C ILE D 208 -22.91 -23.99 -9.10
N LEU D 209 -21.96 -23.70 -8.22
CA LEU D 209 -20.55 -23.65 -8.60
C LEU D 209 -20.03 -25.00 -9.06
N ASN D 210 -20.50 -26.06 -8.42
CA ASN D 210 -20.10 -27.41 -8.76
C ASN D 210 -20.69 -27.86 -10.10
N GLU D 211 -21.95 -27.52 -10.32
CA GLU D 211 -22.61 -27.87 -11.58
C GLU D 211 -22.08 -27.01 -12.70
N TYR D 213 -18.78 -25.34 -12.66
CA TYR D 213 -17.34 -25.42 -12.90
C TYR D 213 -16.74 -26.72 -12.41
N GLY D 214 -17.58 -27.57 -11.82
CA GLY D 214 -17.09 -28.83 -11.30
C GLY D 214 -16.18 -28.59 -10.13
N ILE D 215 -16.26 -27.40 -9.54
CA ILE D 215 -15.43 -27.06 -8.39
C ILE D 215 -16.11 -27.35 -7.08
N THR D 216 -15.30 -27.45 -6.04
CA THR D 216 -15.77 -27.69 -4.70
C THR D 216 -15.20 -26.56 -3.82
N GLU D 217 -15.77 -26.36 -2.64
CA GLU D 217 -15.33 -25.28 -1.78
C GLU D 217 -13.83 -25.21 -1.50
N GLU D 218 -13.21 -26.36 -1.23
CA GLU D 218 -11.78 -26.35 -0.92
C GLU D 218 -10.91 -25.84 -2.08
N ASP D 219 -11.52 -25.68 -3.25
CA ASP D 219 -10.78 -25.21 -4.42
C ASP D 219 -10.51 -23.70 -4.42
N PHE D 220 -11.17 -22.97 -3.51
CA PHE D 220 -10.94 -21.53 -3.44
C PHE D 220 -9.56 -21.29 -2.83
N VAL D 221 -9.18 -22.15 -1.89
CA VAL D 221 -7.89 -22.04 -1.23
C VAL D 221 -6.79 -22.06 -2.28
N SER D 222 -6.84 -23.02 -3.19
CA SER D 222 -5.84 -23.10 -4.24
C SER D 222 -6.33 -22.33 -5.45
N GLY D 223 -6.54 -21.03 -5.26
CA GLY D 223 -7.03 -20.21 -6.35
C GLY D 223 -7.02 -18.74 -5.98
N GLU D 224 -7.04 -17.87 -6.98
CA GLU D 224 -7.05 -16.44 -6.71
C GLU D 224 -8.16 -15.81 -7.55
N ILE D 225 -9.02 -15.04 -6.91
CA ILE D 225 -10.12 -14.37 -7.59
C ILE D 225 -10.12 -12.92 -7.17
N GLU D 226 -10.18 -12.03 -8.15
CA GLU D 226 -10.17 -10.59 -7.89
C GLU D 226 -11.52 -9.94 -8.17
N VAL D 227 -11.90 -8.98 -7.34
CA VAL D 227 -13.17 -8.29 -7.53
C VAL D 227 -12.85 -6.91 -8.09
N VAL D 228 -13.46 -6.59 -9.21
CA VAL D 228 -13.23 -5.30 -9.84
C VAL D 228 -14.52 -4.65 -10.29
N PRO D 229 -14.46 -3.35 -10.64
CA PRO D 229 -15.61 -2.58 -11.09
C PRO D 229 -16.12 -3.03 -12.45
N ALA D 230 -17.44 -3.18 -12.57
CA ALA D 230 -18.04 -3.61 -13.83
C ALA D 230 -18.14 -2.46 -14.83
N PHE D 231 -17.74 -1.26 -14.42
CA PHE D 231 -17.79 -0.10 -15.31
C PHE D 231 -16.90 -0.39 -16.50
N SER D 232 -17.41 -0.10 -17.70
CA SER D 232 -16.64 -0.30 -18.92
C SER D 232 -16.06 1.08 -19.30
N PRO D 233 -14.91 1.09 -19.97
CA PRO D 233 -14.32 2.38 -20.36
C PRO D 233 -15.33 3.19 -21.17
N ARG D 234 -15.38 4.50 -20.91
CA ARG D 234 -16.29 5.39 -21.60
C ARG D 234 -15.66 6.74 -21.81
N GLU D 235 -16.11 7.46 -22.85
CA GLU D 235 -15.60 8.79 -23.11
C GLU D 235 -16.24 9.63 -22.01
N VAL D 236 -15.57 10.70 -21.59
CA VAL D 236 -16.10 11.55 -20.53
C VAL D 236 -16.10 13.03 -20.91
N GLY D 237 -17.18 13.73 -20.55
CA GLY D 237 -17.27 15.15 -20.83
C GLY D 237 -18.02 15.56 -22.08
N ASP D 239 -17.17 17.74 -24.23
CA ASP D 239 -16.23 17.81 -25.34
C ASP D 239 -15.57 16.45 -25.61
N ARG D 240 -15.99 15.43 -24.87
CA ARG D 240 -15.48 14.09 -25.05
C ARG D 240 -13.95 14.03 -24.97
N SER D 241 -13.36 14.97 -24.25
CA SER D 241 -11.92 15.07 -24.09
C SER D 241 -11.25 14.07 -23.15
N LEU D 242 -12.02 13.50 -22.22
CA LEU D 242 -11.43 12.57 -21.25
C LEU D 242 -11.87 11.12 -21.38
N ILE D 243 -11.14 10.24 -20.71
CA ILE D 243 -11.44 8.82 -20.69
C ILE D 243 -11.66 8.39 -19.24
N GLY D 244 -12.74 7.64 -19.02
CA GLY D 244 -13.05 7.16 -17.68
C GLY D 244 -12.98 5.64 -17.72
N ALA D 245 -12.28 5.05 -16.76
CA ALA D 245 -12.15 3.60 -16.71
C ALA D 245 -11.37 3.17 -15.48
N TYR D 246 -11.57 1.92 -15.08
CA TYR D 246 -10.88 1.36 -13.93
C TYR D 246 -9.50 0.88 -14.33
N GLY D 247 -8.59 0.88 -13.36
CA GLY D 247 -7.23 0.38 -13.60
C GLY D 247 -6.33 1.18 -14.51
N GLN D 248 -6.66 2.44 -14.75
CA GLN D 248 -5.80 3.27 -15.58
C GLN D 248 -4.49 3.49 -14.85
N ASP D 249 -4.46 3.17 -13.56
CA ASP D 249 -3.24 3.32 -12.80
C ASP D 249 -2.24 2.38 -13.43
N ASP D 250 -1.49 2.97 -14.36
CA ASP D 250 -0.45 2.33 -15.12
C ASP D 250 -0.79 1.46 -16.30
N ARG D 251 -2.02 0.99 -16.41
CA ARG D 251 -2.31 0.20 -17.59
C ARG D 251 -2.29 1.20 -18.73
N ILE D 252 -2.51 2.48 -18.39
CA ILE D 252 -2.48 3.54 -19.38
C ILE D 252 -1.04 3.73 -19.84
N CYS D 253 -0.09 3.53 -18.94
CA CYS D 253 1.33 3.63 -19.26
C CYS D 253 1.78 2.35 -19.95
N ALA D 254 1.30 1.23 -19.43
CA ALA D 254 1.62 -0.07 -20.00
C ALA D 254 1.15 -0.06 -21.45
N TYR D 255 -0.09 0.34 -21.68
CA TYR D 255 -0.57 0.37 -23.05
C TYR D 255 0.26 1.29 -23.94
N THR D 256 0.48 2.53 -23.51
CA THR D 256 1.27 3.46 -24.32
C THR D 256 2.67 2.93 -24.57
N ALA D 257 3.31 2.45 -23.50
CA ALA D 257 4.67 1.91 -23.63
C ALA D 257 4.69 0.76 -24.65
N LEU D 258 3.72 -0.14 -24.53
CA LEU D 258 3.61 -1.28 -25.44
C LEU D 258 3.58 -0.76 -26.87
N ARG D 259 2.70 0.19 -27.13
CA ARG D 259 2.57 0.76 -28.46
C ARG D 259 3.85 1.45 -28.94
N ALA D 260 4.47 2.22 -28.06
CA ALA D 260 5.69 2.89 -28.43
C ALA D 260 6.72 1.85 -28.85
N LEU D 261 6.78 0.75 -28.10
CA LEU D 261 7.72 -0.32 -28.40
C LEU D 261 7.50 -0.91 -29.79
N LEU D 262 6.24 -1.03 -30.18
CA LEU D 262 5.91 -1.62 -31.47
C LEU D 262 6.10 -0.74 -32.70
N SER D 263 6.20 0.57 -32.51
CA SER D 263 6.35 1.46 -33.66
C SER D 263 7.69 2.19 -33.69
N ALA D 264 8.48 2.04 -32.64
CA ALA D 264 9.75 2.69 -32.58
C ALA D 264 10.75 2.19 -33.63
N ASN D 265 11.71 3.05 -33.94
CA ASN D 265 12.79 2.73 -34.87
C ASN D 265 14.01 3.00 -34.00
N PRO D 266 14.40 2.01 -33.17
CA PRO D 266 15.54 2.12 -32.26
C PRO D 266 16.92 2.24 -32.90
N GLU D 267 17.92 2.59 -32.07
CA GLU D 267 19.30 2.72 -32.50
C GLU D 267 20.07 1.72 -31.65
N LYS D 268 19.64 1.59 -30.39
CA LYS D 268 20.24 0.66 -29.44
C LYS D 268 19.07 -0.19 -28.94
N SER D 269 19.36 -1.31 -28.29
CA SER D 269 18.32 -2.20 -27.78
C SER D 269 17.28 -1.47 -26.95
N ILE D 270 16.03 -1.91 -27.02
CA ILE D 270 14.96 -1.30 -26.24
C ILE D 270 14.00 -2.36 -25.70
N GLY D 271 13.05 -1.94 -24.87
CA GLY D 271 12.10 -2.89 -24.34
C GLY D 271 11.22 -2.35 -23.24
N VAL D 272 10.16 -3.09 -22.93
CA VAL D 272 9.26 -2.70 -21.88
C VAL D 272 9.08 -3.86 -20.92
N ILE D 273 8.94 -3.56 -19.63
CA ILE D 273 8.76 -4.59 -18.65
C ILE D 273 7.58 -4.23 -17.75
N PHE D 274 6.55 -5.04 -17.78
CA PHE D 274 5.35 -4.79 -17.00
C PHE D 274 5.37 -5.65 -15.76
N PHE D 275 5.49 -5.00 -14.60
CA PHE D 275 5.55 -5.70 -13.31
C PHE D 275 4.23 -5.79 -12.57
N ASP D 276 4.19 -6.72 -11.61
CA ASP D 276 3.02 -6.95 -10.77
C ASP D 276 3.42 -6.57 -9.34
N LYS D 277 2.48 -6.67 -8.39
CA LYS D 277 2.72 -6.38 -6.98
C LYS D 277 3.20 -4.98 -6.60
N GLU D 278 3.30 -4.06 -7.55
CA GLU D 278 3.77 -2.73 -7.21
C GLU D 278 2.90 -2.03 -6.18
N GLU D 279 1.60 -2.27 -6.25
CA GLU D 279 0.64 -1.65 -5.34
C GLU D 279 0.79 -2.03 -3.88
N ILE D 280 1.56 -3.07 -3.59
CA ILE D 280 1.75 -3.48 -2.21
C ILE D 280 3.22 -3.49 -1.77
N GLY D 281 4.07 -2.81 -2.53
CA GLY D 281 5.48 -2.75 -2.17
C GLY D 281 6.44 -3.40 -3.16
N SER D 282 5.90 -4.09 -4.16
CA SER D 282 6.71 -4.76 -5.18
C SER D 282 7.43 -5.98 -4.64
N ASP D 283 6.81 -6.67 -3.70
CA ASP D 283 7.38 -7.87 -3.12
C ASP D 283 6.88 -9.07 -3.94
N GLY D 284 7.47 -10.24 -3.69
CA GLY D 284 7.06 -11.40 -4.45
C GLY D 284 7.96 -11.56 -5.66
N ASN D 285 7.84 -12.69 -6.35
CA ASN D 285 8.67 -12.97 -7.52
C ASN D 285 8.16 -12.45 -8.87
N THR D 286 7.14 -11.59 -8.87
CA THR D 286 6.63 -11.07 -10.13
C THR D 286 6.65 -9.55 -10.14
N GLY D 287 7.15 -8.96 -9.06
CA GLY D 287 7.20 -7.51 -9.01
C GLY D 287 8.61 -7.01 -9.27
N ALA D 288 8.77 -5.70 -9.37
CA ALA D 288 10.09 -5.12 -9.57
C ALA D 288 10.84 -5.57 -8.34
N LYS D 289 12.16 -5.63 -8.42
CA LYS D 289 13.01 -6.08 -7.31
C LYS D 289 13.19 -7.61 -7.28
N ALA D 290 12.44 -8.32 -8.12
CA ALA D 290 12.56 -9.76 -8.21
C ALA D 290 13.66 -10.09 -9.23
N ARG D 291 14.36 -11.18 -8.97
CA ARG D 291 15.44 -11.63 -9.83
C ARG D 291 15.04 -11.66 -11.32
N PHE D 292 13.76 -11.86 -11.58
CA PHE D 292 13.21 -11.92 -12.94
C PHE D 292 13.84 -10.94 -13.94
N TYR D 293 13.77 -9.65 -13.63
CA TYR D 293 14.33 -8.62 -14.49
C TYR D 293 15.78 -8.91 -14.94
N LEU D 294 16.72 -8.98 -14.00
CA LEU D 294 18.11 -9.23 -14.35
C LEU D 294 18.36 -10.61 -14.93
N LYS D 295 17.40 -11.52 -14.74
CA LYS D 295 17.51 -12.88 -15.28
C LYS D 295 17.25 -12.84 -16.78
N ALA D 296 16.24 -12.07 -17.18
CA ALA D 296 15.92 -11.94 -18.60
C ALA D 296 17.12 -11.35 -19.30
N LEU D 297 17.72 -10.34 -18.69
CA LEU D 297 18.88 -9.68 -19.26
C LEU D 297 20.10 -10.59 -19.28
N ARG D 298 20.26 -11.44 -18.27
CA ARG D 298 21.40 -12.33 -18.23
C ARG D 298 21.27 -13.41 -19.31
N GLN D 299 20.03 -13.82 -19.56
CA GLN D 299 19.75 -14.83 -20.56
C GLN D 299 20.27 -14.32 -21.89
N ILE D 300 19.94 -13.07 -22.21
CA ILE D 300 20.36 -12.44 -23.45
C ILE D 300 21.88 -12.36 -23.53
N LEU D 301 22.51 -11.90 -22.45
CA LEU D 301 23.96 -11.79 -22.44
C LEU D 301 24.66 -13.07 -22.81
N LYS D 302 24.11 -14.21 -22.40
CA LYS D 302 24.74 -15.49 -22.73
C LYS D 302 24.60 -15.82 -24.21
N GLN D 304 24.56 -13.83 -26.36
CA GLN D 304 25.45 -12.89 -27.05
C GLN D 304 26.92 -13.19 -26.80
N GLY D 305 27.19 -14.28 -26.08
CA GLY D 305 28.57 -14.67 -25.81
C GLY D 305 29.18 -14.22 -24.50
N ALA D 306 28.40 -13.59 -23.63
CA ALA D 306 28.95 -13.12 -22.35
C ALA D 306 29.51 -14.30 -21.58
N LYS D 307 30.74 -14.16 -21.11
CA LYS D 307 31.41 -15.21 -20.35
C LYS D 307 31.07 -15.07 -18.87
N ASP D 308 31.11 -13.84 -18.36
CA ASP D 308 30.83 -13.57 -16.96
C ASP D 308 29.58 -12.68 -16.78
N SER D 309 28.40 -13.29 -16.88
CA SER D 309 27.13 -12.58 -16.74
C SER D 309 27.17 -11.31 -15.91
N GLU D 310 27.34 -11.46 -14.59
CA GLU D 310 27.37 -10.33 -13.67
C GLU D 310 28.31 -9.19 -14.03
N PHE D 311 29.51 -9.51 -14.49
CA PHE D 311 30.46 -8.47 -14.84
C PHE D 311 29.98 -7.70 -16.05
N VAL D 312 29.57 -8.42 -17.09
CA VAL D 312 29.07 -7.79 -18.30
C VAL D 312 27.82 -6.95 -18.00
N LEU D 313 26.97 -7.47 -17.12
CA LEU D 313 25.74 -6.79 -16.75
C LEU D 313 26.05 -5.43 -16.16
N ASP D 314 27.22 -5.33 -15.51
CA ASP D 314 27.60 -4.06 -14.90
C ASP D 314 27.62 -2.95 -15.93
N GLU D 315 28.08 -3.26 -17.14
CA GLU D 315 28.12 -2.24 -18.19
C GLU D 315 26.73 -2.06 -18.76
N VAL D 316 26.03 -3.16 -18.98
CA VAL D 316 24.68 -3.11 -19.52
C VAL D 316 23.83 -2.15 -18.69
N LEU D 317 23.90 -2.30 -17.38
CA LEU D 317 23.14 -1.46 -16.48
C LEU D 317 23.78 -0.09 -16.31
N GLU D 318 25.10 -0.01 -16.47
CA GLU D 318 25.80 1.27 -16.36
C GLU D 318 25.20 2.13 -17.46
N ASN D 319 25.12 1.57 -18.66
CA ASN D 319 24.50 2.28 -19.76
C ASN D 319 23.06 1.90 -19.49
N THR D 320 22.16 2.06 -20.46
CA THR D 320 20.74 1.72 -20.21
C THR D 320 20.06 2.81 -19.37
N SER D 321 19.05 3.41 -19.98
CA SER D 321 18.28 4.48 -19.37
C SER D 321 16.90 3.89 -19.14
N VAL D 322 16.37 4.09 -17.95
CA VAL D 322 15.06 3.54 -17.63
C VAL D 322 14.06 4.65 -17.39
N ILE D 323 12.92 4.54 -18.04
CA ILE D 323 11.85 5.50 -17.85
C ILE D 323 10.82 4.79 -17.00
N SER D 324 10.68 5.22 -15.75
CA SER D 324 9.71 4.61 -14.86
C SER D 324 8.38 5.23 -15.28
N GLY D 325 7.58 4.45 -16.00
CA GLY D 325 6.32 4.97 -16.48
C GLY D 325 5.16 4.68 -15.56
N ASP D 326 4.83 5.66 -14.72
CA ASP D 326 3.72 5.53 -13.79
C ASP D 326 2.94 6.84 -13.84
N VAL D 327 1.78 6.87 -13.20
CA VAL D 327 0.94 8.07 -13.21
C VAL D 327 1.12 9.02 -12.04
N CYS D 328 0.62 10.24 -12.21
CA CYS D 328 0.67 11.25 -11.16
C CYS D 328 -0.73 11.84 -10.97
N ALA D 329 -0.84 12.92 -10.21
CA ALA D 329 -2.15 13.52 -9.97
C ALA D 329 -2.33 14.87 -10.64
N ALA D 330 -3.43 15.03 -11.34
CA ALA D 330 -3.76 16.27 -12.02
C ALA D 330 -4.51 17.17 -11.05
N VAL D 331 -4.34 18.48 -11.15
CA VAL D 331 -5.03 19.38 -10.25
C VAL D 331 -6.54 19.21 -10.44
N ASN D 332 -7.20 18.79 -9.36
CA ASN D 332 -8.64 18.56 -9.29
C ASN D 332 -9.21 19.82 -8.63
N PRO D 333 -9.80 20.74 -9.42
CA PRO D 333 -10.37 21.99 -8.93
C PRO D 333 -10.94 22.05 -7.52
N PRO D 334 -12.00 21.28 -7.22
CA PRO D 334 -12.53 21.35 -5.84
C PRO D 334 -11.49 21.05 -4.76
N TYR D 335 -10.35 20.47 -5.14
CA TYR D 335 -9.31 20.15 -4.18
C TYR D 335 -7.94 20.69 -4.62
N LYS D 336 -7.95 21.79 -5.36
CA LYS D 336 -6.70 22.39 -5.84
C LYS D 336 -5.71 22.68 -4.71
N ASP D 337 -6.23 22.89 -3.49
CA ASP D 337 -5.39 23.23 -2.34
C ASP D 337 -4.33 22.21 -1.95
N VAL D 338 -4.45 20.99 -2.44
CA VAL D 338 -3.51 19.92 -2.11
C VAL D 338 -2.23 19.98 -2.97
N HIS D 339 -2.27 20.80 -4.02
CA HIS D 339 -1.15 20.93 -4.94
C HIS D 339 -0.43 22.26 -4.93
N ASP D 340 0.76 22.26 -5.50
CA ASP D 340 1.57 23.46 -5.65
C ASP D 340 1.41 23.79 -7.14
N LEU D 341 0.36 24.55 -7.45
CA LEU D 341 0.05 24.91 -8.83
C LEU D 341 1.20 25.20 -9.80
N HIS D 342 2.32 25.69 -9.28
CA HIS D 342 3.47 25.99 -10.15
C HIS D 342 4.21 24.68 -10.50
N ASN D 343 3.80 23.58 -9.87
CA ASN D 343 4.43 22.28 -10.08
C ASN D 343 3.42 21.12 -10.11
N ALA D 344 2.18 21.42 -10.48
CA ALA D 344 1.13 20.40 -10.56
C ALA D 344 0.67 20.29 -12.02
N PRO D 345 0.59 19.07 -12.54
CA PRO D 345 0.16 18.84 -13.93
C PRO D 345 -1.32 19.14 -14.17
N LYS D 346 -1.67 19.48 -15.40
CA LYS D 346 -3.06 19.78 -15.74
C LYS D 346 -3.50 18.92 -16.92
N LEU D 347 -4.70 18.38 -16.83
CA LEU D 347 -5.23 17.54 -17.89
C LEU D 347 -5.15 18.23 -19.26
N GLY D 348 -4.45 17.58 -20.19
CA GLY D 348 -4.33 18.13 -21.53
C GLY D 348 -3.04 18.82 -21.87
N TYR D 349 -2.22 19.12 -20.87
CA TYR D 349 -0.97 19.80 -21.12
C TYR D 349 0.26 18.91 -21.32
N GLY D 350 0.02 17.64 -21.61
CA GLY D 350 1.11 16.71 -21.89
C GLY D 350 1.60 15.76 -20.81
N VAL D 351 2.53 14.89 -21.21
CA VAL D 351 3.15 13.93 -20.30
C VAL D 351 3.81 14.71 -19.19
N ALA D 352 3.80 14.13 -18.00
CA ALA D 352 4.40 14.79 -16.86
C ALA D 352 5.78 14.18 -16.62
N LEU D 353 6.75 15.05 -16.36
CA LEU D 353 8.11 14.63 -16.07
C LEU D 353 8.18 14.76 -14.56
N VAL D 354 8.21 13.63 -13.86
CA VAL D 354 8.25 13.66 -12.42
C VAL D 354 9.62 13.33 -11.85
N LYS D 355 10.34 14.37 -11.44
CA LYS D 355 11.64 14.22 -10.83
C LYS D 355 11.26 14.00 -9.38
N TYR D 356 11.67 12.88 -8.79
CA TYR D 356 11.37 12.57 -7.39
C TYR D 356 9.88 12.57 -6.95
N THR D 357 9.57 11.66 -6.02
CA THR D 357 8.25 11.51 -5.43
C THR D 357 8.49 11.34 -3.92
N GLY D 358 8.16 10.19 -3.36
CA GLY D 358 8.41 9.96 -1.95
C GLY D 358 7.53 10.75 -0.98
N ALA D 359 8.05 10.98 0.22
CA ALA D 359 7.29 11.70 1.23
C ALA D 359 8.17 12.40 2.27
N ARG D 360 7.59 13.37 2.96
CA ARG D 360 8.29 14.10 4.00
C ARG D 360 9.72 14.52 3.68
N GLY D 361 9.94 15.18 2.55
CA GLY D 361 11.29 15.60 2.23
C GLY D 361 12.09 14.60 1.42
N LYS D 362 11.43 14.04 0.40
CA LYS D 362 12.03 13.08 -0.52
C LYS D 362 12.50 11.79 0.14
N TYR D 363 11.75 11.31 1.12
CA TYR D 363 12.13 10.07 1.79
C TYR D 363 11.77 8.88 0.94
N SER D 364 12.70 7.92 0.88
CA SER D 364 12.54 6.67 0.14
C SER D 364 11.98 6.79 -1.27
N THR D 365 12.46 7.77 -2.02
CA THR D 365 12.00 7.98 -3.38
C THR D 365 13.20 8.18 -4.28
N ASN D 366 13.06 7.82 -5.54
CA ASN D 366 14.15 8.01 -6.47
C ASN D 366 14.07 9.43 -7.01
N ASP D 367 15.17 10.17 -6.88
CA ASP D 367 15.23 11.55 -7.39
C ASP D 367 16.15 11.51 -8.62
N ALA D 368 15.60 11.84 -9.79
CA ALA D 368 16.40 11.83 -11.01
C ALA D 368 17.50 12.91 -11.00
N HIS D 369 18.68 12.56 -11.52
CA HIS D 369 19.83 13.48 -11.57
C HIS D 369 19.67 14.55 -12.64
N ALA D 370 20.12 15.76 -12.33
CA ALA D 370 20.00 16.86 -13.28
C ALA D 370 20.56 16.49 -14.66
N GLU D 371 21.64 15.71 -14.70
CA GLU D 371 22.22 15.33 -15.99
C GLU D 371 21.24 14.49 -16.80
N PHE D 372 20.55 13.57 -16.12
CA PHE D 372 19.58 12.71 -16.78
C PHE D 372 18.36 13.51 -17.23
N VAL D 373 17.83 14.35 -16.34
CA VAL D 373 16.67 15.16 -16.67
C VAL D 373 17.00 15.99 -17.90
N ALA D 374 18.23 16.50 -17.95
CA ALA D 374 18.69 17.32 -19.06
C ALA D 374 18.63 16.52 -20.35
N ARG D 375 19.16 15.31 -20.32
CA ARG D 375 19.17 14.44 -21.49
C ARG D 375 17.76 14.10 -21.95
N VAL D 376 16.84 13.98 -21.00
CA VAL D 376 15.46 13.66 -21.30
C VAL D 376 14.76 14.90 -21.85
N ARG D 377 15.06 16.05 -21.25
CA ARG D 377 14.47 17.31 -21.68
C ARG D 377 14.87 17.64 -23.12
N LYS D 378 16.12 17.36 -23.48
CA LYS D 378 16.63 17.64 -24.81
C LYS D 378 15.95 16.82 -25.91
N VAL D 379 15.79 15.52 -25.68
CA VAL D 379 15.13 14.65 -26.67
C VAL D 379 13.68 15.08 -26.85
N LEU D 380 12.99 15.35 -25.75
CA LEU D 380 11.60 15.76 -25.82
C LEU D 380 11.46 17.06 -26.60
N ASN D 381 12.24 18.07 -26.25
CA ASN D 381 12.16 19.35 -26.93
C ASN D 381 12.51 19.28 -28.41
N GLU D 382 13.50 18.46 -28.76
CA GLU D 382 13.91 18.30 -30.16
C GLU D 382 12.85 17.58 -30.97
N GLN D 383 12.15 16.64 -30.33
CA GLN D 383 11.11 15.87 -31.00
C GLN D 383 9.79 16.61 -30.98
N GLY D 384 9.80 17.81 -30.42
CA GLY D 384 8.58 18.58 -30.33
C GLY D 384 7.56 17.92 -29.42
N VAL D 385 8.02 17.12 -28.46
CA VAL D 385 7.12 16.45 -27.52
C VAL D 385 6.55 17.46 -26.52
N ILE D 386 5.26 17.37 -26.23
CA ILE D 386 4.62 18.29 -25.29
C ILE D 386 4.51 17.70 -23.90
N TRP D 387 5.30 18.25 -22.98
CA TRP D 387 5.36 17.77 -21.60
C TRP D 387 5.24 18.88 -20.56
N GLN D 388 5.06 18.48 -19.30
CA GLN D 388 4.92 19.41 -18.20
C GLN D 388 5.54 18.85 -16.90
N VAL D 389 6.06 19.76 -16.07
CA VAL D 389 6.65 19.38 -14.80
C VAL D 389 5.54 18.86 -13.90
N ALA D 390 5.85 17.92 -13.01
CA ALA D 390 4.83 17.38 -12.11
C ALA D 390 5.34 16.99 -10.74
N THR D 391 4.71 17.56 -9.72
CA THR D 391 5.04 17.30 -8.32
C THR D 391 3.87 16.52 -7.71
N LEU D 392 4.15 15.74 -6.67
CA LEU D 392 3.07 14.97 -6.05
C LEU D 392 2.43 15.66 -4.84
N GLY D 393 1.93 16.87 -5.03
CA GLY D 393 1.28 17.61 -3.95
C GLY D 393 2.19 18.59 -3.21
N LYS D 394 1.61 19.48 -2.41
CA LYS D 394 2.42 20.45 -1.67
C LYS D 394 3.47 19.63 -0.91
N VAL D 395 4.54 20.29 -0.46
CA VAL D 395 5.62 19.59 0.22
C VAL D 395 5.27 18.41 1.14
N ASP D 396 4.43 18.62 2.16
CA ASP D 396 4.11 17.50 3.04
C ASP D 396 2.69 16.91 2.94
N GLN D 397 2.20 16.70 1.71
CA GLN D 397 0.87 16.12 1.50
C GLN D 397 0.92 14.59 1.58
N GLY D 398 2.05 13.97 1.22
CA GLY D 398 2.15 12.52 1.30
C GLY D 398 2.32 11.75 0.01
N GLY D 399 1.66 10.59 -0.05
CA GLY D 399 1.71 9.72 -1.22
C GLY D 399 3.11 9.30 -1.62
N GLY D 400 3.47 9.57 -2.87
CA GLY D 400 4.79 9.24 -3.38
C GLY D 400 5.20 7.79 -3.33
N GLY D 401 5.89 7.34 -4.38
CA GLY D 401 6.34 5.96 -4.42
C GLY D 401 6.02 5.23 -5.71
N THR D 402 7.05 4.89 -6.47
CA THR D 402 6.89 4.16 -7.71
C THR D 402 7.87 3.00 -7.68
N ILE D 403 8.26 2.51 -8.85
CA ILE D 403 9.19 1.40 -8.94
C ILE D 403 10.54 1.88 -9.45
N ALA D 404 10.58 3.16 -9.83
CA ALA D 404 11.80 3.76 -10.35
C ALA D 404 13.01 3.55 -9.45
N LYS D 405 12.82 3.62 -8.14
CA LYS D 405 13.93 3.44 -7.21
C LYS D 405 14.61 2.06 -7.31
N PHE D 406 13.83 1.03 -7.65
CA PHE D 406 14.37 -0.32 -7.77
C PHE D 406 15.23 -0.48 -8.99
N PHE D 407 15.23 0.52 -9.87
CA PHE D 407 16.05 0.41 -11.06
C PHE D 407 17.34 1.20 -10.92
N ALA D 408 17.27 2.34 -10.23
CA ALA D 408 18.47 3.12 -10.01
C ALA D 408 19.30 2.26 -9.06
N GLU D 409 18.61 1.44 -8.28
CA GLU D 409 19.24 0.55 -7.33
C GLU D 409 20.18 -0.41 -8.05
N ARG D 410 19.83 -0.75 -9.29
CA ARG D 410 20.65 -1.66 -10.08
C ARG D 410 21.65 -0.90 -10.97
N GLY D 411 21.84 0.39 -10.69
CA GLY D 411 22.81 1.16 -11.44
C GLY D 411 22.38 1.98 -12.65
N SER D 412 21.12 1.91 -13.05
CA SER D 412 20.66 2.67 -14.21
C SER D 412 20.05 4.03 -13.83
N ASP D 413 20.15 5.01 -14.71
CA ASP D 413 19.55 6.31 -14.41
C ASP D 413 18.08 6.21 -14.75
N VAL D 414 17.23 6.71 -13.86
CA VAL D 414 15.80 6.61 -14.05
C VAL D 414 15.09 7.92 -13.79
N ILE D 415 13.91 8.07 -14.37
CA ILE D 415 13.08 9.24 -14.16
C ILE D 415 11.63 8.81 -14.28
N ASP D 416 10.77 9.36 -13.43
CA ASP D 416 9.36 9.01 -13.48
C ASP D 416 8.69 9.84 -14.58
N GLY D 418 4.80 10.09 -17.00
CA GLY D 418 3.49 9.59 -17.38
C GLY D 418 2.40 10.65 -17.35
N PRO D 419 1.15 10.28 -17.69
CA PRO D 419 0.01 11.20 -17.69
C PRO D 419 -0.55 11.46 -16.29
N ALA D 420 -1.29 12.56 -16.16
CA ALA D 420 -1.89 12.91 -14.87
C ALA D 420 -3.32 12.36 -14.80
N LEU D 421 -3.70 11.82 -13.65
CA LEU D 421 -5.04 11.28 -13.49
C LEU D 421 -5.85 12.06 -12.48
N LEU D 422 -7.14 11.74 -12.46
CA LEU D 422 -8.06 12.36 -11.54
C LEU D 422 -8.78 11.20 -10.84
N GLY D 423 -8.83 11.22 -9.52
CA GLY D 423 -9.50 10.15 -8.81
C GLY D 423 -8.77 8.82 -8.86
N HIS D 425 -6.89 5.46 -8.14
CA HIS D 425 -7.25 4.40 -7.20
C HIS D 425 -8.73 4.21 -7.00
N SER D 426 -9.54 5.03 -7.64
CA SER D 426 -10.98 4.85 -7.52
C SER D 426 -11.41 3.86 -8.61
N PRO D 427 -12.67 3.42 -8.57
CA PRO D 427 -13.18 2.47 -9.58
C PRO D 427 -13.31 3.07 -10.98
N PHE D 428 -13.25 4.39 -11.08
CA PHE D 428 -13.40 5.08 -12.36
C PHE D 428 -12.42 6.23 -12.47
N GLU D 429 -11.17 5.91 -12.78
CA GLU D 429 -10.14 6.93 -12.90
C GLU D 429 -10.29 7.71 -14.20
N ILE D 430 -10.06 9.02 -14.14
CA ILE D 430 -10.18 9.89 -15.30
C ILE D 430 -8.81 10.24 -15.87
N SER D 431 -8.72 10.36 -17.19
CA SER D 431 -7.48 10.73 -17.85
C SER D 431 -7.82 11.47 -19.14
N SER D 432 -6.87 12.26 -19.63
CA SER D 432 -7.07 13.02 -20.87
C SER D 432 -6.65 12.24 -22.12
N LYS D 433 -7.52 12.22 -23.13
CA LYS D 433 -7.23 11.51 -24.39
C LYS D 433 -5.93 12.03 -24.99
N ALA D 434 -5.77 13.35 -24.97
CA ALA D 434 -4.60 14.00 -25.53
C ALA D 434 -3.32 13.58 -24.79
N ASP D 435 -3.35 13.62 -23.46
CA ASP D 435 -2.18 13.22 -22.69
C ASP D 435 -1.87 11.74 -22.95
N LEU D 436 -2.92 10.94 -23.04
CA LEU D 436 -2.75 9.51 -23.31
C LEU D 436 -1.95 9.33 -24.61
N PHE D 437 -2.27 10.16 -25.60
CA PHE D 437 -1.61 10.13 -26.90
C PHE D 437 -0.17 10.63 -26.83
N GLU D 438 0.05 11.73 -26.12
CA GLU D 438 1.39 12.30 -26.02
C GLU D 438 2.38 11.46 -25.21
N THR D 439 1.88 10.65 -24.28
CA THR D 439 2.74 9.80 -23.46
C THR D 439 3.32 8.77 -24.42
N TYR D 440 2.46 8.24 -25.27
CA TYR D 440 2.87 7.28 -26.26
C TYR D 440 3.97 7.93 -27.10
N VAL D 441 3.69 9.11 -27.61
CA VAL D 441 4.67 9.83 -28.42
C VAL D 441 5.99 9.94 -27.65
N ALA D 442 5.93 10.51 -26.45
CA ALA D 442 7.11 10.70 -25.61
C ALA D 442 7.92 9.43 -25.40
N TYR D 443 7.26 8.37 -24.95
CA TYR D 443 7.98 7.12 -24.73
C TYR D 443 8.70 6.68 -26.00
N ARG D 444 8.02 6.80 -27.14
CA ARG D 444 8.63 6.39 -28.40
C ARG D 444 9.86 7.23 -28.75
N SER D 445 9.74 8.54 -28.58
CA SER D 445 10.85 9.46 -28.85
C SER D 445 12.05 9.14 -27.99
N LEU D 446 11.82 8.86 -26.72
CA LEU D 446 12.91 8.53 -25.80
C LEU D 446 13.52 7.17 -26.14
N GLU D 448 13.80 5.84 -28.88
CA GLU D 448 14.55 6.01 -30.11
C GLU D 448 15.80 6.86 -30.03
N LYS D 449 15.64 8.14 -29.66
CA LYS D 449 16.75 9.08 -29.61
C LYS D 449 17.46 9.27 -28.26
N LEU D 450 17.22 8.41 -27.29
CA LEU D 450 17.88 8.60 -26.00
C LEU D 450 19.21 7.86 -25.90
#